data_6DW4
#
_entry.id   6DW4
#
_cell.length_a   80.324
_cell.length_b   142.272
_cell.length_c   98.438
_cell.angle_alpha   90.00
_cell.angle_beta   114.08
_cell.angle_gamma   90.00
#
_symmetry.space_group_name_H-M   'P 1 21 1'
#
loop_
_entity.id
_entity.type
_entity.pdbx_description
1 polymer 'Deoxynucleoside triphosphate triphosphohydrolase SAMHD1'
2 non-polymer "2'-deoxy-2-methyladenosine 5'-(tetrahydrogen triphosphate)"
3 non-polymer "GUANOSINE-5'-TRIPHOSPHATE"
4 non-polymer 'MAGNESIUM ION'
5 non-polymer 'SODIUM ION'
6 water water
#
_entity_poly.entity_id   1
_entity_poly.type   'polypeptide(L)'
_entity_poly.pdbx_seq_one_letter_code
;MGSSHHHHHHSSGLVPRGSHMASMTGGQQMGRDPNSDTMKVINDPIHGHIELHPLLVRIIDTPQFQRLRYIKQLGGGYYV
FPGASHNRFEHSLGVGYLAGCLVHALGEKQPELQISERDVLCVQIAGLCRNLGHGPFSHMFDGRFIPLARPEVKWTHEQG
SVMMFEHLINSNGIKPVMEQYGLIPEEDICFIKEQIVGPLESPVEDSLWPYKGRPENKSFLYEIVSNKRNGIDVDKWDYF
ARDCHHLGIQNNFDYKRFIKFARVCEVDNELRICARDKEVGNLYDMFHTRNSLHRRAYQHKVGNIIDTMITDAFLKADDY
IEITGAGGKKYRISTAIDDMEAYTKLTDNIFLEILYSTDPKLKDAREILKQIEYRNLFKYVGETQPTGQIKIKREDYESL
PKEVASAKPKVLLDVKLKAEDFIVDVINMDYGMQEKNPIDHVSFYCKTAPNRAIRITKNQVSQLLPEKFAEQLIRVYCKK
VDRKSLYAARQYFVQWCADRNFTKPQDGDVIAPLITPQKKEWNDSTSVQNPTRLREASKSRVQLFKDDPM
;
_entity_poly.pdbx_strand_id   D,C,B,A
#
loop_
_chem_comp.id
_chem_comp.type
_chem_comp.name
_chem_comp.formula
GTP non-polymer GUANOSINE-5'-TRIPHOSPHATE 'C10 H16 N5 O14 P3'
HF7 non-polymer '2'-deoxy-2-methyladenosine 5'-(tetrahydrogen triphosphate)' 'C11 H18 N5 O12 P3'
MG non-polymer 'MAGNESIUM ION' 'Mg 2'
NA non-polymer 'SODIUM ION' 'Na 1'
#
# COMPACT_ATOMS: atom_id res chain seq x y z
N ASP A 37 34.57 6.65 4.77
CA ASP A 37 33.63 6.97 5.87
C ASP A 37 32.71 8.18 5.53
N THR A 38 31.86 8.02 4.51
CA THR A 38 30.71 8.93 4.38
C THR A 38 29.41 8.17 4.73
N MET A 39 28.39 9.02 4.84
CA MET A 39 27.00 8.58 5.11
C MET A 39 26.53 7.49 4.09
N LYS A 40 25.84 6.43 4.48
CA LYS A 40 25.23 5.56 3.53
C LYS A 40 23.74 5.73 3.54
N VAL A 41 23.15 5.59 2.38
CA VAL A 41 21.68 5.61 2.19
C VAL A 41 21.33 4.12 1.96
N ILE A 42 20.33 3.68 2.71
CA ILE A 42 19.79 2.33 2.60
C ILE A 42 18.32 2.37 2.29
N ASN A 43 17.86 1.46 1.43
CA ASN A 43 16.44 1.45 1.01
C ASN A 43 15.75 0.43 1.85
N ASP A 44 14.89 0.90 2.73
CA ASP A 44 14.09 0.03 3.60
C ASP A 44 12.64 0.02 3.09
N PRO A 45 11.98 -1.17 3.01
CA PRO A 45 10.62 -1.13 2.49
C PRO A 45 9.59 -0.41 3.36
N ILE A 46 9.80 -0.29 4.64
CA ILE A 46 8.87 0.44 5.51
C ILE A 46 9.16 1.95 5.46
N HIS A 47 10.40 2.37 5.68
CA HIS A 47 10.70 3.79 5.79
C HIS A 47 11.27 4.45 4.54
N GLY A 48 11.51 3.70 3.47
CA GLY A 48 12.10 4.31 2.25
C GLY A 48 13.58 4.47 2.44
N HIS A 49 14.15 5.48 1.83
CA HIS A 49 15.55 5.76 1.84
C HIS A 49 15.94 6.44 3.12
N ILE A 50 16.72 5.79 3.93
CA ILE A 50 17.13 6.24 5.24
C ILE A 50 18.68 6.50 5.22
N GLU A 51 19.14 7.51 5.94
CA GLU A 51 20.55 7.88 6.00
C GLU A 51 21.18 7.24 7.23
N LEU A 52 22.36 6.67 7.06
CA LEU A 52 23.10 6.15 8.19
C LEU A 52 24.43 6.92 8.27
N HIS A 53 24.61 7.69 9.33
CA HIS A 53 25.83 8.36 9.64
C HIS A 53 27.01 7.39 9.64
N PRO A 54 28.20 7.79 9.20
CA PRO A 54 29.31 6.86 9.19
C PRO A 54 29.63 6.14 10.51
N LEU A 55 29.39 6.76 11.67
CA LEU A 55 29.58 6.01 12.94
C LEU A 55 28.63 4.83 13.04
N LEU A 56 27.37 5.05 12.65
CA LEU A 56 26.38 3.98 12.61
C LEU A 56 26.82 2.86 11.65
N VAL A 57 27.35 3.22 10.50
CA VAL A 57 27.84 2.23 9.53
C VAL A 57 28.94 1.35 10.15
N ARG A 58 29.89 1.98 10.85
CA ARG A 58 30.96 1.24 11.55
C ARG A 58 30.40 0.23 12.57
N ILE A 59 29.33 0.58 13.26
CA ILE A 59 28.70 -0.32 14.21
C ILE A 59 27.98 -1.46 13.52
N ILE A 60 27.27 -1.14 12.46
CA ILE A 60 26.52 -2.11 11.71
C ILE A 60 27.42 -3.15 11.07
N ASP A 61 28.56 -2.72 10.56
CA ASP A 61 29.42 -3.59 9.80
C ASP A 61 30.43 -4.38 10.72
N THR A 62 29.84 -5.12 11.66
CA THR A 62 30.54 -5.96 12.63
C THR A 62 29.82 -7.30 12.71
N PRO A 63 30.55 -8.36 13.09
CA PRO A 63 29.91 -9.66 13.31
C PRO A 63 28.78 -9.62 14.36
N GLN A 64 28.94 -8.74 15.36
CA GLN A 64 27.96 -8.64 16.45
C GLN A 64 26.69 -8.07 16.01
N PHE A 65 26.72 -7.12 15.07
CA PHE A 65 25.48 -6.53 14.58
C PHE A 65 24.89 -7.37 13.43
N GLN A 66 25.75 -7.83 12.50
CA GLN A 66 25.28 -8.60 11.35
C GLN A 66 24.63 -9.96 11.77
N ARG A 67 24.96 -10.44 12.92
CA ARG A 67 24.27 -11.56 13.55
C ARG A 67 22.75 -11.47 13.52
N LEU A 68 22.25 -10.27 13.67
CA LEU A 68 20.78 -10.06 13.70
C LEU A 68 20.09 -10.37 12.36
N ARG A 69 20.88 -10.49 11.27
CA ARG A 69 20.33 -11.01 10.00
C ARG A 69 19.84 -12.47 10.10
N TYR A 70 20.24 -13.20 11.14
CA TYR A 70 19.94 -14.65 11.22
C TYR A 70 19.06 -14.99 12.43
N ILE A 71 18.32 -13.98 12.87
CA ILE A 71 17.30 -14.10 13.92
C ILE A 71 15.97 -13.50 13.47
N LYS A 72 14.96 -14.38 13.30
CA LYS A 72 13.63 -13.95 12.91
C LYS A 72 12.97 -13.10 13.97
N GLN A 73 12.41 -11.97 13.54
CA GLN A 73 11.70 -11.08 14.43
C GLN A 73 10.62 -11.83 15.20
N LEU A 74 9.82 -12.61 14.49
CA LEU A 74 8.68 -13.22 15.07
C LEU A 74 8.81 -14.72 15.36
N GLY A 75 10.03 -15.26 15.29
CA GLY A 75 10.21 -16.66 15.71
C GLY A 75 9.39 -17.67 14.94
N GLY A 76 8.64 -18.46 15.66
CA GLY A 76 7.78 -19.49 15.07
C GLY A 76 6.57 -18.92 14.37
N GLY A 77 6.32 -17.61 14.51
CA GLY A 77 5.28 -16.96 13.76
C GLY A 77 5.45 -17.13 12.25
N TYR A 78 6.67 -17.21 11.77
CA TYR A 78 6.88 -17.46 10.36
C TYR A 78 6.24 -18.79 9.86
N TYR A 79 6.15 -19.77 10.75
CA TYR A 79 5.51 -21.06 10.44
C TYR A 79 3.97 -21.02 10.40
N VAL A 80 3.39 -19.85 10.66
CA VAL A 80 1.94 -19.56 10.57
C VAL A 80 1.64 -18.48 9.55
N PHE A 81 2.46 -17.44 9.55
CA PHE A 81 2.32 -16.29 8.64
C PHE A 81 3.57 -16.32 7.73
N PRO A 82 3.45 -16.86 6.53
CA PRO A 82 4.63 -17.03 5.67
C PRO A 82 5.29 -15.75 5.13
N GLY A 83 4.61 -14.63 5.25
CA GLY A 83 5.22 -13.34 5.03
C GLY A 83 6.23 -12.91 6.09
N ALA A 84 6.20 -13.55 7.28
CA ALA A 84 6.94 -13.03 8.45
C ALA A 84 8.34 -13.63 8.52
N SER A 85 9.06 -13.41 7.43
CA SER A 85 10.44 -13.87 7.16
C SER A 85 11.46 -12.81 7.69
N HIS A 86 11.00 -11.63 8.09
CA HIS A 86 11.86 -10.54 8.49
C HIS A 86 12.63 -10.82 9.80
N ASN A 87 13.85 -10.27 9.82
CA ASN A 87 14.80 -10.50 10.86
C ASN A 87 15.02 -9.25 11.70
N ARG A 88 15.66 -9.47 12.85
CA ARG A 88 15.95 -8.37 13.77
C ARG A 88 16.87 -7.28 13.21
N PHE A 89 17.70 -7.64 12.22
CA PHE A 89 18.59 -6.69 11.59
C PHE A 89 17.85 -5.46 11.03
N GLU A 90 16.91 -5.74 10.12
CA GLU A 90 16.23 -4.66 9.42
C GLU A 90 15.31 -3.88 10.40
N HIS A 91 14.74 -4.57 11.41
CA HIS A 91 14.01 -3.92 12.46
C HIS A 91 14.89 -2.92 13.22
N SER A 92 16.14 -3.32 13.52
CA SER A 92 17.08 -2.48 14.21
C SER A 92 17.41 -1.25 13.43
N LEU A 93 17.62 -1.37 12.12
CA LEU A 93 17.88 -0.18 11.27
C LEU A 93 16.68 0.79 11.38
N GLY A 94 15.46 0.26 11.30
CA GLY A 94 14.26 1.03 11.43
C GLY A 94 14.14 1.76 12.78
N VAL A 95 14.46 1.07 13.87
CA VAL A 95 14.36 1.69 15.20
C VAL A 95 15.39 2.82 15.31
N GLY A 96 16.62 2.58 14.85
CA GLY A 96 17.62 3.64 14.77
C GLY A 96 17.20 4.82 13.95
N TYR A 97 16.60 4.57 12.80
CA TYR A 97 16.06 5.63 11.97
C TYR A 97 14.98 6.47 12.68
N LEU A 98 13.97 5.80 13.25
CA LEU A 98 12.89 6.48 13.94
C LEU A 98 13.35 7.24 15.18
N ALA A 99 14.31 6.70 15.91
CA ALA A 99 14.90 7.40 17.06
C ALA A 99 15.47 8.73 16.59
N GLY A 100 16.21 8.71 15.48
CA GLY A 100 16.72 9.91 14.82
C GLY A 100 15.63 10.87 14.41
N CYS A 101 14.55 10.36 13.80
CA CYS A 101 13.44 11.20 13.38
C CYS A 101 12.82 11.93 14.56
N LEU A 102 12.61 11.22 15.69
CA LEU A 102 11.92 11.88 16.83
C LEU A 102 12.81 12.93 17.44
N VAL A 103 14.06 12.60 17.70
CA VAL A 103 14.94 13.50 18.41
C VAL A 103 15.23 14.76 17.55
N HIS A 104 15.42 14.59 16.25
CA HIS A 104 15.55 15.74 15.31
C HIS A 104 14.33 16.60 15.29
N ALA A 105 13.16 16.02 15.22
CA ALA A 105 11.90 16.81 15.21
C ALA A 105 11.74 17.63 16.47
N LEU A 106 12.05 17.02 17.63
CA LEU A 106 11.93 17.75 18.90
C LEU A 106 12.86 18.94 18.90
N GLY A 107 14.10 18.72 18.40
CA GLY A 107 15.09 19.78 18.38
C GLY A 107 14.82 20.87 17.37
N GLU A 108 14.26 20.53 16.22
CA GLU A 108 13.81 21.55 15.23
C GLU A 108 12.67 22.40 15.74
N LYS A 109 11.65 21.82 16.36
CA LYS A 109 10.53 22.60 16.89
C LYS A 109 10.88 23.36 18.16
N GLN A 110 11.83 22.86 18.97
CA GLN A 110 12.18 23.48 20.25
C GLN A 110 13.68 23.60 20.41
N PRO A 111 14.30 24.59 19.71
CA PRO A 111 15.74 24.77 19.87
C PRO A 111 16.16 25.04 21.31
N GLU A 112 15.27 25.58 22.13
CA GLU A 112 15.59 25.82 23.52
C GLU A 112 15.91 24.55 24.36
N LEU A 113 15.62 23.36 23.87
CA LEU A 113 16.02 22.14 24.54
C LEU A 113 17.55 21.86 24.48
N GLN A 114 18.24 22.56 23.57
CA GLN A 114 19.67 22.42 23.38
C GLN A 114 20.09 21.00 23.01
N ILE A 115 19.30 20.32 22.20
CA ILE A 115 19.65 19.00 21.72
C ILE A 115 20.87 19.11 20.78
N SER A 116 21.95 18.45 21.07
CA SER A 116 23.17 18.55 20.30
C SER A 116 23.28 17.40 19.28
N GLU A 117 24.23 17.56 18.34
CA GLU A 117 24.45 16.50 17.36
C GLU A 117 24.95 15.23 18.04
N ARG A 118 25.70 15.41 19.09
CA ARG A 118 26.14 14.32 19.94
C ARG A 118 24.96 13.55 20.58
N ASP A 119 23.97 14.29 21.09
CA ASP A 119 22.74 13.71 21.63
C ASP A 119 22.02 12.90 20.55
N VAL A 120 21.90 13.50 19.34
CA VAL A 120 21.21 12.84 18.28
C VAL A 120 21.88 11.49 17.94
N LEU A 121 23.20 11.52 17.80
CA LEU A 121 23.96 10.30 17.48
C LEU A 121 23.84 9.21 18.56
N CYS A 122 23.88 9.63 19.80
CA CYS A 122 23.72 8.69 20.91
C CYS A 122 22.35 8.06 20.96
N VAL A 123 21.31 8.85 20.68
CA VAL A 123 19.98 8.31 20.59
C VAL A 123 19.85 7.34 19.38
N GLN A 124 20.40 7.71 18.22
CA GLN A 124 20.37 6.81 17.04
C GLN A 124 21.13 5.51 17.33
N ILE A 125 22.26 5.58 18.06
CA ILE A 125 23.00 4.35 18.33
C ILE A 125 22.21 3.45 19.28
N ALA A 126 21.60 4.02 20.31
CA ALA A 126 20.76 3.25 21.22
C ALA A 126 19.60 2.60 20.47
N GLY A 127 18.97 3.34 19.58
CA GLY A 127 17.90 2.76 18.81
C GLY A 127 18.36 1.60 17.94
N LEU A 128 19.50 1.80 17.29
CA LEU A 128 20.08 0.75 16.44
C LEU A 128 20.46 -0.49 17.22
N CYS A 129 20.88 -0.32 18.47
CA CYS A 129 21.50 -1.43 19.18
C CYS A 129 20.66 -2.07 20.24
N ARG A 130 19.44 -1.59 20.43
CA ARG A 130 18.63 -2.15 21.50
C ARG A 130 18.07 -3.52 21.19
N ASN A 131 18.22 -4.05 19.98
CA ASN A 131 17.88 -5.44 19.72
C ASN A 131 19.06 -6.42 19.70
N LEU A 132 20.26 -5.97 20.10
CA LEU A 132 21.43 -6.80 19.95
C LEU A 132 21.39 -8.07 20.78
N GLY A 133 20.64 -8.07 21.90
CA GLY A 133 20.64 -9.17 22.84
C GLY A 133 19.68 -10.30 22.55
N HIS A 134 18.86 -10.17 21.51
CA HIS A 134 17.94 -11.22 21.17
C HIS A 134 18.67 -12.49 20.75
N GLY A 135 18.03 -13.61 21.07
CA GLY A 135 18.56 -14.93 20.81
C GLY A 135 17.79 -15.60 19.71
N PRO A 136 18.11 -16.86 19.40
CA PRO A 136 17.38 -17.64 18.40
C PRO A 136 15.87 -17.52 18.55
N PHE A 137 15.21 -17.17 17.45
CA PHE A 137 13.75 -17.04 17.40
C PHE A 137 13.17 -15.95 18.33
N SER A 138 14.00 -14.93 18.64
CA SER A 138 13.63 -13.79 19.40
C SER A 138 12.96 -14.15 20.73
N HIS A 139 11.69 -13.80 20.91
CA HIS A 139 11.04 -14.09 22.22
C HIS A 139 10.96 -15.50 22.71
N MET A 140 11.00 -16.45 21.81
CA MET A 140 11.15 -17.82 22.23
C MET A 140 12.33 -18.04 23.17
N PHE A 141 13.44 -17.41 22.86
CA PHE A 141 14.67 -17.65 23.58
C PHE A 141 14.59 -17.14 24.99
N ASP A 142 14.29 -15.86 25.17
CA ASP A 142 14.23 -15.31 26.54
C ASP A 142 12.87 -15.55 27.24
N GLY A 143 11.80 -15.72 26.48
CA GLY A 143 10.45 -15.96 27.04
C GLY A 143 10.20 -17.44 27.39
N ARG A 144 10.75 -18.39 26.62
CA ARG A 144 10.50 -19.79 26.91
C ARG A 144 11.71 -20.61 27.22
N PHE A 145 12.75 -20.50 26.39
CA PHE A 145 13.88 -21.42 26.51
C PHE A 145 14.74 -21.20 27.75
N ILE A 146 15.26 -20.00 27.92
CA ILE A 146 16.16 -19.76 29.06
C ILE A 146 15.43 -19.98 30.42
N PRO A 147 14.18 -19.51 30.58
CA PRO A 147 13.48 -19.82 31.86
C PRO A 147 13.41 -21.27 32.16
N LEU A 148 13.26 -22.15 31.19
CA LEU A 148 13.27 -23.58 31.44
C LEU A 148 14.65 -24.20 31.53
N ALA A 149 15.59 -23.78 30.72
CA ALA A 149 16.94 -24.34 30.76
C ALA A 149 17.73 -23.86 32.00
N ARG A 150 17.62 -22.58 32.35
CA ARG A 150 18.40 -22.03 33.46
C ARG A 150 17.39 -21.31 34.38
N PRO A 151 16.52 -22.05 35.09
CA PRO A 151 15.51 -21.40 35.95
C PRO A 151 16.10 -20.48 37.04
N GLU A 152 17.33 -20.73 37.46
CA GLU A 152 17.99 -19.89 38.46
C GLU A 152 18.44 -18.52 37.97
N VAL A 153 18.53 -18.26 36.67
CA VAL A 153 19.19 -17.05 36.23
C VAL A 153 18.10 -16.05 35.85
N LYS A 154 18.44 -14.76 35.85
CA LYS A 154 17.50 -13.71 35.52
C LYS A 154 17.97 -13.04 34.25
N TRP A 155 17.59 -13.54 33.09
CA TRP A 155 18.12 -13.06 31.81
C TRP A 155 17.01 -12.39 31.06
N THR A 156 17.31 -11.24 30.48
CA THR A 156 16.42 -10.54 29.54
C THR A 156 17.23 -10.16 28.31
N HIS A 157 16.54 -9.95 27.22
CA HIS A 157 17.18 -9.54 25.97
C HIS A 157 17.80 -8.17 26.17
N GLU A 158 17.20 -7.29 26.98
CA GLU A 158 17.77 -5.96 27.26
C GLU A 158 19.17 -6.06 27.90
N GLN A 159 19.33 -6.92 28.89
CA GLN A 159 20.67 -7.17 29.50
C GLN A 159 21.62 -7.70 28.43
N GLY A 160 21.15 -8.65 27.64
CA GLY A 160 21.93 -9.13 26.52
C GLY A 160 22.35 -8.05 25.56
N SER A 161 21.46 -7.09 25.28
CA SER A 161 21.76 -5.98 24.40
C SER A 161 22.89 -5.14 24.90
N VAL A 162 22.93 -4.89 26.21
CA VAL A 162 24.02 -4.13 26.81
C VAL A 162 25.35 -4.88 26.70
N MET A 163 25.32 -6.17 27.05
CA MET A 163 26.52 -6.99 27.07
C MET A 163 27.04 -7.09 25.64
N MET A 164 26.12 -7.31 24.69
CA MET A 164 26.56 -7.45 23.30
C MET A 164 27.11 -6.11 22.71
N PHE A 165 26.48 -5.00 23.09
CA PHE A 165 26.96 -3.69 22.70
C PHE A 165 28.37 -3.46 23.20
N GLU A 166 28.65 -3.81 24.46
CA GLU A 166 29.95 -3.69 25.01
C GLU A 166 30.95 -4.55 24.24
N HIS A 167 30.56 -5.81 23.97
CA HIS A 167 31.47 -6.73 23.23
C HIS A 167 31.74 -6.13 21.79
N LEU A 168 30.68 -5.59 21.15
CA LEU A 168 30.78 -4.99 19.82
C LEU A 168 31.79 -3.80 19.82
N ILE A 169 31.61 -2.86 20.75
CA ILE A 169 32.48 -1.71 20.90
C ILE A 169 33.96 -2.13 21.13
N ASN A 170 34.20 -3.06 22.07
CA ASN A 170 35.57 -3.42 22.41
C ASN A 170 36.25 -4.30 21.36
N SER A 171 35.53 -5.20 20.70
CA SER A 171 36.13 -6.10 19.75
C SER A 171 36.38 -5.40 18.39
N ASN A 172 35.77 -4.25 18.12
CA ASN A 172 35.87 -3.63 16.79
C ASN A 172 36.51 -2.23 16.81
N GLY A 173 37.12 -1.82 17.91
CA GLY A 173 37.77 -0.49 18.02
C GLY A 173 36.81 0.69 17.80
N ILE A 174 35.59 0.61 18.32
CA ILE A 174 34.63 1.68 18.06
C ILE A 174 34.88 2.96 18.87
N LYS A 175 35.52 2.87 20.03
CA LYS A 175 35.66 4.04 20.87
C LYS A 175 36.42 5.20 20.19
N PRO A 176 37.57 4.92 19.53
CA PRO A 176 38.21 5.96 18.74
C PRO A 176 37.35 6.59 17.68
N VAL A 177 36.47 5.81 17.05
CA VAL A 177 35.55 6.36 16.01
C VAL A 177 34.47 7.22 16.67
N MET A 178 33.95 6.80 17.84
CA MET A 178 33.08 7.66 18.61
C MET A 178 33.75 9.02 18.89
N GLU A 179 35.00 9.00 19.34
CA GLU A 179 35.74 10.28 19.60
C GLU A 179 35.82 11.14 18.34
N GLN A 180 36.17 10.49 17.24
CA GLN A 180 36.29 11.19 15.97
C GLN A 180 35.01 11.95 15.61
N TYR A 181 33.85 11.40 15.95
CA TYR A 181 32.58 12.07 15.64
C TYR A 181 31.99 12.86 16.76
N GLY A 182 32.80 13.28 17.73
CA GLY A 182 32.36 14.16 18.76
C GLY A 182 31.75 13.54 20.01
N LEU A 183 31.69 12.21 20.11
CA LEU A 183 31.21 11.55 21.30
C LEU A 183 32.30 11.50 22.37
N ILE A 184 31.89 11.40 23.62
CA ILE A 184 32.79 11.19 24.77
C ILE A 184 32.48 9.78 25.31
N PRO A 185 33.29 8.79 24.92
CA PRO A 185 32.86 7.41 25.11
C PRO A 185 32.46 7.00 26.52
N GLU A 186 33.14 7.51 27.52
CA GLU A 186 32.92 7.09 28.93
C GLU A 186 31.43 7.43 29.22
N GLU A 187 31.06 8.72 29.09
CA GLU A 187 29.69 9.18 29.33
C GLU A 187 28.67 8.62 28.33
N ASP A 188 29.02 8.59 27.05
CA ASP A 188 28.07 8.23 25.99
C ASP A 188 27.76 6.77 25.89
N ILE A 189 28.73 5.92 26.14
CA ILE A 189 28.48 4.49 26.29
C ILE A 189 27.50 4.25 27.42
N CYS A 190 27.70 4.91 28.52
CA CYS A 190 26.80 4.83 29.69
C CYS A 190 25.37 5.29 29.28
N PHE A 191 25.25 6.42 28.63
CA PHE A 191 23.97 6.94 28.15
C PHE A 191 23.29 5.96 27.23
N ILE A 192 24.04 5.39 26.29
CA ILE A 192 23.45 4.44 25.37
C ILE A 192 22.94 3.21 26.11
N LYS A 193 23.75 2.67 27.01
CA LYS A 193 23.33 1.47 27.76
C LYS A 193 22.12 1.80 28.64
N GLU A 194 22.11 2.97 29.27
CA GLU A 194 20.95 3.38 30.07
C GLU A 194 19.69 3.50 29.23
N GLN A 195 19.80 3.96 27.99
CA GLN A 195 18.62 4.03 27.11
C GLN A 195 18.08 2.65 26.82
N ILE A 196 18.92 1.64 26.81
CA ILE A 196 18.50 0.28 26.47
C ILE A 196 17.92 -0.44 27.65
N VAL A 197 18.57 -0.34 28.80
CA VAL A 197 18.25 -1.19 29.96
C VAL A 197 17.67 -0.42 31.18
N GLY A 198 17.66 0.90 31.15
CA GLY A 198 17.32 1.68 32.34
C GLY A 198 18.52 1.99 33.19
N PRO A 199 18.31 2.66 34.34
CA PRO A 199 19.40 3.07 35.24
C PRO A 199 20.35 1.93 35.57
N LEU A 200 21.67 2.12 35.38
CA LEU A 200 22.68 1.06 35.53
C LEU A 200 23.00 0.71 37.02
N GLU A 201 22.56 1.56 37.96
CA GLU A 201 22.55 1.26 39.41
C GLU A 201 21.20 1.71 40.06
N LEU A 208 15.25 11.76 43.12
CA LEU A 208 16.72 11.63 42.98
C LEU A 208 16.99 11.09 41.53
N TRP A 209 17.51 11.93 40.63
CA TRP A 209 17.74 11.59 39.20
C TRP A 209 18.65 10.36 39.11
N PRO A 210 18.12 9.20 38.67
CA PRO A 210 18.93 7.97 38.73
C PRO A 210 19.92 7.71 37.56
N TYR A 211 19.93 8.54 36.55
CA TYR A 211 20.75 8.26 35.36
C TYR A 211 22.09 9.03 35.45
N LYS A 212 23.14 8.47 34.88
CA LYS A 212 24.44 9.14 34.81
C LYS A 212 24.91 9.58 33.44
N GLY A 213 24.27 9.06 32.40
CA GLY A 213 24.70 9.35 31.03
C GLY A 213 24.39 10.77 30.60
N ARG A 214 23.26 11.28 31.09
CA ARG A 214 22.82 12.66 30.82
C ARG A 214 22.15 13.25 32.07
N PRO A 215 22.24 14.57 32.24
CA PRO A 215 21.59 15.22 33.38
C PRO A 215 20.08 15.38 33.18
N GLU A 216 19.40 15.82 34.23
CA GLU A 216 17.91 15.91 34.23
C GLU A 216 17.33 16.77 33.16
N ASN A 217 18.04 17.81 32.74
CA ASN A 217 17.50 18.70 31.67
C ASN A 217 17.43 18.01 30.29
N LYS A 218 17.97 16.79 30.16
CA LYS A 218 17.83 16.00 28.94
C LYS A 218 17.02 14.71 29.24
N SER A 219 16.24 14.72 30.32
N SER A 219 16.24 14.72 30.32
CA SER A 219 15.44 13.57 30.72
CA SER A 219 15.42 13.57 30.72
C SER A 219 14.60 13.01 29.60
C SER A 219 14.60 13.01 29.61
N PHE A 220 13.99 13.91 28.82
CA PHE A 220 13.19 13.51 27.68
C PHE A 220 13.92 12.62 26.69
N LEU A 221 15.25 12.71 26.59
CA LEU A 221 15.98 11.82 25.66
C LEU A 221 15.86 10.35 26.02
N TYR A 222 15.62 10.04 27.30
CA TYR A 222 15.38 8.64 27.71
C TYR A 222 13.98 8.09 27.40
N GLU A 223 13.13 8.89 26.80
CA GLU A 223 11.80 8.50 26.42
C GLU A 223 11.66 8.09 24.97
N ILE A 224 12.76 8.05 24.23
CA ILE A 224 12.70 7.85 22.75
C ILE A 224 12.82 6.38 22.40
N VAL A 225 13.88 5.73 22.88
CA VAL A 225 14.24 4.39 22.41
C VAL A 225 13.54 3.29 23.19
N SER A 226 13.50 3.42 24.49
CA SER A 226 12.76 2.44 25.28
C SER A 226 12.17 3.16 26.45
N ASN A 227 10.90 3.47 26.36
CA ASN A 227 10.28 4.41 27.32
C ASN A 227 9.73 3.60 28.49
N LYS A 228 10.40 3.72 29.61
CA LYS A 228 9.96 2.98 30.80
C LYS A 228 8.87 3.69 31.56
N ARG A 229 8.60 4.95 31.29
CA ARG A 229 7.56 5.70 31.96
C ARG A 229 6.17 5.26 31.47
N ASN A 230 6.00 5.14 30.16
CA ASN A 230 4.66 4.81 29.61
C ASN A 230 4.66 3.87 28.39
N GLY A 231 5.80 3.46 27.90
CA GLY A 231 5.90 2.57 26.77
C GLY A 231 5.77 3.20 25.39
N ILE A 232 5.64 4.51 25.28
CA ILE A 232 5.44 5.09 23.97
C ILE A 232 6.84 5.34 23.42
N ASP A 233 7.31 4.47 22.54
CA ASP A 233 8.67 4.62 22.03
C ASP A 233 8.73 4.19 20.59
N VAL A 234 9.85 4.55 19.98
CA VAL A 234 10.02 4.32 18.55
C VAL A 234 10.23 2.87 18.16
N ASP A 235 10.62 2.01 19.12
CA ASP A 235 10.78 0.55 18.84
C ASP A 235 9.40 -0.06 18.47
N LYS A 236 8.36 0.31 19.22
CA LYS A 236 7.00 -0.10 18.89
C LYS A 236 6.58 0.40 17.50
N TRP A 237 6.91 1.65 17.20
CA TRP A 237 6.43 2.24 15.96
C TRP A 237 7.02 1.50 14.77
N ASP A 238 8.29 1.06 14.89
CA ASP A 238 8.84 0.30 13.81
C ASP A 238 8.17 -1.06 13.70
N TYR A 239 8.05 -1.81 14.79
CA TYR A 239 7.51 -3.16 14.66
C TYR A 239 6.04 -3.15 14.26
N PHE A 240 5.22 -2.18 14.74
CA PHE A 240 3.85 -2.09 14.23
C PHE A 240 3.87 -2.05 12.67
N ALA A 241 4.64 -1.13 12.09
CA ALA A 241 4.63 -0.95 10.64
C ALA A 241 5.27 -2.17 9.93
N ARG A 242 6.41 -2.63 10.43
CA ARG A 242 7.15 -3.70 9.79
C ARG A 242 6.48 -5.06 9.93
N ASP A 243 6.04 -5.40 11.13
CA ASP A 243 5.30 -6.65 11.32
C ASP A 243 4.07 -6.67 10.47
N CYS A 244 3.31 -5.57 10.41
CA CYS A 244 2.08 -5.56 9.66
C CYS A 244 2.35 -5.80 8.14
N HIS A 245 3.35 -5.08 7.62
CA HIS A 245 3.78 -5.20 6.21
C HIS A 245 4.09 -6.65 5.86
N HIS A 246 4.76 -7.38 6.75
CA HIS A 246 5.10 -8.74 6.50
C HIS A 246 4.03 -9.75 6.84
N LEU A 247 3.25 -9.53 7.89
CA LEU A 247 2.24 -10.48 8.30
C LEU A 247 1.08 -10.53 7.32
N GLY A 248 0.76 -9.42 6.64
CA GLY A 248 -0.48 -9.29 5.90
C GLY A 248 -1.69 -8.84 6.78
N ILE A 249 -1.40 -8.08 7.84
CA ILE A 249 -2.40 -7.43 8.71
C ILE A 249 -2.08 -5.96 8.66
N GLN A 250 -3.08 -5.10 8.66
CA GLN A 250 -2.83 -3.73 8.25
C GLN A 250 -2.58 -2.80 9.48
N ASN A 251 -1.57 -1.88 9.36
CA ASN A 251 -1.31 -1.07 10.56
C ASN A 251 -2.38 0.12 10.75
N ASN A 252 -3.01 0.35 11.89
N ASN A 252 -3.01 0.35 11.89
CA ASN A 252 -3.82 1.59 12.09
CA ASN A 252 -3.83 1.58 12.11
C ASN A 252 -3.27 2.80 12.96
C ASN A 252 -3.26 2.80 12.96
N PHE A 253 -2.03 2.68 13.42
CA PHE A 253 -1.36 3.78 14.13
C PHE A 253 -0.47 4.60 13.18
N ASP A 254 -0.50 5.91 13.33
CA ASP A 254 0.31 6.83 12.51
C ASP A 254 1.39 7.51 13.38
N TYR A 255 2.59 6.95 13.32
CA TYR A 255 3.70 7.46 14.11
C TYR A 255 4.11 8.85 13.61
N LYS A 256 4.02 9.11 12.30
CA LYS A 256 4.40 10.41 11.79
C LYS A 256 3.53 11.50 12.35
N ARG A 257 2.23 11.21 12.49
CA ARG A 257 1.32 12.18 13.09
C ARG A 257 1.76 12.43 14.55
N PHE A 258 2.03 11.36 15.27
CA PHE A 258 2.46 11.50 16.67
C PHE A 258 3.70 12.44 16.76
N ILE A 259 4.68 12.21 15.89
CA ILE A 259 5.87 13.06 15.88
C ILE A 259 5.55 14.50 15.60
N LYS A 260 4.66 14.81 14.67
CA LYS A 260 4.31 16.20 14.44
C LYS A 260 3.68 16.84 15.62
N PHE A 261 2.96 16.09 16.46
CA PHE A 261 2.31 16.67 17.57
C PHE A 261 3.11 16.59 18.90
N ALA A 262 4.27 15.99 18.93
CA ALA A 262 5.00 15.80 20.18
C ALA A 262 5.79 17.04 20.51
N ARG A 263 5.80 17.37 21.79
CA ARG A 263 6.57 18.52 22.32
C ARG A 263 7.17 18.12 23.65
N VAL A 264 8.20 18.81 24.10
CA VAL A 264 8.75 18.59 25.43
C VAL A 264 8.17 19.64 26.34
N CYS A 265 7.66 19.23 27.51
CA CYS A 265 7.20 20.18 28.55
C CYS A 265 7.69 19.75 29.92
N GLU A 266 7.73 20.71 30.85
CA GLU A 266 8.06 20.38 32.22
C GLU A 266 6.89 19.72 32.92
N VAL A 267 7.08 18.52 33.44
CA VAL A 267 6.07 17.83 34.27
C VAL A 267 6.72 17.42 35.61
N ASP A 268 6.13 17.85 36.71
CA ASP A 268 6.67 17.61 38.08
C ASP A 268 8.19 17.80 38.09
N ASN A 269 8.64 18.99 37.71
CA ASN A 269 10.06 19.35 37.69
C ASN A 269 10.97 18.54 36.77
N GLU A 270 10.42 17.81 35.80
CA GLU A 270 11.22 17.04 34.89
C GLU A 270 10.75 17.27 33.44
N LEU A 271 11.65 17.37 32.50
CA LEU A 271 11.28 17.54 31.09
C LEU A 271 10.82 16.22 30.47
N ARG A 272 9.61 16.17 29.92
CA ARG A 272 9.06 14.95 29.32
C ARG A 272 8.47 15.18 27.95
N ILE A 273 8.39 14.11 27.17
CA ILE A 273 7.72 14.17 25.85
C ILE A 273 6.23 14.16 26.09
N CYS A 274 5.54 15.20 25.67
CA CYS A 274 4.10 15.31 25.82
C CYS A 274 3.41 15.30 24.45
N ALA A 275 2.14 14.89 24.45
CA ALA A 275 1.35 14.82 23.24
C ALA A 275 0.30 15.91 23.25
N ARG A 276 -0.21 16.31 22.08
CA ARG A 276 -1.31 17.22 22.07
C ARG A 276 -2.54 16.61 22.74
N ASP A 277 -3.27 17.41 23.51
CA ASP A 277 -4.46 16.99 24.28
C ASP A 277 -5.44 16.16 23.44
N LYS A 278 -5.75 16.64 22.25
CA LYS A 278 -6.79 15.97 21.44
C LYS A 278 -6.29 14.77 20.72
N GLU A 279 -5.00 14.47 20.73
CA GLU A 279 -4.49 13.22 20.29
C GLU A 279 -4.62 12.03 21.30
N VAL A 280 -5.20 12.25 22.47
CA VAL A 280 -5.27 11.22 23.50
C VAL A 280 -5.98 9.94 23.00
N GLY A 281 -7.06 10.11 22.25
CA GLY A 281 -7.69 9.00 21.58
C GLY A 281 -6.79 8.17 20.71
N ASN A 282 -5.87 8.79 19.96
CA ASN A 282 -4.93 8.04 19.14
C ASN A 282 -3.96 7.23 20.00
N LEU A 283 -3.67 7.70 21.21
CA LEU A 283 -2.77 6.94 22.14
C LEU A 283 -3.43 5.71 22.71
N TYR A 284 -4.68 5.84 23.14
CA TYR A 284 -5.50 4.66 23.47
C TYR A 284 -5.53 3.68 22.27
N ASP A 285 -5.70 4.19 21.04
CA ASP A 285 -5.71 3.32 19.86
C ASP A 285 -4.38 2.64 19.65
N MET A 286 -3.28 3.32 19.95
CA MET A 286 -1.95 2.71 19.80
C MET A 286 -1.76 1.45 20.64
N PHE A 287 -2.15 1.53 21.91
CA PHE A 287 -2.11 0.33 22.80
C PHE A 287 -3.12 -0.73 22.40
N HIS A 288 -4.27 -0.29 21.88
CA HIS A 288 -5.24 -1.22 21.31
C HIS A 288 -4.64 -1.96 20.10
N THR A 289 -3.92 -1.24 19.24
CA THR A 289 -3.25 -1.86 18.11
C THR A 289 -2.19 -2.89 18.60
N ARG A 290 -1.35 -2.50 19.56
CA ARG A 290 -0.40 -3.47 20.11
C ARG A 290 -1.08 -4.75 20.62
N ASN A 291 -2.18 -4.59 21.37
CA ASN A 291 -2.90 -5.72 21.92
C ASN A 291 -3.49 -6.60 20.80
N SER A 292 -4.00 -5.95 19.77
CA SER A 292 -4.53 -6.62 18.62
C SER A 292 -3.46 -7.38 17.83
N LEU A 293 -2.27 -6.86 17.69
CA LEU A 293 -1.17 -7.59 17.08
C LEU A 293 -0.74 -8.85 17.91
N HIS A 294 -0.72 -8.68 19.24
CA HIS A 294 -0.52 -9.84 20.13
C HIS A 294 -1.58 -10.88 19.95
N ARG A 295 -2.83 -10.47 19.91
CA ARG A 295 -3.93 -11.41 19.73
C ARG A 295 -3.88 -12.16 18.39
N ARG A 296 -3.68 -11.43 17.32
CA ARG A 296 -3.81 -12.00 15.98
C ARG A 296 -2.59 -12.75 15.59
N ALA A 297 -1.42 -12.26 15.97
CA ALA A 297 -0.15 -12.81 15.45
C ALA A 297 0.79 -13.32 16.53
N TYR A 298 1.23 -12.47 17.43
CA TYR A 298 2.36 -12.83 18.31
C TYR A 298 1.98 -13.95 19.29
N GLN A 299 0.73 -14.05 19.70
CA GLN A 299 0.22 -15.12 20.52
C GLN A 299 -0.68 -16.07 19.80
N HIS A 300 -0.54 -16.16 18.49
CA HIS A 300 -1.32 -17.12 17.68
C HIS A 300 -1.12 -18.48 18.33
N LYS A 301 -2.19 -19.23 18.52
CA LYS A 301 -2.09 -20.51 19.23
C LYS A 301 -1.18 -21.57 18.57
N VAL A 302 -1.08 -21.57 17.26
CA VAL A 302 -0.21 -22.46 16.58
C VAL A 302 1.18 -21.92 16.55
N GLY A 303 1.33 -20.64 16.34
CA GLY A 303 2.67 -20.03 16.49
C GLY A 303 3.33 -20.33 17.86
N ASN A 304 2.53 -20.25 18.90
CA ASN A 304 3.02 -20.51 20.24
C ASN A 304 3.38 -21.99 20.44
N ILE A 305 2.59 -22.91 19.89
CA ILE A 305 2.88 -24.31 20.03
C ILE A 305 4.15 -24.66 19.24
N ILE A 306 4.38 -24.01 18.11
CA ILE A 306 5.61 -24.24 17.36
C ILE A 306 6.82 -23.73 18.17
N ASP A 307 6.70 -22.56 18.79
CA ASP A 307 7.75 -22.05 19.66
C ASP A 307 8.01 -23.00 20.84
N THR A 308 6.96 -23.59 21.40
CA THR A 308 7.07 -24.54 22.48
C THR A 308 7.83 -25.80 22.00
N MET A 309 7.52 -26.28 20.77
CA MET A 309 8.14 -27.47 20.27
C MET A 309 9.62 -27.22 19.92
N ILE A 310 9.92 -26.07 19.37
CA ILE A 310 11.30 -25.69 19.10
C ILE A 310 12.06 -25.61 20.43
N THR A 311 11.47 -24.98 21.44
CA THR A 311 12.10 -24.87 22.75
C THR A 311 12.39 -26.24 23.35
N ASP A 312 11.46 -27.17 23.17
CA ASP A 312 11.63 -28.54 23.64
C ASP A 312 12.80 -29.25 22.90
N ALA A 313 12.92 -29.05 21.60
CA ALA A 313 14.06 -29.57 20.84
C ALA A 313 15.35 -28.96 21.31
N PHE A 314 15.37 -27.63 21.54
CA PHE A 314 16.57 -26.97 22.07
C PHE A 314 16.97 -27.57 23.42
N LEU A 315 16.01 -27.82 24.32
CA LEU A 315 16.31 -28.41 25.62
C LEU A 315 16.92 -29.79 25.51
N LYS A 316 16.41 -30.59 24.61
CA LYS A 316 16.98 -31.93 24.34
C LYS A 316 18.33 -31.88 23.64
N ALA A 317 18.60 -30.83 22.88
CA ALA A 317 19.87 -30.65 22.18
C ALA A 317 20.95 -29.97 23.02
N ASP A 318 20.52 -29.34 24.11
CA ASP A 318 21.37 -28.44 24.89
C ASP A 318 22.56 -29.16 25.48
N ASP A 319 22.39 -30.41 25.86
CA ASP A 319 23.49 -31.21 26.41
C ASP A 319 24.59 -31.52 25.39
N TYR A 320 24.35 -31.37 24.09
CA TYR A 320 25.27 -31.87 23.05
C TYR A 320 25.86 -30.82 22.13
N ILE A 321 25.19 -29.71 21.87
CA ILE A 321 25.71 -28.73 20.93
C ILE A 321 26.77 -27.93 21.74
N GLU A 322 27.91 -27.63 21.12
CA GLU A 322 29.00 -26.87 21.69
C GLU A 322 29.22 -25.63 20.89
N ILE A 323 29.34 -24.48 21.58
CA ILE A 323 29.66 -23.22 20.97
C ILE A 323 30.94 -22.76 21.64
N THR A 324 31.97 -22.51 20.84
CA THR A 324 33.19 -21.97 21.34
C THR A 324 33.15 -20.48 21.56
N GLY A 325 33.61 -20.04 22.72
CA GLY A 325 33.67 -18.63 23.09
C GLY A 325 35.10 -18.13 23.37
N ALA A 326 35.20 -17.07 24.16
CA ALA A 326 36.47 -16.43 24.43
C ALA A 326 37.39 -17.42 25.07
N GLY A 327 38.69 -17.33 24.72
CA GLY A 327 39.72 -18.24 25.19
C GLY A 327 39.53 -19.70 24.83
N GLY A 328 38.78 -20.03 23.79
CA GLY A 328 38.43 -21.43 23.52
C GLY A 328 37.56 -22.16 24.56
N LYS A 329 37.02 -21.48 25.60
CA LYS A 329 36.05 -22.12 26.46
C LYS A 329 34.76 -22.56 25.68
N LYS A 330 34.19 -23.67 26.12
CA LYS A 330 33.02 -24.25 25.44
C LYS A 330 31.76 -23.90 26.18
N TYR A 331 30.72 -23.56 25.44
CA TYR A 331 29.42 -23.21 25.98
C TYR A 331 28.35 -24.06 25.35
N ARG A 332 27.17 -24.03 25.95
CA ARG A 332 25.99 -24.64 25.36
C ARG A 332 25.04 -23.59 24.89
N ILE A 333 23.96 -24.01 24.26
CA ILE A 333 22.89 -23.11 23.86
C ILE A 333 22.42 -22.28 25.10
N SER A 334 22.25 -22.95 26.23
CA SER A 334 21.75 -22.29 27.45
C SER A 334 22.80 -21.42 28.17
N THR A 335 24.08 -21.70 27.95
CA THR A 335 25.13 -20.93 28.62
C THR A 335 25.86 -19.95 27.70
N ALA A 336 25.52 -19.91 26.41
CA ALA A 336 26.13 -18.95 25.52
C ALA A 336 25.88 -17.55 25.95
N ILE A 337 24.77 -17.32 26.71
CA ILE A 337 24.45 -15.97 27.24
C ILE A 337 25.48 -15.43 28.21
N ASP A 338 26.36 -16.30 28.69
CA ASP A 338 27.40 -15.91 29.62
C ASP A 338 28.70 -15.48 28.93
N ASP A 339 28.81 -15.58 27.61
CA ASP A 339 30.00 -15.17 26.91
C ASP A 339 29.64 -14.64 25.52
N MET A 340 29.87 -13.37 25.30
CA MET A 340 29.42 -12.72 24.09
C MET A 340 30.07 -13.24 22.81
N GLU A 341 31.28 -13.75 22.89
CA GLU A 341 31.91 -14.35 21.75
C GLU A 341 31.14 -15.63 21.33
N ALA A 342 30.74 -16.46 22.29
CA ALA A 342 29.89 -17.59 21.96
C ALA A 342 28.50 -17.12 21.46
N TYR A 343 27.91 -16.15 22.17
CA TYR A 343 26.57 -15.71 21.88
C TYR A 343 26.45 -15.11 20.46
N THR A 344 27.55 -14.48 20.01
CA THR A 344 27.65 -13.98 18.65
C THR A 344 27.33 -15.05 17.61
N LYS A 345 27.66 -16.29 17.92
CA LYS A 345 27.44 -17.44 17.01
C LYS A 345 26.17 -18.27 17.32
N LEU A 346 25.26 -17.71 18.11
CA LEU A 346 24.00 -18.36 18.47
C LEU A 346 22.83 -17.65 17.84
N THR A 347 22.33 -18.23 16.75
CA THR A 347 21.26 -17.66 15.93
C THR A 347 20.26 -18.74 15.58
N ASP A 348 19.31 -18.41 14.74
CA ASP A 348 18.35 -19.36 14.26
C ASP A 348 18.98 -20.58 13.58
N ASN A 349 20.24 -20.47 13.13
CA ASN A 349 21.03 -21.59 12.64
C ASN A 349 21.01 -22.84 13.56
N ILE A 350 20.87 -22.66 14.88
CA ILE A 350 20.77 -23.79 15.78
C ILE A 350 19.67 -24.79 15.39
N PHE A 351 18.53 -24.28 14.95
CA PHE A 351 17.42 -25.08 14.52
C PHE A 351 17.88 -26.02 13.39
N LEU A 352 18.56 -25.47 12.39
CA LEU A 352 19.02 -26.25 11.27
C LEU A 352 20.20 -27.20 11.63
N GLU A 353 21.08 -26.76 12.51
CA GLU A 353 22.14 -27.61 13.03
C GLU A 353 21.52 -28.89 13.65
N ILE A 354 20.45 -28.72 14.41
CA ILE A 354 19.75 -29.85 14.99
C ILE A 354 19.02 -30.65 13.89
N LEU A 355 18.26 -30.00 13.03
CA LEU A 355 17.45 -30.69 12.00
C LEU A 355 18.32 -31.52 11.05
N TYR A 356 19.53 -31.03 10.75
CA TYR A 356 20.42 -31.69 9.78
C TYR A 356 21.42 -32.60 10.41
N SER A 357 21.49 -32.63 11.76
CA SER A 357 22.47 -33.51 12.45
C SER A 357 22.21 -35.01 12.10
N THR A 358 23.25 -35.80 12.24
CA THR A 358 23.17 -37.27 12.18
C THR A 358 23.63 -37.91 13.51
N ASP A 359 24.33 -37.20 14.38
CA ASP A 359 24.70 -37.70 15.68
C ASP A 359 23.50 -38.42 16.39
N PRO A 360 23.67 -39.71 16.80
CA PRO A 360 22.58 -40.35 17.55
C PRO A 360 22.18 -39.63 18.86
N LYS A 361 23.10 -38.91 19.49
CA LYS A 361 22.76 -38.15 20.69
C LYS A 361 21.74 -37.04 20.43
N LEU A 362 21.66 -36.52 19.20
CA LEU A 362 20.70 -35.47 18.83
C LEU A 362 19.39 -36.01 18.28
N LYS A 363 19.22 -37.33 18.28
CA LYS A 363 18.09 -37.95 17.65
C LYS A 363 16.74 -37.47 18.23
N ASP A 364 16.65 -37.37 19.55
CA ASP A 364 15.40 -36.95 20.14
C ASP A 364 15.07 -35.49 19.78
N ALA A 365 16.06 -34.61 19.87
CA ALA A 365 15.88 -33.22 19.47
C ALA A 365 15.49 -33.10 17.98
N ARG A 366 16.24 -33.79 17.14
CA ARG A 366 15.99 -33.83 15.69
C ARG A 366 14.58 -34.38 15.39
N GLU A 367 14.11 -35.36 16.12
CA GLU A 367 12.77 -35.89 15.85
C GLU A 367 11.64 -34.89 16.11
N ILE A 368 11.78 -34.06 17.15
CA ILE A 368 10.83 -33.00 17.40
C ILE A 368 10.77 -32.01 16.22
N LEU A 369 11.94 -31.57 15.73
CA LEU A 369 11.99 -30.66 14.58
C LEU A 369 11.42 -31.31 13.34
N LYS A 370 11.69 -32.59 13.13
CA LYS A 370 11.05 -33.34 12.03
C LYS A 370 9.53 -33.38 12.12
N GLN A 371 8.98 -33.54 13.32
CA GLN A 371 7.55 -33.48 13.48
C GLN A 371 6.98 -32.10 13.14
N ILE A 372 7.70 -31.02 13.45
CA ILE A 372 7.29 -29.73 12.99
C ILE A 372 7.20 -29.68 11.46
N GLU A 373 8.19 -30.18 10.77
CA GLU A 373 8.19 -30.22 9.30
C GLU A 373 7.04 -31.00 8.71
N TYR A 374 6.71 -32.13 9.32
CA TYR A 374 5.57 -32.91 8.87
C TYR A 374 4.25 -32.35 9.35
N ARG A 375 4.28 -31.28 10.12
CA ARG A 375 3.12 -30.68 10.69
C ARG A 375 2.40 -31.63 11.62
N ASN A 376 3.13 -32.47 12.33
CA ASN A 376 2.57 -33.34 13.35
C ASN A 376 2.73 -32.58 14.68
N LEU A 377 1.87 -31.57 14.87
CA LEU A 377 2.03 -30.62 15.93
C LEU A 377 1.23 -31.08 17.15
N PHE A 378 1.67 -30.73 18.36
CA PHE A 378 0.79 -30.87 19.55
C PHE A 378 -0.55 -30.20 19.25
N LYS A 379 -1.65 -30.77 19.69
CA LYS A 379 -2.98 -30.28 19.31
C LYS A 379 -3.54 -29.30 20.30
N TYR A 380 -4.12 -28.27 19.77
CA TYR A 380 -4.84 -27.24 20.53
C TYR A 380 -6.12 -27.81 21.11
N VAL A 381 -6.31 -27.68 22.41
CA VAL A 381 -7.51 -28.19 23.10
C VAL A 381 -8.52 -27.06 23.34
N GLY A 382 -8.03 -25.92 23.78
CA GLY A 382 -8.85 -24.77 24.10
C GLY A 382 -8.14 -23.65 24.84
N GLU A 383 -8.95 -22.63 25.15
CA GLU A 383 -8.50 -21.40 25.78
C GLU A 383 -9.54 -20.98 26.84
N THR A 384 -9.05 -20.43 27.93
CA THR A 384 -9.89 -19.88 28.99
C THR A 384 -9.12 -18.74 29.65
N GLN A 385 -9.77 -18.01 30.53
CA GLN A 385 -9.18 -16.93 31.30
C GLN A 385 -9.56 -17.07 32.75
N PRO A 386 -8.67 -16.66 33.67
CA PRO A 386 -9.16 -16.42 35.01
C PRO A 386 -10.20 -15.30 35.10
N THR A 387 -10.97 -15.39 36.15
CA THR A 387 -12.04 -14.49 36.53
C THR A 387 -11.52 -13.62 37.69
N GLY A 388 -11.42 -12.33 37.46
CA GLY A 388 -11.22 -11.37 38.58
C GLY A 388 -9.80 -10.83 38.62
N GLN A 389 -9.35 -10.49 39.83
CA GLN A 389 -7.98 -10.15 40.07
C GLN A 389 -7.06 -11.38 40.01
N ILE A 390 -7.63 -12.62 40.00
CA ILE A 390 -6.84 -13.89 39.97
C ILE A 390 -5.74 -13.77 38.89
N LYS A 391 -4.48 -14.01 39.29
CA LYS A 391 -3.35 -13.85 38.37
C LYS A 391 -2.31 -14.94 38.67
N ILE A 392 -2.23 -15.90 37.76
CA ILE A 392 -1.39 -17.07 37.92
C ILE A 392 0.08 -16.67 37.76
N LYS A 393 0.91 -16.98 38.74
CA LYS A 393 2.35 -16.61 38.69
C LYS A 393 3.17 -17.71 38.08
N ARG A 394 4.34 -17.34 37.55
CA ARG A 394 5.27 -18.27 36.92
C ARG A 394 5.59 -19.52 37.74
N GLU A 395 5.73 -19.36 39.05
CA GLU A 395 6.11 -20.49 39.89
C GLU A 395 4.99 -21.56 39.93
N ASP A 396 3.75 -21.21 39.59
CA ASP A 396 2.67 -22.23 39.54
C ASP A 396 2.46 -22.88 38.16
N TYR A 397 3.19 -22.42 37.14
CA TYR A 397 3.03 -22.93 35.76
C TYR A 397 3.19 -24.44 35.68
N GLU A 398 4.23 -24.95 36.37
CA GLU A 398 4.54 -26.39 36.37
C GLU A 398 3.44 -27.23 36.98
N SER A 399 2.72 -26.74 37.97
CA SER A 399 1.63 -27.54 38.53
C SER A 399 0.40 -27.67 37.60
N LEU A 400 0.28 -26.85 36.56
CA LEU A 400 -0.97 -26.78 35.78
C LEU A 400 -1.31 -28.06 34.97
N PRO A 401 -0.32 -28.65 34.25
CA PRO A 401 -0.65 -29.90 33.54
C PRO A 401 -1.18 -30.99 34.49
N LYS A 402 -0.66 -31.04 35.71
CA LYS A 402 -1.13 -32.00 36.72
C LYS A 402 -2.55 -31.72 37.11
N GLU A 403 -2.89 -30.44 37.31
CA GLU A 403 -4.30 -30.12 37.65
C GLU A 403 -5.27 -30.54 36.57
N VAL A 404 -4.91 -30.27 35.32
CA VAL A 404 -5.80 -30.61 34.19
C VAL A 404 -6.04 -32.13 34.16
N ALA A 405 -4.94 -32.88 34.26
CA ALA A 405 -4.98 -34.34 34.25
C ALA A 405 -5.71 -34.95 35.45
N SER A 406 -5.72 -34.25 36.58
CA SER A 406 -6.52 -34.69 37.76
C SER A 406 -7.97 -34.29 37.76
N ALA A 407 -8.42 -33.44 36.84
CA ALA A 407 -9.85 -33.12 36.74
C ALA A 407 -10.65 -34.43 36.46
N LYS A 408 -11.85 -34.52 37.01
CA LYS A 408 -12.67 -35.74 36.90
C LYS A 408 -13.92 -35.42 36.12
N PRO A 409 -13.81 -35.35 34.78
CA PRO A 409 -14.99 -35.06 33.97
C PRO A 409 -16.03 -36.14 34.06
N LYS A 410 -17.32 -35.82 34.19
CA LYS A 410 -18.39 -36.84 34.19
C LYS A 410 -18.85 -37.07 32.75
N VAL A 411 -17.99 -37.76 32.01
CA VAL A 411 -18.20 -38.16 30.63
C VAL A 411 -17.50 -39.53 30.51
N LEU A 412 -18.02 -40.39 29.63
CA LEU A 412 -17.41 -41.69 29.38
C LEU A 412 -16.11 -41.50 28.60
N LEU A 413 -14.98 -41.87 29.19
CA LEU A 413 -13.68 -41.76 28.53
C LEU A 413 -13.09 -43.16 28.39
N ASP A 414 -12.65 -43.48 27.16
CA ASP A 414 -11.80 -44.67 26.85
C ASP A 414 -10.40 -44.38 27.43
N VAL A 415 -9.74 -43.39 26.85
CA VAL A 415 -8.34 -43.09 27.17
C VAL A 415 -8.20 -42.22 28.41
N LYS A 416 -7.13 -42.46 29.16
CA LYS A 416 -6.76 -41.68 30.31
C LYS A 416 -5.45 -40.99 30.03
N LEU A 417 -5.39 -39.71 30.34
CA LEU A 417 -4.23 -38.90 29.99
C LEU A 417 -3.51 -38.57 31.28
N LYS A 418 -2.23 -38.37 31.19
CA LYS A 418 -1.39 -38.03 32.32
C LYS A 418 -0.89 -36.61 32.19
N ALA A 419 -0.32 -36.10 33.29
CA ALA A 419 0.20 -34.75 33.37
C ALA A 419 1.12 -34.36 32.20
N GLU A 420 2.03 -35.28 31.87
CA GLU A 420 3.00 -35.08 30.81
C GLU A 420 2.37 -35.01 29.38
N ASP A 421 1.13 -35.50 29.21
CA ASP A 421 0.39 -35.35 27.95
C ASP A 421 -0.19 -33.93 27.66
N PHE A 422 -0.21 -33.05 28.69
CA PHE A 422 -0.77 -31.71 28.53
C PHE A 422 0.34 -30.67 28.50
N ILE A 423 0.17 -29.65 27.68
CA ILE A 423 0.88 -28.41 27.80
C ILE A 423 -0.13 -27.31 28.21
N VAL A 424 0.28 -26.45 29.14
CA VAL A 424 -0.56 -25.35 29.61
C VAL A 424 0.27 -24.10 29.43
N ASP A 425 -0.16 -23.22 28.51
CA ASP A 425 0.58 -22.03 28.14
C ASP A 425 -0.19 -20.84 28.73
N VAL A 426 0.43 -20.10 29.62
CA VAL A 426 -0.19 -18.96 30.30
C VAL A 426 0.37 -17.71 29.63
N ILE A 427 -0.49 -16.85 29.09
CA ILE A 427 -0.02 -15.66 28.39
C ILE A 427 -0.57 -14.40 29.08
N ASN A 428 0.31 -13.44 29.33
CA ASN A 428 -0.06 -12.18 29.96
C ASN A 428 -0.30 -11.15 28.90
N MET A 429 -1.51 -10.61 28.82
CA MET A 429 -1.88 -9.65 27.78
C MET A 429 -2.13 -8.36 28.57
N ASP A 430 -1.39 -7.31 28.28
CA ASP A 430 -1.55 -6.02 28.97
C ASP A 430 -1.11 -4.83 28.10
N TYR A 431 -1.30 -3.62 28.61
CA TYR A 431 -0.90 -2.39 27.89
C TYR A 431 0.52 -1.94 28.21
N GLY A 432 1.37 -2.87 28.66
CA GLY A 432 2.79 -2.66 28.84
C GLY A 432 3.19 -2.21 30.19
N MET A 433 2.23 -1.95 31.13
CA MET A 433 2.56 -1.50 32.45
C MET A 433 1.83 -2.29 33.49
N GLN A 434 1.82 -3.61 33.28
CA GLN A 434 1.11 -4.56 34.11
C GLN A 434 -0.35 -4.10 34.27
N GLU A 435 -0.85 -3.87 35.49
N GLU A 435 -0.84 -3.88 35.49
CA GLU A 435 -2.26 -3.51 35.68
CA GLU A 435 -2.23 -3.53 35.72
C GLU A 435 -2.59 -2.04 35.43
C GLU A 435 -2.59 -2.04 35.44
N LYS A 436 -1.56 -1.22 35.13
CA LYS A 436 -1.73 0.22 35.02
C LYS A 436 -2.16 0.68 33.61
N ASN A 437 -2.90 1.78 33.56
CA ASN A 437 -3.30 2.45 32.31
C ASN A 437 -2.10 3.33 31.89
N PRO A 438 -1.42 3.01 30.80
CA PRO A 438 -0.24 3.80 30.44
C PRO A 438 -0.55 5.26 30.12
N ILE A 439 -1.76 5.53 29.67
CA ILE A 439 -2.18 6.93 29.36
C ILE A 439 -2.27 7.79 30.60
N ASP A 440 -2.48 7.21 31.77
CA ASP A 440 -2.30 7.95 33.01
C ASP A 440 -0.89 8.40 33.29
N HIS A 441 0.09 7.87 32.58
CA HIS A 441 1.50 8.26 32.71
C HIS A 441 2.01 9.05 31.48
N VAL A 442 1.10 9.65 30.74
CA VAL A 442 1.43 10.55 29.62
C VAL A 442 0.92 11.89 30.04
N SER A 443 1.59 12.88 29.62
CA SER A 443 1.30 14.26 29.82
C SER A 443 0.94 14.94 28.47
N PHE A 444 0.05 15.96 28.51
CA PHE A 444 -0.49 16.54 27.31
C PHE A 444 -0.37 18.05 27.31
N TYR A 445 -0.40 18.69 26.13
CA TYR A 445 -0.45 20.16 26.04
C TYR A 445 -1.59 20.60 25.19
N CYS A 446 -2.09 21.80 25.41
N CYS A 446 -2.09 21.80 25.41
CA CYS A 446 -3.17 22.32 24.63
CA CYS A 446 -3.17 22.33 24.64
C CYS A 446 -2.67 23.45 23.72
C CYS A 446 -2.68 23.45 23.73
N LYS A 447 -3.47 23.70 22.69
CA LYS A 447 -3.13 24.65 21.65
C LYS A 447 -2.95 26.05 22.19
N THR A 448 -3.69 26.45 23.21
CA THR A 448 -3.50 27.79 23.71
C THR A 448 -2.26 27.95 24.65
N ALA A 449 -1.55 26.89 25.05
CA ALA A 449 -0.44 26.98 25.98
C ALA A 449 0.47 25.80 25.73
N PRO A 450 1.21 25.84 24.62
CA PRO A 450 1.88 24.66 24.18
C PRO A 450 3.04 24.17 25.00
N ASN A 451 3.57 24.98 25.90
CA ASN A 451 4.58 24.49 26.85
C ASN A 451 4.03 24.08 28.22
N ARG A 452 2.75 24.14 28.41
CA ARG A 452 2.17 23.79 29.69
C ARG A 452 1.52 22.36 29.73
N ALA A 453 2.09 21.47 30.54
CA ALA A 453 1.64 20.12 30.60
C ALA A 453 0.40 19.94 31.42
N ILE A 454 -0.51 19.07 31.00
CA ILE A 454 -1.70 18.72 31.79
C ILE A 454 -1.87 17.21 31.77
N ARG A 455 -2.73 16.75 32.67
CA ARG A 455 -3.19 15.38 32.69
C ARG A 455 -4.57 15.26 32.15
N ILE A 456 -4.84 14.13 31.56
CA ILE A 456 -6.16 13.77 31.07
C ILE A 456 -6.56 12.43 31.66
N THR A 457 -7.69 12.36 32.33
CA THR A 457 -8.19 11.08 32.84
C THR A 457 -8.96 10.34 31.79
N LYS A 458 -9.07 9.05 32.00
CA LYS A 458 -9.83 8.19 31.08
C LYS A 458 -11.31 8.62 30.85
N ASN A 459 -11.99 8.99 31.88
CA ASN A 459 -13.40 9.44 31.79
C ASN A 459 -13.57 10.81 31.03
N GLN A 460 -12.50 11.62 30.93
CA GLN A 460 -12.50 12.78 30.07
C GLN A 460 -12.40 12.39 28.60
N VAL A 461 -12.07 11.16 28.27
CA VAL A 461 -11.81 10.79 26.86
C VAL A 461 -13.04 10.04 26.31
N SER A 462 -13.48 8.95 26.95
CA SER A 462 -14.51 8.11 26.37
C SER A 462 -14.93 7.04 27.34
N GLN A 463 -16.19 6.68 27.32
CA GLN A 463 -16.73 5.60 28.08
C GLN A 463 -16.61 4.27 27.35
N LEU A 464 -16.14 4.30 26.11
CA LEU A 464 -15.95 3.10 25.33
C LEU A 464 -14.55 2.43 25.53
N LEU A 465 -13.75 2.96 26.44
CA LEU A 465 -12.39 2.51 26.61
C LEU A 465 -12.34 1.32 27.57
N PRO A 466 -11.23 0.58 27.59
CA PRO A 466 -11.14 -0.54 28.54
C PRO A 466 -11.33 -0.12 29.99
N GLU A 467 -11.91 -0.96 30.82
CA GLU A 467 -11.87 -0.70 32.29
C GLU A 467 -10.69 -1.41 32.96
N LYS A 468 -10.08 -2.38 32.32
CA LYS A 468 -8.96 -3.10 32.85
C LYS A 468 -7.87 -3.10 31.79
N PHE A 469 -6.63 -3.20 32.21
CA PHE A 469 -5.49 -3.09 31.34
C PHE A 469 -4.52 -4.26 31.31
N ALA A 470 -4.87 -5.33 32.03
CA ALA A 470 -4.11 -6.56 32.02
C ALA A 470 -5.04 -7.74 32.17
N GLU A 471 -4.70 -8.83 31.53
CA GLU A 471 -5.44 -10.08 31.68
C GLU A 471 -4.52 -11.23 31.35
N GLN A 472 -4.96 -12.43 31.62
CA GLN A 472 -4.21 -13.64 31.24
C GLN A 472 -5.04 -14.53 30.34
N LEU A 473 -4.43 -15.06 29.29
CA LEU A 473 -5.03 -16.16 28.53
C LEU A 473 -4.33 -17.47 28.85
N ILE A 474 -5.10 -18.54 28.96
CA ILE A 474 -4.52 -19.82 29.27
C ILE A 474 -4.92 -20.76 28.11
N ARG A 475 -3.92 -21.29 27.39
CA ARG A 475 -4.18 -22.24 26.33
C ARG A 475 -3.72 -23.60 26.75
N VAL A 476 -4.50 -24.61 26.41
CA VAL A 476 -4.14 -25.97 26.69
C VAL A 476 -3.98 -26.73 25.38
N TYR A 477 -2.99 -27.61 25.35
CA TYR A 477 -2.69 -28.47 24.24
C TYR A 477 -2.42 -29.90 24.71
N CYS A 478 -2.61 -30.86 23.80
CA CYS A 478 -2.38 -32.27 24.07
C CYS A 478 -1.28 -32.81 23.16
N LYS A 479 -0.31 -33.47 23.75
CA LYS A 479 0.75 -34.12 22.95
C LYS A 479 0.30 -35.43 22.34
N LYS A 480 -0.82 -36.00 22.78
CA LYS A 480 -1.38 -37.17 22.12
C LYS A 480 -2.36 -36.68 21.08
N VAL A 481 -2.21 -37.10 19.86
CA VAL A 481 -2.87 -36.44 18.72
C VAL A 481 -4.04 -37.15 18.06
N ASP A 482 -4.26 -38.41 18.40
CA ASP A 482 -5.40 -39.16 17.86
C ASP A 482 -6.76 -38.57 18.35
N ARG A 483 -7.84 -38.87 17.64
CA ARG A 483 -9.16 -38.33 17.97
C ARG A 483 -9.67 -38.77 19.36
N LYS A 484 -9.44 -39.99 19.78
CA LYS A 484 -9.79 -40.41 21.16
C LYS A 484 -9.14 -39.53 22.23
N SER A 485 -7.84 -39.34 22.12
CA SER A 485 -7.06 -38.57 23.09
C SER A 485 -7.51 -37.10 23.15
N LEU A 486 -7.77 -36.55 21.99
CA LEU A 486 -8.13 -35.16 21.85
C LEU A 486 -9.57 -34.93 22.39
N TYR A 487 -10.48 -35.84 22.12
CA TYR A 487 -11.80 -35.79 22.74
C TYR A 487 -11.66 -35.84 24.30
N ALA A 488 -10.89 -36.79 24.84
CA ALA A 488 -10.64 -36.84 26.27
C ALA A 488 -10.03 -35.55 26.84
N ALA A 489 -9.01 -35.05 26.16
CA ALA A 489 -8.31 -33.83 26.55
C ALA A 489 -9.24 -32.64 26.70
N ARG A 490 -10.20 -32.52 25.81
CA ARG A 490 -11.18 -31.46 25.85
C ARG A 490 -12.10 -31.58 27.08
N GLN A 491 -12.44 -32.82 27.45
CA GLN A 491 -13.25 -33.02 28.62
C GLN A 491 -12.48 -32.67 29.89
N TYR A 492 -11.23 -33.10 29.99
CA TYR A 492 -10.42 -32.75 31.15
C TYR A 492 -10.28 -31.21 31.23
N PHE A 493 -10.01 -30.58 30.11
CA PHE A 493 -9.81 -29.16 30.02
C PHE A 493 -11.02 -28.36 30.51
N VAL A 494 -12.21 -28.72 29.99
CA VAL A 494 -13.42 -27.98 30.29
C VAL A 494 -13.80 -28.19 31.76
N GLN A 495 -13.63 -29.40 32.25
CA GLN A 495 -13.82 -29.69 33.69
C GLN A 495 -12.88 -28.87 34.58
N TRP A 496 -11.62 -28.79 34.18
CA TRP A 496 -10.64 -28.03 34.92
C TRP A 496 -11.06 -26.54 35.00
N CYS A 497 -11.48 -25.97 33.86
CA CYS A 497 -12.01 -24.60 33.80
C CYS A 497 -13.17 -24.46 34.77
N ALA A 498 -14.11 -25.42 34.79
CA ALA A 498 -15.22 -25.34 35.72
C ALA A 498 -14.74 -25.40 37.18
N ASP A 499 -13.80 -26.29 37.48
CA ASP A 499 -13.24 -26.47 38.82
C ASP A 499 -12.51 -25.21 39.31
N ARG A 500 -11.81 -24.53 38.40
CA ARG A 500 -11.05 -23.32 38.75
C ARG A 500 -11.89 -22.01 38.66
N ASN A 501 -13.17 -22.11 38.30
N ASN A 501 -13.17 -22.11 38.30
CA ASN A 501 -14.03 -20.95 38.10
CA ASN A 501 -14.02 -20.95 38.10
C ASN A 501 -13.48 -20.01 37.03
C ASN A 501 -13.48 -20.01 37.03
N PHE A 502 -12.82 -20.58 36.02
CA PHE A 502 -12.35 -19.86 34.88
C PHE A 502 -13.50 -19.60 33.90
N THR A 503 -13.23 -18.82 32.88
CA THR A 503 -14.28 -18.51 31.90
C THR A 503 -14.59 -19.77 31.06
N LYS A 504 -15.85 -19.88 30.68
CA LYS A 504 -16.33 -20.89 29.76
C LYS A 504 -15.61 -20.75 28.42
N PRO A 505 -14.95 -21.82 27.96
CA PRO A 505 -14.34 -21.78 26.62
C PRO A 505 -15.32 -21.37 25.51
N GLN A 506 -14.86 -20.59 24.52
CA GLN A 506 -15.77 -20.09 23.46
C GLN A 506 -16.53 -21.18 22.74
N ASP A 507 -15.89 -22.32 22.52
CA ASP A 507 -16.47 -23.48 21.90
C ASP A 507 -16.92 -24.57 22.92
N GLY A 508 -17.11 -24.19 24.17
CA GLY A 508 -17.29 -25.14 25.28
C GLY A 508 -18.50 -26.05 25.15
N ASP A 509 -19.61 -25.46 24.70
CA ASP A 509 -20.81 -26.24 24.44
C ASP A 509 -20.67 -27.22 23.29
N VAL A 510 -19.74 -26.98 22.36
CA VAL A 510 -19.52 -27.91 21.25
C VAL A 510 -18.50 -28.98 21.60
N ILE A 511 -17.36 -28.59 22.18
CA ILE A 511 -16.28 -29.56 22.53
C ILE A 511 -16.54 -30.40 23.79
N ALA A 512 -17.42 -29.91 24.67
CA ALA A 512 -17.78 -30.60 25.93
C ALA A 512 -19.22 -30.32 26.34
N PRO A 513 -20.19 -30.79 25.49
CA PRO A 513 -21.61 -30.56 25.76
C PRO A 513 -22.10 -31.11 27.10
N LEU A 514 -21.47 -32.17 27.64
CA LEU A 514 -21.95 -32.75 28.91
C LEU A 514 -21.28 -32.15 30.15
N ILE A 515 -20.28 -31.32 29.98
CA ILE A 515 -19.57 -30.66 31.09
C ILE A 515 -20.09 -29.21 31.36
N THR A 516 -20.35 -28.43 30.29
CA THR A 516 -20.81 -27.05 30.45
C THR A 516 -22.11 -26.80 31.24
N PRO A 517 -23.10 -27.74 31.25
CA PRO A 517 -24.32 -27.49 32.05
C PRO A 517 -24.17 -27.54 33.57
N GLN A 518 -23.16 -28.25 34.09
CA GLN A 518 -22.91 -28.32 35.58
C GLN A 518 -22.67 -26.92 36.19
N LYS A 519 -22.14 -25.99 35.39
CA LYS A 519 -21.69 -24.71 35.87
C LYS A 519 -22.73 -23.62 35.63
N LYS A 520 -23.47 -23.24 36.66
CA LYS A 520 -24.47 -22.18 36.48
C LYS A 520 -24.01 -20.78 36.16
N GLU A 521 -22.79 -20.41 36.55
CA GLU A 521 -22.17 -19.14 36.10
C GLU A 521 -22.13 -19.08 34.56
N TRP A 522 -22.10 -20.25 33.90
CA TRP A 522 -21.94 -20.36 32.43
C TRP A 522 -23.25 -20.41 31.64
N ASN A 523 -24.39 -20.61 32.32
CA ASN A 523 -25.72 -20.50 31.67
C ASN A 523 -26.84 -20.46 32.71
N ASP B 37 -2.40 32.60 13.39
CA ASP B 37 -1.35 32.54 12.31
C ASP B 37 -0.05 31.84 12.83
N THR B 38 -0.14 30.60 13.31
CA THR B 38 0.99 29.63 13.22
C THR B 38 0.68 28.54 12.17
N MET B 39 1.70 27.73 11.99
CA MET B 39 1.75 26.53 11.14
C MET B 39 0.43 25.67 11.20
N LYS B 40 -0.08 25.21 10.07
CA LYS B 40 -1.12 24.22 10.09
C LYS B 40 -0.56 22.89 9.62
N VAL B 41 -1.09 21.81 10.19
CA VAL B 41 -0.79 20.45 9.74
C VAL B 41 -2.01 19.98 8.94
N ILE B 42 -1.75 19.45 7.77
CA ILE B 42 -2.79 18.88 6.91
C ILE B 42 -2.43 17.43 6.61
N ASN B 43 -3.42 16.55 6.65
CA ASN B 43 -3.18 15.11 6.39
C ASN B 43 -3.56 14.88 4.94
N ASP B 44 -2.57 14.60 4.12
CA ASP B 44 -2.76 14.26 2.70
C ASP B 44 -2.53 12.75 2.50
N PRO B 45 -3.39 12.06 1.74
CA PRO B 45 -3.15 10.59 1.61
C PRO B 45 -1.88 10.23 0.88
N ILE B 46 -1.34 11.07 0.02
CA ILE B 46 -0.11 10.78 -0.68
C ILE B 46 1.11 11.10 0.19
N HIS B 47 1.18 12.31 0.74
CA HIS B 47 2.38 12.73 1.46
C HIS B 47 2.31 12.59 2.99
N GLY B 48 1.18 12.23 3.55
CA GLY B 48 1.03 12.16 4.99
C GLY B 48 0.82 13.56 5.54
N HIS B 49 1.31 13.77 6.75
CA HIS B 49 1.11 15.01 7.48
C HIS B 49 2.13 16.03 7.00
N ILE B 50 1.67 17.08 6.42
CA ILE B 50 2.38 18.16 5.77
C ILE B 50 2.19 19.47 6.63
N GLU B 51 3.25 20.25 6.82
CA GLU B 51 3.19 21.52 7.51
C GLU B 51 3.01 22.67 6.55
N LEU B 52 2.06 23.56 6.83
CA LEU B 52 1.89 24.76 6.02
C LEU B 52 2.19 26.03 6.83
N HIS B 53 3.19 26.76 6.39
CA HIS B 53 3.52 28.06 6.91
C HIS B 53 2.28 28.99 6.86
N PRO B 54 2.09 29.83 7.87
CA PRO B 54 0.92 30.70 7.86
C PRO B 54 0.73 31.61 6.62
N LEU B 55 1.79 31.99 5.94
CA LEU B 55 1.61 32.77 4.71
C LEU B 55 0.95 31.95 3.63
N LEU B 56 1.36 30.68 3.53
CA LEU B 56 0.76 29.75 2.58
C LEU B 56 -0.71 29.54 2.92
N VAL B 57 -1.05 29.43 4.22
CA VAL B 57 -2.42 29.29 4.64
C VAL B 57 -3.25 30.49 4.16
N ARG B 58 -2.75 31.71 4.30
CA ARG B 58 -3.42 32.92 3.83
C ARG B 58 -3.71 32.89 2.33
N ILE B 59 -2.78 32.35 1.54
CA ILE B 59 -2.97 32.19 0.10
C ILE B 59 -4.03 31.16 -0.23
N ILE B 60 -3.97 30.03 0.48
CA ILE B 60 -4.92 28.94 0.27
C ILE B 60 -6.32 29.31 0.60
N ASP B 61 -6.50 30.09 1.67
CA ASP B 61 -7.82 30.41 2.15
C ASP B 61 -8.42 31.67 1.46
N THR B 62 -8.51 31.57 0.14
CA THR B 62 -9.06 32.60 -0.77
C THR B 62 -9.97 31.93 -1.77
N PRO B 63 -10.96 32.64 -2.28
CA PRO B 63 -11.78 32.12 -3.36
C PRO B 63 -11.03 31.69 -4.59
N GLN B 64 -9.92 32.36 -4.90
CA GLN B 64 -9.11 32.05 -6.09
C GLN B 64 -8.42 30.73 -5.97
N PHE B 65 -8.01 30.38 -4.77
CA PHE B 65 -7.34 29.08 -4.57
C PHE B 65 -8.37 27.97 -4.30
N GLN B 66 -9.37 28.25 -3.49
CA GLN B 66 -10.42 27.27 -3.15
C GLN B 66 -11.20 26.77 -4.36
N ARG B 67 -11.27 27.62 -5.39
CA ARG B 67 -11.80 27.25 -6.70
C ARG B 67 -11.31 25.88 -7.22
N LEU B 68 -10.04 25.59 -6.93
CA LEU B 68 -9.44 24.36 -7.42
C LEU B 68 -10.04 23.08 -6.81
N ARG B 69 -10.83 23.23 -5.74
CA ARG B 69 -11.63 22.10 -5.21
C ARG B 69 -12.71 21.63 -6.22
N TYR B 70 -13.04 22.43 -7.23
CA TYR B 70 -14.18 22.14 -8.13
C TYR B 70 -13.71 21.91 -9.57
N ILE B 71 -12.44 21.57 -9.71
CA ILE B 71 -11.84 21.20 -11.00
C ILE B 71 -11.11 19.85 -10.89
N LYS B 72 -11.64 18.83 -11.55
CA LYS B 72 -11.03 17.51 -11.57
C LYS B 72 -9.70 17.49 -12.22
N GLN B 73 -8.73 16.84 -11.54
CA GLN B 73 -7.37 16.73 -12.08
C GLN B 73 -7.41 16.10 -13.47
N LEU B 74 -8.14 15.00 -13.62
CA LEU B 74 -8.09 14.25 -14.85
C LEU B 74 -9.33 14.43 -15.77
N GLY B 75 -10.15 15.44 -15.50
CA GLY B 75 -11.31 15.72 -16.36
C GLY B 75 -12.24 14.56 -16.62
N GLY B 76 -12.42 14.22 -17.88
CA GLY B 76 -13.32 13.12 -18.22
C GLY B 76 -12.76 11.75 -17.87
N GLY B 77 -11.49 11.67 -17.45
CA GLY B 77 -10.94 10.45 -16.95
C GLY B 77 -11.72 9.83 -15.80
N TYR B 78 -12.35 10.66 -14.99
CA TYR B 78 -13.23 10.13 -13.94
C TYR B 78 -14.38 9.26 -14.44
N TYR B 79 -14.83 9.52 -15.66
CA TYR B 79 -15.89 8.73 -16.29
C TYR B 79 -15.44 7.38 -16.85
N VAL B 80 -14.14 7.08 -16.71
CA VAL B 80 -13.53 5.76 -17.04
C VAL B 80 -12.88 5.10 -15.85
N PHE B 81 -12.21 5.89 -15.03
CA PHE B 81 -11.52 5.41 -13.82
C PHE B 81 -12.29 6.05 -12.63
N PRO B 82 -13.20 5.31 -12.00
CA PRO B 82 -14.03 5.91 -10.98
C PRO B 82 -13.35 6.30 -9.68
N GLY B 83 -12.14 5.87 -9.48
CA GLY B 83 -11.32 6.39 -8.41
C GLY B 83 -10.78 7.79 -8.65
N ALA B 84 -10.81 8.28 -9.88
CA ALA B 84 -10.14 9.55 -10.27
C ALA B 84 -11.06 10.74 -10.06
N SER B 85 -11.48 10.88 -8.82
CA SER B 85 -12.40 11.92 -8.30
C SER B 85 -11.56 13.16 -7.81
N HIS B 86 -10.23 13.02 -7.74
CA HIS B 86 -9.37 14.03 -7.19
C HIS B 86 -9.30 15.32 -8.02
N ASN B 87 -9.16 16.42 -7.28
CA ASN B 87 -9.21 17.74 -7.83
C ASN B 87 -7.87 18.43 -7.79
N ARG B 88 -7.78 19.53 -8.52
CA ARG B 88 -6.56 20.33 -8.61
C ARG B 88 -6.10 20.89 -7.28
N PHE B 89 -7.03 21.09 -6.33
CA PHE B 89 -6.70 21.65 -5.03
C PHE B 89 -5.67 20.82 -4.30
N GLU B 90 -6.00 19.56 -4.08
CA GLU B 90 -5.12 18.68 -3.29
C GLU B 90 -3.80 18.43 -4.05
N HIS B 91 -3.82 18.37 -5.37
CA HIS B 91 -2.62 18.30 -6.18
C HIS B 91 -1.72 19.50 -5.92
N SER B 92 -2.31 20.71 -5.88
CA SER B 92 -1.57 21.94 -5.63
C SER B 92 -0.92 21.92 -4.27
N LEU B 93 -1.61 21.44 -3.23
CA LEU B 93 -1.02 21.33 -1.90
C LEU B 93 0.25 20.41 -1.94
N GLY B 94 0.12 19.28 -2.63
CA GLY B 94 1.19 18.38 -2.85
C GLY B 94 2.39 18.99 -3.56
N VAL B 95 2.13 19.73 -4.63
CA VAL B 95 3.22 20.38 -5.39
C VAL B 95 3.95 21.39 -4.51
N GLY B 96 3.21 22.20 -3.79
CA GLY B 96 3.79 23.12 -2.81
C GLY B 96 4.62 22.44 -1.75
N TYR B 97 4.11 21.34 -1.23
CA TYR B 97 4.87 20.55 -0.27
C TYR B 97 6.21 20.00 -0.84
N LEU B 98 6.16 19.37 -2.01
CA LEU B 98 7.35 18.82 -2.65
C LEU B 98 8.35 19.87 -3.04
N ALA B 99 7.87 21.03 -3.51
CA ALA B 99 8.75 22.16 -3.83
C ALA B 99 9.55 22.54 -2.58
N GLY B 100 8.87 22.62 -1.45
CA GLY B 100 9.54 22.85 -0.15
C GLY B 100 10.52 21.75 0.22
N CYS B 101 10.16 20.50 0.02
CA CYS B 101 11.04 19.39 0.34
C CYS B 101 12.34 19.48 -0.47
N LEU B 102 12.25 19.79 -1.77
CA LEU B 102 13.44 19.79 -2.60
C LEU B 102 14.36 20.95 -2.22
N VAL B 103 13.79 22.14 -2.10
CA VAL B 103 14.59 23.32 -1.85
C VAL B 103 15.24 23.24 -0.45
N HIS B 104 14.51 22.77 0.55
N HIS B 104 14.51 22.77 0.55
CA HIS B 104 15.08 22.53 1.89
CA HIS B 104 15.08 22.53 1.88
C HIS B 104 16.24 21.54 1.86
C HIS B 104 16.24 21.54 1.86
N ALA B 105 16.06 20.42 1.17
CA ALA B 105 17.11 19.39 1.08
C ALA B 105 18.38 19.95 0.44
N LEU B 106 18.23 20.71 -0.63
CA LEU B 106 19.37 21.27 -1.33
C LEU B 106 20.11 22.23 -0.40
N GLY B 107 19.35 23.03 0.34
CA GLY B 107 19.95 24.02 1.27
C GLY B 107 20.60 23.41 2.49
N GLU B 108 20.03 22.33 3.03
CA GLU B 108 20.68 21.60 4.14
C GLU B 108 21.98 20.91 3.70
N LYS B 109 22.01 20.25 2.54
CA LYS B 109 23.24 19.60 2.05
C LYS B 109 24.28 20.59 1.55
N GLN B 110 23.87 21.75 1.02
CA GLN B 110 24.78 22.73 0.43
C GLN B 110 24.51 24.14 0.95
N PRO B 111 24.98 24.43 2.18
CA PRO B 111 24.77 25.78 2.69
C PRO B 111 25.44 26.86 1.87
N GLU B 112 26.46 26.53 1.08
CA GLU B 112 27.07 27.53 0.21
C GLU B 112 26.15 28.11 -0.88
N LEU B 113 25.03 27.47 -1.16
CA LEU B 113 24.05 28.01 -2.12
C LEU B 113 23.31 29.24 -1.54
N GLN B 114 23.37 29.44 -0.23
CA GLN B 114 22.77 30.60 0.45
C GLN B 114 21.27 30.63 0.27
N ILE B 115 20.63 29.47 0.27
CA ILE B 115 19.18 29.40 0.17
C ILE B 115 18.58 29.98 1.45
N SER B 116 17.77 31.01 1.35
CA SER B 116 17.20 31.67 2.50
C SER B 116 15.79 31.16 2.78
N GLU B 117 15.29 31.47 3.97
CA GLU B 117 13.91 31.12 4.31
C GLU B 117 12.93 31.83 3.36
N ARG B 118 13.28 33.03 2.96
CA ARG B 118 12.54 33.76 1.96
C ARG B 118 12.47 33.02 0.58
N ASP B 119 13.61 32.46 0.15
CA ASP B 119 13.68 31.62 -1.06
C ASP B 119 12.79 30.42 -0.91
N VAL B 120 12.85 29.75 0.25
CA VAL B 120 12.06 28.57 0.49
C VAL B 120 10.57 28.90 0.33
N LEU B 121 10.15 29.98 0.99
CA LEU B 121 8.73 30.40 0.93
C LEU B 121 8.26 30.74 -0.47
N CYS B 122 9.11 31.45 -1.23
CA CYS B 122 8.80 31.77 -2.60
C CYS B 122 8.67 30.56 -3.50
N VAL B 123 9.56 29.58 -3.32
CA VAL B 123 9.46 28.34 -4.05
C VAL B 123 8.19 27.57 -3.65
N GLN B 124 7.88 27.48 -2.37
CA GLN B 124 6.63 26.81 -1.90
C GLN B 124 5.39 27.52 -2.49
N ILE B 125 5.41 28.86 -2.58
CA ILE B 125 4.23 29.57 -3.09
C ILE B 125 4.07 29.28 -4.60
N ALA B 126 5.18 29.29 -5.35
CA ALA B 126 5.13 28.93 -6.75
C ALA B 126 4.61 27.54 -6.96
N GLY B 127 5.09 26.61 -6.16
CA GLY B 127 4.61 25.23 -6.28
C GLY B 127 3.09 25.13 -6.01
N LEU B 128 2.66 25.83 -4.96
CA LEU B 128 1.26 25.85 -4.61
C LEU B 128 0.39 26.45 -5.65
N CYS B 129 0.88 27.45 -6.35
CA CYS B 129 0.03 28.26 -7.19
C CYS B 129 0.15 27.99 -8.67
N ARG B 130 1.02 27.08 -9.08
CA ARG B 130 1.18 26.83 -10.48
C ARG B 130 0.05 26.08 -11.15
N ASN B 131 -0.93 25.59 -10.40
CA ASN B 131 -2.16 25.07 -11.04
C ASN B 131 -3.36 26.03 -11.01
N LEU B 132 -3.15 27.30 -10.64
CA LEU B 132 -4.28 28.19 -10.47
C LEU B 132 -5.04 28.49 -11.74
N GLY B 133 -4.37 28.38 -12.87
CA GLY B 133 -4.94 28.76 -14.17
C GLY B 133 -5.77 27.71 -14.88
N HIS B 134 -5.82 26.50 -14.33
CA HIS B 134 -6.63 25.45 -14.96
C HIS B 134 -8.11 25.80 -14.95
N GLY B 135 -8.78 25.35 -15.99
CA GLY B 135 -10.19 25.60 -16.23
C GLY B 135 -10.95 24.32 -16.03
N PRO B 136 -12.30 24.36 -16.26
CA PRO B 136 -13.16 23.20 -16.14
C PRO B 136 -12.57 21.97 -16.81
N PHE B 137 -12.50 20.86 -16.04
CA PHE B 137 -12.01 19.60 -16.51
C PHE B 137 -10.50 19.60 -16.93
N SER B 138 -9.73 20.52 -16.34
CA SER B 138 -8.32 20.65 -16.54
C SER B 138 -7.92 20.71 -18.02
N HIS B 139 -7.18 19.72 -18.53
CA HIS B 139 -6.71 19.78 -19.90
C HIS B 139 -7.74 19.85 -21.01
N MET B 140 -8.94 19.38 -20.77
CA MET B 140 -10.00 19.59 -21.70
C MET B 140 -10.17 21.08 -22.07
N PHE B 141 -10.07 21.95 -21.06
CA PHE B 141 -10.34 23.34 -21.25
C PHE B 141 -9.29 24.01 -22.16
N ASP B 142 -8.03 23.92 -21.79
CA ASP B 142 -6.98 24.53 -22.60
C ASP B 142 -6.50 23.68 -23.79
N GLY B 143 -6.67 22.37 -23.71
CA GLY B 143 -6.30 21.45 -24.81
C GLY B 143 -7.36 21.31 -25.90
N ARG B 144 -8.65 21.36 -25.55
CA ARG B 144 -9.69 21.17 -26.57
C ARG B 144 -10.62 22.37 -26.72
N PHE B 145 -11.15 22.86 -25.59
CA PHE B 145 -12.21 23.86 -25.69
C PHE B 145 -11.77 25.23 -26.21
N ILE B 146 -10.81 25.85 -25.55
CA ILE B 146 -10.40 27.20 -25.93
C ILE B 146 -9.82 27.21 -27.40
N PRO B 147 -8.99 26.23 -27.79
CA PRO B 147 -8.54 26.23 -29.20
C PRO B 147 -9.68 26.25 -30.20
N LEU B 148 -10.78 25.59 -29.92
CA LEU B 148 -11.92 25.62 -30.84
C LEU B 148 -12.81 26.84 -30.65
N ALA B 149 -13.07 27.28 -29.41
CA ALA B 149 -13.92 28.44 -29.18
C ALA B 149 -13.24 29.76 -29.56
N ARG B 150 -11.95 29.91 -29.26
CA ARG B 150 -11.24 31.16 -29.53
C ARG B 150 -9.96 30.80 -30.31
N PRO B 151 -10.09 30.36 -31.57
CA PRO B 151 -8.88 29.96 -32.34
C PRO B 151 -7.83 31.10 -32.50
N GLU B 152 -8.25 32.35 -32.43
CA GLU B 152 -7.34 33.49 -32.52
C GLU B 152 -6.45 33.72 -31.27
N VAL B 153 -6.76 33.14 -30.12
CA VAL B 153 -6.06 33.55 -28.91
C VAL B 153 -4.99 32.50 -28.61
N LYS B 154 -3.99 32.85 -27.82
CA LYS B 154 -2.99 31.91 -27.37
C LYS B 154 -3.15 31.78 -25.85
N TRP B 155 -3.92 30.79 -25.40
CA TRP B 155 -4.14 30.62 -24.00
C TRP B 155 -3.47 29.38 -23.51
N THR B 156 -2.79 29.47 -22.37
CA THR B 156 -2.25 28.29 -21.68
C THR B 156 -2.63 28.41 -20.21
N HIS B 157 -2.69 27.29 -19.54
CA HIS B 157 -3.01 27.26 -18.13
C HIS B 157 -1.91 27.99 -17.34
N GLU B 158 -0.66 27.94 -17.79
CA GLU B 158 0.43 28.66 -17.13
C GLU B 158 0.20 30.17 -17.13
N GLN B 159 -0.20 30.74 -18.26
CA GLN B 159 -0.56 32.17 -18.30
C GLN B 159 -1.72 32.44 -17.36
N GLY B 160 -2.72 31.58 -17.41
CA GLY B 160 -3.82 31.68 -16.46
C GLY B 160 -3.39 31.67 -15.02
N SER B 161 -2.39 30.82 -14.69
CA SER B 161 -1.88 30.73 -13.34
C SER B 161 -1.27 32.04 -12.87
N VAL B 162 -0.56 32.71 -13.75
CA VAL B 162 0.01 34.01 -13.42
C VAL B 162 -1.05 35.06 -13.20
N MET B 163 -2.01 35.12 -14.11
CA MET B 163 -3.09 36.12 -14.03
C MET B 163 -3.90 35.87 -12.76
N MET B 164 -4.18 34.60 -12.48
CA MET B 164 -4.98 34.30 -11.33
C MET B 164 -4.19 34.53 -9.98
N PHE B 165 -2.89 34.28 -9.99
CA PHE B 165 -2.03 34.60 -8.86
C PHE B 165 -2.05 36.06 -8.56
N GLU B 166 -1.95 36.88 -9.61
CA GLU B 166 -2.01 38.32 -9.45
C GLU B 166 -3.36 38.73 -8.88
N HIS B 167 -4.44 38.15 -9.42
CA HIS B 167 -5.79 38.48 -8.93
C HIS B 167 -5.92 38.05 -7.42
N LEU B 168 -5.41 36.89 -7.10
CA LEU B 168 -5.39 36.38 -5.71
C LEU B 168 -4.69 37.34 -4.74
N ILE B 169 -3.45 37.70 -5.07
CA ILE B 169 -2.63 38.63 -4.28
C ILE B 169 -3.36 39.98 -4.07
N ASN B 170 -3.85 40.57 -5.15
CA ASN B 170 -4.46 41.93 -5.07
C ASN B 170 -5.82 41.94 -4.44
N SER B 171 -6.65 40.91 -4.63
CA SER B 171 -8.00 40.91 -4.06
C SER B 171 -8.00 40.53 -2.60
N ASN B 172 -6.92 39.97 -2.05
CA ASN B 172 -6.95 39.43 -0.67
C ASN B 172 -5.93 40.10 0.27
N GLY B 173 -5.31 41.21 -0.15
CA GLY B 173 -4.34 41.91 0.68
C GLY B 173 -3.12 41.08 1.06
N ILE B 174 -2.60 40.26 0.16
CA ILE B 174 -1.50 39.39 0.53
C ILE B 174 -0.15 40.09 0.67
N LYS B 175 0.07 41.20 -0.04
CA LYS B 175 1.37 41.82 -0.05
C LYS B 175 1.85 42.27 1.35
N PRO B 176 1.00 42.93 2.14
CA PRO B 176 1.43 43.23 3.53
C PRO B 176 1.76 42.00 4.35
N VAL B 177 1.09 40.87 4.12
CA VAL B 177 1.42 39.62 4.84
C VAL B 177 2.74 39.03 4.34
N MET B 178 3.00 39.11 3.05
CA MET B 178 4.33 38.77 2.53
C MET B 178 5.43 39.58 3.24
N GLU B 179 5.21 40.89 3.36
CA GLU B 179 6.20 41.74 4.09
C GLU B 179 6.40 41.30 5.51
N GLN B 180 5.30 41.02 6.20
CA GLN B 180 5.34 40.56 7.57
C GLN B 180 6.24 39.34 7.72
N TYR B 181 6.28 38.43 6.74
CA TYR B 181 7.12 37.24 6.84
C TYR B 181 8.44 37.36 6.14
N GLY B 182 8.92 38.56 5.89
CA GLY B 182 10.24 38.79 5.33
C GLY B 182 10.36 38.79 3.81
N LEU B 183 9.28 38.64 3.07
CA LEU B 183 9.33 38.71 1.62
C LEU B 183 9.32 40.17 1.16
N ILE B 184 9.84 40.41 -0.03
CA ILE B 184 9.87 41.73 -0.68
C ILE B 184 8.95 41.61 -1.92
N PRO B 185 7.71 42.03 -1.81
CA PRO B 185 6.74 41.68 -2.85
C PRO B 185 7.10 42.03 -4.28
N GLU B 186 7.77 43.15 -4.50
CA GLU B 186 8.07 43.63 -5.87
C GLU B 186 8.90 42.49 -6.56
N GLU B 187 10.04 42.15 -5.95
CA GLU B 187 10.94 41.10 -6.43
C GLU B 187 10.34 39.71 -6.35
N ASP B 188 9.67 39.38 -5.23
CA ASP B 188 9.20 38.02 -4.96
C ASP B 188 8.00 37.61 -5.76
N ILE B 189 7.08 38.52 -5.99
CA ILE B 189 5.95 38.24 -6.89
C ILE B 189 6.49 37.95 -8.28
N CYS B 190 7.46 38.74 -8.72
CA CYS B 190 8.13 38.49 -9.99
C CYS B 190 8.75 37.09 -10.06
N PHE B 191 9.51 36.74 -9.03
CA PHE B 191 10.16 35.42 -8.92
C PHE B 191 9.14 34.31 -8.97
N ILE B 192 8.06 34.45 -8.21
CA ILE B 192 7.05 33.43 -8.20
C ILE B 192 6.40 33.26 -9.59
N LYS B 193 6.06 34.35 -10.23
CA LYS B 193 5.46 34.27 -11.57
C LYS B 193 6.45 33.67 -12.57
N GLU B 194 7.70 34.05 -12.48
CA GLU B 194 8.72 33.48 -13.36
C GLU B 194 8.89 31.99 -13.16
N GLN B 195 8.74 31.50 -11.93
CA GLN B 195 8.82 30.05 -11.69
C GLN B 195 7.67 29.31 -12.37
N ILE B 196 6.54 29.96 -12.53
CA ILE B 196 5.37 29.33 -13.12
C ILE B 196 5.38 29.40 -14.62
N VAL B 197 5.74 30.55 -15.17
CA VAL B 197 5.57 30.79 -16.63
C VAL B 197 6.90 30.91 -17.41
N GLY B 198 8.05 30.99 -16.73
CA GLY B 198 9.30 31.33 -17.40
C GLY B 198 9.52 32.82 -17.44
N PRO B 199 10.61 33.26 -18.13
CA PRO B 199 10.96 34.70 -18.21
C PRO B 199 9.77 35.53 -18.71
N LEU B 200 9.45 36.62 -18.01
CA LEU B 200 8.23 37.43 -18.25
C LEU B 200 8.34 38.34 -19.51
N GLU B 201 9.54 38.51 -20.09
CA GLU B 201 9.71 39.05 -21.46
C GLU B 201 10.73 38.24 -22.30
N LEU B 208 22.86 36.08 -21.68
CA LEU B 208 22.17 37.13 -20.93
C LEU B 208 21.13 36.40 -20.01
N TRP B 209 21.38 36.40 -18.69
CA TRP B 209 20.43 35.88 -17.69
C TRP B 209 19.04 36.53 -17.85
N PRO B 210 18.03 35.77 -18.27
CA PRO B 210 16.74 36.41 -18.59
C PRO B 210 15.75 36.65 -17.45
N TYR B 211 16.05 36.23 -16.25
CA TYR B 211 15.12 36.31 -15.13
C TYR B 211 15.43 37.55 -14.29
N LYS B 212 14.39 38.15 -13.69
CA LYS B 212 14.52 39.32 -12.83
C LYS B 212 14.24 39.06 -11.35
N GLY B 213 13.56 37.96 -11.05
CA GLY B 213 13.15 37.67 -9.69
C GLY B 213 14.30 37.28 -8.78
N ARG B 214 15.28 36.60 -9.37
CA ARG B 214 16.51 36.19 -8.67
C ARG B 214 17.69 36.28 -9.63
N PRO B 215 18.87 36.55 -9.06
CA PRO B 215 20.08 36.62 -9.93
C PRO B 215 20.62 35.24 -10.27
N GLU B 216 21.62 35.20 -11.14
CA GLU B 216 22.17 33.92 -11.69
C GLU B 216 22.67 32.96 -10.67
N ASN B 217 23.19 33.49 -9.55
CA ASN B 217 23.66 32.61 -8.48
C ASN B 217 22.56 31.81 -7.78
N LYS B 218 21.30 32.07 -8.10
CA LYS B 218 20.16 31.28 -7.60
C LYS B 218 19.44 30.59 -8.80
N SER B 219 20.14 30.42 -9.92
CA SER B 219 19.58 29.81 -11.12
C SER B 219 18.85 28.48 -10.87
N PHE B 220 19.47 27.67 -10.05
CA PHE B 220 18.93 26.38 -9.69
C PHE B 220 17.55 26.45 -9.08
N LEU B 221 17.18 27.57 -8.44
CA LEU B 221 15.82 27.63 -7.86
C LEU B 221 14.72 27.60 -8.92
N TYR B 222 15.04 27.99 -10.15
CA TYR B 222 14.06 27.90 -11.26
C TYR B 222 13.89 26.49 -11.83
N GLU B 223 14.59 25.50 -11.31
CA GLU B 223 14.44 24.12 -11.79
C GLU B 223 13.51 23.28 -10.91
N ILE B 224 12.89 23.87 -9.89
CA ILE B 224 12.15 23.07 -8.91
C ILE B 224 10.68 22.88 -9.27
N VAL B 225 10.00 23.99 -9.51
CA VAL B 225 8.56 23.98 -9.69
C VAL B 225 8.15 23.67 -11.12
N SER B 226 8.83 24.25 -12.07
CA SER B 226 8.51 23.91 -13.46
C SER B 226 9.81 24.00 -14.23
N ASN B 227 10.39 22.87 -14.53
CA ASN B 227 11.75 22.84 -15.07
C ASN B 227 11.67 22.88 -16.59
N LYS B 228 12.01 24.00 -17.15
CA LYS B 228 11.95 24.15 -18.61
C LYS B 228 13.16 23.55 -19.35
N ARG B 229 14.23 23.26 -18.66
CA ARG B 229 15.41 22.70 -19.30
C ARG B 229 15.21 21.20 -19.62
N ASN B 230 14.67 20.43 -18.68
CA ASN B 230 14.53 19.00 -18.90
C ASN B 230 13.22 18.37 -18.40
N GLY B 231 12.35 19.15 -17.74
CA GLY B 231 11.10 18.65 -17.23
C GLY B 231 11.14 17.87 -15.94
N ILE B 232 12.27 17.81 -15.26
CA ILE B 232 12.32 17.07 -14.01
C ILE B 232 11.94 18.05 -12.95
N ASP B 233 10.70 17.99 -12.48
CA ASP B 233 10.22 18.92 -11.49
C ASP B 233 9.27 18.25 -10.58
N VAL B 234 8.99 18.98 -9.47
CA VAL B 234 8.21 18.41 -8.41
C VAL B 234 6.73 18.26 -8.76
N ASP B 235 6.24 18.96 -9.75
CA ASP B 235 4.82 18.85 -10.17
C ASP B 235 4.54 17.46 -10.71
N LYS B 236 5.46 16.93 -11.52
CA LYS B 236 5.35 15.52 -11.99
C LYS B 236 5.38 14.56 -10.82
N TRP B 237 6.23 14.80 -9.85
CA TRP B 237 6.38 13.84 -8.77
C TRP B 237 5.08 13.73 -8.01
N ASP B 238 4.38 14.86 -7.83
CA ASP B 238 3.12 14.79 -7.14
C ASP B 238 2.07 14.03 -7.99
N TYR B 239 1.91 14.38 -9.26
CA TYR B 239 0.84 13.76 -10.00
C TYR B 239 1.11 12.30 -10.30
N PHE B 240 2.38 11.89 -10.49
CA PHE B 240 2.64 10.45 -10.60
C PHE B 240 2.04 9.70 -9.38
N ALA B 241 2.37 10.14 -8.17
CA ALA B 241 1.92 9.42 -6.97
C ALA B 241 0.42 9.56 -6.77
N ARG B 242 -0.11 10.77 -6.95
CA ARG B 242 -1.51 11.04 -6.68
C ARG B 242 -2.44 10.39 -7.72
N ASP B 243 -2.12 10.58 -8.98
CA ASP B 243 -2.92 9.95 -10.03
C ASP B 243 -2.93 8.43 -9.89
N CYS B 244 -1.79 7.83 -9.58
CA CYS B 244 -1.72 6.40 -9.43
C CYS B 244 -2.59 5.89 -8.27
N HIS B 245 -2.48 6.58 -7.15
CA HIS B 245 -3.31 6.25 -5.93
C HIS B 245 -4.79 6.25 -6.28
N HIS B 246 -5.24 7.22 -7.06
CA HIS B 246 -6.63 7.30 -7.40
C HIS B 246 -7.06 6.46 -8.58
N LEU B 247 -6.19 6.31 -9.60
CA LEU B 247 -6.56 5.53 -10.76
C LEU B 247 -6.64 4.03 -10.48
N GLY B 248 -5.86 3.52 -9.55
CA GLY B 248 -5.70 2.06 -9.38
C GLY B 248 -4.57 1.48 -10.24
N ILE B 249 -3.56 2.30 -10.55
CA ILE B 249 -2.31 1.88 -11.28
C ILE B 249 -1.20 2.22 -10.35
N GLN B 250 -0.18 1.40 -10.24
CA GLN B 250 0.76 1.58 -9.14
C GLN B 250 1.96 2.45 -9.59
N ASN B 251 2.43 3.38 -8.71
CA ASN B 251 3.51 4.23 -9.18
C ASN B 251 4.94 3.49 -9.14
N ASN B 252 5.78 3.46 -10.16
CA ASN B 252 7.15 2.96 -10.04
C ASN B 252 8.41 3.96 -9.95
N PHE B 253 8.13 5.24 -9.88
CA PHE B 253 9.18 6.26 -9.66
C PHE B 253 9.27 6.64 -8.16
N ASP B 254 10.48 6.76 -7.64
CA ASP B 254 10.76 7.11 -6.25
C ASP B 254 11.42 8.53 -6.19
N TYR B 255 10.59 9.52 -5.93
CA TYR B 255 11.05 10.89 -5.87
C TYR B 255 11.96 11.11 -4.65
N LYS B 256 11.69 10.41 -3.52
CA LYS B 256 12.51 10.60 -2.35
C LYS B 256 13.92 10.17 -2.59
N ARG B 257 14.10 9.10 -3.36
CA ARG B 257 15.45 8.64 -3.73
C ARG B 257 16.12 9.74 -4.55
N PHE B 258 15.37 10.29 -5.52
CA PHE B 258 15.97 11.32 -6.39
C PHE B 258 16.50 12.49 -5.52
N ILE B 259 15.68 12.93 -4.56
CA ILE B 259 16.09 14.02 -3.71
C ILE B 259 17.34 13.68 -2.90
N LYS B 260 17.47 12.47 -2.38
CA LYS B 260 18.67 12.12 -1.65
C LYS B 260 19.92 12.19 -2.54
N PHE B 261 19.78 11.93 -3.84
CA PHE B 261 20.91 11.93 -4.70
C PHE B 261 21.08 13.21 -5.53
N ALA B 262 20.31 14.25 -5.32
CA ALA B 262 20.40 15.45 -6.10
C ALA B 262 21.39 16.41 -5.43
N ARG B 263 22.09 17.19 -6.25
CA ARG B 263 22.99 18.23 -5.79
C ARG B 263 22.96 19.36 -6.81
N VAL B 264 23.41 20.55 -6.41
CA VAL B 264 23.59 21.62 -7.33
C VAL B 264 25.05 21.63 -7.75
N CYS B 265 25.32 21.71 -9.06
CA CYS B 265 26.69 21.77 -9.58
C CYS B 265 26.73 22.81 -10.69
N GLU B 266 27.91 23.34 -10.91
CA GLU B 266 28.11 24.25 -12.01
C GLU B 266 28.19 23.49 -13.33
N VAL B 267 27.32 23.82 -14.27
CA VAL B 267 27.38 23.27 -15.64
C VAL B 267 27.36 24.45 -16.64
N ASP B 268 28.36 24.50 -17.50
CA ASP B 268 28.58 25.61 -18.47
C ASP B 268 28.30 26.97 -17.79
N ASN B 269 29.01 27.25 -16.69
CA ASN B 269 28.87 28.49 -15.93
C ASN B 269 27.47 28.83 -15.36
N GLU B 270 26.62 27.82 -15.19
CA GLU B 270 25.37 28.01 -14.56
C GLU B 270 25.16 26.94 -13.48
N LEU B 271 24.59 27.33 -12.34
CA LEU B 271 24.28 26.34 -11.30
C LEU B 271 23.01 25.58 -11.66
N ARG B 272 23.08 24.26 -11.69
CA ARG B 272 21.93 23.41 -12.04
C ARG B 272 21.74 22.28 -11.07
N ILE B 273 20.52 21.76 -11.01
CA ILE B 273 20.23 20.56 -10.23
C ILE B 273 20.74 19.37 -11.03
N CYS B 274 21.70 18.62 -10.46
CA CYS B 274 22.24 17.44 -11.08
C CYS B 274 21.93 16.20 -10.27
N ALA B 275 22.10 15.04 -10.86
CA ALA B 275 21.73 13.75 -10.20
C ALA B 275 23.04 12.97 -10.14
N ARG B 276 23.11 12.04 -9.19
CA ARG B 276 24.18 11.13 -9.11
C ARG B 276 24.16 10.26 -10.44
N ASP B 277 25.35 9.95 -10.94
CA ASP B 277 25.62 9.12 -12.11
C ASP B 277 24.76 7.86 -12.16
N LYS B 278 24.67 7.15 -11.02
CA LYS B 278 23.93 5.89 -10.94
C LYS B 278 22.45 6.03 -11.04
N GLU B 279 21.89 7.24 -10.91
CA GLU B 279 20.51 7.47 -11.10
C GLU B 279 20.05 7.61 -12.57
N VAL B 280 20.96 7.52 -13.54
CA VAL B 280 20.55 7.82 -14.94
C VAL B 280 19.45 6.89 -15.45
N GLY B 281 19.59 5.63 -15.17
CA GLY B 281 18.58 4.65 -15.43
C GLY B 281 17.23 4.95 -14.84
N ASN B 282 17.20 5.43 -13.59
CA ASN B 282 15.97 5.79 -12.95
C ASN B 282 15.28 6.98 -13.63
N LEU B 283 16.07 7.86 -14.23
CA LEU B 283 15.54 9.06 -14.93
C LEU B 283 14.88 8.67 -16.25
N TYR B 284 15.53 7.80 -17.02
CA TYR B 284 14.87 7.18 -18.18
C TYR B 284 13.54 6.51 -17.74
N ASP B 285 13.55 5.78 -16.60
CA ASP B 285 12.34 5.11 -16.14
C ASP B 285 11.25 6.12 -15.78
N MET B 286 11.62 7.27 -15.22
CA MET B 286 10.67 8.29 -14.84
C MET B 286 9.86 8.80 -16.08
N PHE B 287 10.54 9.09 -17.18
CA PHE B 287 9.83 9.48 -18.44
C PHE B 287 9.06 8.36 -19.06
N HIS B 288 9.58 7.13 -18.91
CA HIS B 288 8.82 5.92 -19.29
C HIS B 288 7.51 5.81 -18.47
N THR B 289 7.58 6.10 -17.18
CA THR B 289 6.41 6.09 -16.32
C THR B 289 5.39 7.18 -16.79
N ARG B 290 5.87 8.39 -17.03
CA ARG B 290 5.00 9.42 -17.56
C ARG B 290 4.28 8.98 -18.85
N ASN B 291 5.02 8.40 -19.77
CA ASN B 291 4.47 7.94 -21.02
C ASN B 291 3.42 6.86 -20.81
N SER B 292 3.73 5.95 -19.90
CA SER B 292 2.85 4.89 -19.55
C SER B 292 1.55 5.38 -18.90
N LEU B 293 1.60 6.39 -18.05
CA LEU B 293 0.40 6.98 -17.51
C LEU B 293 -0.49 7.68 -18.61
N HIS B 294 0.18 8.35 -19.56
CA HIS B 294 -0.52 8.91 -20.74
C HIS B 294 -1.21 7.80 -21.53
N ARG B 295 -0.49 6.72 -21.79
CA ARG B 295 -1.09 5.64 -22.54
C ARG B 295 -2.28 4.96 -21.82
N ARG B 296 -2.11 4.66 -20.56
CA ARG B 296 -3.12 3.87 -19.86
C ARG B 296 -4.31 4.70 -19.45
N ALA B 297 -4.03 5.93 -19.01
CA ALA B 297 -5.06 6.76 -18.38
C ALA B 297 -5.36 8.07 -19.08
N TYR B 298 -4.38 8.96 -19.22
CA TYR B 298 -4.67 10.32 -19.64
C TYR B 298 -5.21 10.38 -21.09
N GLN B 299 -4.78 9.47 -21.94
CA GLN B 299 -5.21 9.35 -23.31
C GLN B 299 -6.05 8.13 -23.56
N HIS B 300 -6.71 7.63 -22.54
CA HIS B 300 -7.63 6.50 -22.68
C HIS B 300 -8.62 6.89 -23.78
N LYS B 301 -8.91 5.98 -24.69
CA LYS B 301 -9.77 6.32 -25.83
C LYS B 301 -11.21 6.73 -25.47
N VAL B 302 -11.76 6.21 -24.40
CA VAL B 302 -13.06 6.61 -23.97
C VAL B 302 -13.01 7.83 -23.17
N GLY B 303 -11.99 7.97 -22.32
CA GLY B 303 -11.82 9.25 -21.63
C GLY B 303 -11.72 10.46 -22.60
N ASN B 304 -10.99 10.25 -23.69
CA ASN B 304 -10.82 11.30 -24.68
C ASN B 304 -12.16 11.63 -25.40
N ILE B 305 -12.94 10.61 -25.73
CA ILE B 305 -14.18 10.83 -26.42
C ILE B 305 -15.19 11.54 -25.47
N ILE B 306 -15.13 11.25 -24.18
CA ILE B 306 -15.97 11.95 -23.22
C ILE B 306 -15.55 13.43 -23.14
N ASP B 307 -14.25 13.72 -23.10
CA ASP B 307 -13.77 15.08 -23.08
C ASP B 307 -14.20 15.83 -24.40
N THR B 308 -14.19 15.13 -25.54
CA THR B 308 -14.65 15.65 -26.79
C THR B 308 -16.14 16.02 -26.75
N MET B 309 -16.93 15.11 -26.14
CA MET B 309 -18.39 15.35 -26.07
C MET B 309 -18.69 16.50 -25.11
N ILE B 310 -17.99 16.56 -23.98
CA ILE B 310 -18.17 17.68 -23.04
C ILE B 310 -17.78 19.00 -23.75
N THR B 311 -16.66 19.00 -24.47
CA THR B 311 -16.21 20.18 -25.19
C THR B 311 -17.28 20.66 -26.21
N ASP B 312 -17.89 19.71 -26.88
CA ASP B 312 -18.93 19.98 -27.85
C ASP B 312 -20.18 20.60 -27.15
N ALA B 313 -20.56 20.08 -25.98
CA ALA B 313 -21.66 20.67 -25.22
C ALA B 313 -21.29 22.10 -24.79
N PHE B 314 -20.06 22.33 -24.32
CA PHE B 314 -19.64 23.67 -23.95
C PHE B 314 -19.71 24.64 -25.14
N LEU B 315 -19.28 24.20 -26.32
CA LEU B 315 -19.36 25.03 -27.52
C LEU B 315 -20.79 25.40 -27.90
N LYS B 316 -21.69 24.44 -27.77
CA LYS B 316 -23.12 24.72 -28.02
C LYS B 316 -23.78 25.55 -26.93
N ALA B 317 -23.23 25.54 -25.73
CA ALA B 317 -23.75 26.34 -24.59
C ALA B 317 -23.17 27.77 -24.58
N ASP B 318 -22.06 27.97 -25.31
CA ASP B 318 -21.20 29.12 -25.08
C ASP B 318 -21.93 30.46 -25.33
N ASP B 319 -22.82 30.49 -26.30
CA ASP B 319 -23.57 31.74 -26.53
C ASP B 319 -24.54 32.10 -25.41
N TYR B 320 -24.89 31.18 -24.52
CA TYR B 320 -26.04 31.34 -23.62
C TYR B 320 -25.73 31.34 -22.13
N ILE B 321 -24.65 30.74 -21.69
CA ILE B 321 -24.28 30.76 -20.28
C ILE B 321 -23.65 32.14 -20.01
N GLU B 322 -23.97 32.74 -18.86
CA GLU B 322 -23.39 34.02 -18.42
C GLU B 322 -22.60 33.82 -17.14
N ILE B 323 -21.38 34.35 -17.10
CA ILE B 323 -20.58 34.40 -15.90
C ILE B 323 -20.32 35.87 -15.63
N THR B 324 -20.71 36.32 -14.44
CA THR B 324 -20.48 37.69 -14.06
C THR B 324 -19.08 37.95 -13.54
N GLY B 325 -18.43 38.98 -14.05
CA GLY B 325 -17.09 39.38 -13.67
C GLY B 325 -16.98 40.77 -13.09
N ALA B 326 -15.81 41.39 -13.19
CA ALA B 326 -15.58 42.68 -12.58
C ALA B 326 -16.56 43.69 -13.14
N GLY B 327 -17.02 44.59 -12.27
CA GLY B 327 -18.00 45.62 -12.62
C GLY B 327 -19.36 45.10 -13.06
N GLY B 328 -19.75 43.87 -12.72
CA GLY B 328 -20.95 43.27 -13.30
C GLY B 328 -20.96 43.00 -14.82
N LYS B 329 -19.85 43.17 -15.55
CA LYS B 329 -19.80 42.73 -16.93
C LYS B 329 -20.03 41.18 -17.04
N LYS B 330 -20.70 40.78 -18.11
CA LYS B 330 -21.01 39.40 -18.37
C LYS B 330 -20.00 38.82 -19.33
N TYR B 331 -19.60 37.58 -19.03
CA TYR B 331 -18.70 36.83 -19.85
C TYR B 331 -19.35 35.51 -20.24
N ARG B 332 -18.75 34.85 -21.20
CA ARG B 332 -19.13 33.52 -21.56
C ARG B 332 -18.08 32.56 -21.11
N ILE B 333 -18.36 31.28 -21.28
CA ILE B 333 -17.40 30.24 -20.98
C ILE B 333 -16.06 30.52 -21.69
N SER B 334 -16.16 30.92 -22.96
CA SER B 334 -14.96 31.15 -23.77
C SER B 334 -14.25 32.49 -23.46
N THR B 335 -14.97 33.47 -22.90
CA THR B 335 -14.34 34.76 -22.60
C THR B 335 -14.06 35.00 -21.12
N ALA B 336 -14.40 34.03 -20.26
CA ALA B 336 -14.10 34.19 -18.84
C ALA B 336 -12.61 34.28 -18.59
N ILE B 337 -11.81 33.72 -19.51
CA ILE B 337 -10.33 33.79 -19.41
C ILE B 337 -9.79 35.21 -19.49
N ASP B 338 -10.62 36.15 -19.92
CA ASP B 338 -10.23 37.54 -20.03
C ASP B 338 -10.50 38.35 -18.76
N ASP B 339 -11.08 37.77 -17.72
CA ASP B 339 -11.43 38.52 -16.53
C ASP B 339 -11.35 37.57 -15.33
N MET B 340 -10.38 37.77 -14.45
CA MET B 340 -10.13 36.81 -13.40
C MET B 340 -11.27 36.70 -12.37
N GLU B 341 -12.05 37.77 -12.19
CA GLU B 341 -13.21 37.67 -11.34
C GLU B 341 -14.24 36.67 -11.92
N ALA B 342 -14.48 36.73 -13.21
CA ALA B 342 -15.36 35.73 -13.87
C ALA B 342 -14.72 34.34 -13.83
N TYR B 343 -13.43 34.27 -14.15
CA TYR B 343 -12.74 32.99 -14.24
C TYR B 343 -12.75 32.25 -12.90
N THR B 344 -12.69 33.00 -11.81
CA THR B 344 -12.81 32.47 -10.46
C THR B 344 -14.05 31.60 -10.30
N LYS B 345 -15.12 31.94 -11.01
CA LYS B 345 -16.39 31.23 -10.95
C LYS B 345 -16.65 30.26 -12.11
N LEU B 346 -15.59 29.85 -12.81
CA LEU B 346 -15.65 28.94 -13.93
C LEU B 346 -14.93 27.65 -13.56
N THR B 347 -15.75 26.65 -13.22
CA THR B 347 -15.29 25.36 -12.71
C THR B 347 -16.09 24.26 -13.36
N ASP B 348 -15.86 23.03 -12.88
CA ASP B 348 -16.61 21.88 -13.38
C ASP B 348 -18.11 22.04 -13.19
N ASN B 349 -18.57 22.93 -12.31
CA ASN B 349 -19.96 23.29 -12.19
C ASN B 349 -20.66 23.63 -13.51
N ILE B 350 -19.94 24.17 -14.48
CA ILE B 350 -20.54 24.44 -15.80
C ILE B 350 -21.22 23.25 -16.43
N PHE B 351 -20.63 22.08 -16.28
CA PHE B 351 -21.22 20.84 -16.76
C PHE B 351 -22.61 20.65 -16.15
N LEU B 352 -22.72 20.79 -14.86
CA LEU B 352 -24.01 20.59 -14.16
C LEU B 352 -25.00 21.74 -14.42
N GLU B 353 -24.50 22.98 -14.54
CA GLU B 353 -25.34 24.10 -14.93
C GLU B 353 -25.99 23.76 -16.29
N ILE B 354 -25.25 23.21 -17.23
CA ILE B 354 -25.82 22.81 -18.50
C ILE B 354 -26.75 21.62 -18.34
N LEU B 355 -26.32 20.56 -17.63
CA LEU B 355 -27.11 19.33 -17.51
C LEU B 355 -28.47 19.60 -16.84
N TYR B 356 -28.51 20.53 -15.88
CA TYR B 356 -29.71 20.80 -15.11
C TYR B 356 -30.53 21.96 -15.67
N SER B 357 -30.04 22.64 -16.69
CA SER B 357 -30.76 23.77 -17.28
C SER B 357 -32.12 23.36 -17.85
N THR B 358 -33.02 24.34 -17.90
CA THR B 358 -34.30 24.19 -18.60
C THR B 358 -34.44 25.17 -19.78
N ASP B 359 -33.62 26.21 -19.85
CA ASP B 359 -33.61 27.12 -20.97
C ASP B 359 -33.67 26.37 -22.35
N PRO B 360 -34.65 26.67 -23.20
CA PRO B 360 -34.66 25.99 -24.53
C PRO B 360 -33.41 26.26 -25.37
N LYS B 361 -32.77 27.41 -25.19
CA LYS B 361 -31.54 27.70 -25.92
C LYS B 361 -30.38 26.73 -25.57
N LEU B 362 -30.42 26.13 -24.39
CA LEU B 362 -29.39 25.15 -23.95
C LEU B 362 -29.72 23.72 -24.27
N LYS B 363 -30.83 23.50 -24.96
CA LYS B 363 -31.33 22.16 -25.21
C LYS B 363 -30.30 21.27 -25.97
N ASP B 364 -29.63 21.81 -26.97
CA ASP B 364 -28.69 21.04 -27.70
C ASP B 364 -27.48 20.64 -26.85
N ALA B 365 -26.94 21.59 -26.10
CA ALA B 365 -25.85 21.35 -25.21
C ALA B 365 -26.24 20.30 -24.14
N ARG B 366 -27.41 20.51 -23.53
CA ARG B 366 -27.95 19.60 -22.53
C ARG B 366 -28.14 18.20 -23.10
N GLU B 367 -28.59 18.07 -24.34
CA GLU B 367 -28.78 16.74 -24.93
C GLU B 367 -27.47 15.92 -25.05
N ILE B 368 -26.39 16.59 -25.42
CA ILE B 368 -25.07 15.92 -25.46
C ILE B 368 -24.68 15.37 -24.06
N LEU B 369 -24.81 16.18 -23.02
CA LEU B 369 -24.51 15.73 -21.67
C LEU B 369 -25.41 14.62 -21.22
N LYS B 370 -26.68 14.67 -21.57
CA LYS B 370 -27.62 13.55 -21.29
C LYS B 370 -27.20 12.24 -21.97
N GLN B 371 -26.70 12.33 -23.20
CA GLN B 371 -26.17 11.15 -23.83
C GLN B 371 -24.95 10.56 -23.14
N ILE B 372 -24.10 11.43 -22.59
CA ILE B 372 -23.01 10.93 -21.77
C ILE B 372 -23.55 10.12 -20.59
N GLU B 373 -24.58 10.63 -19.89
CA GLU B 373 -25.16 9.90 -18.76
C GLU B 373 -25.74 8.56 -19.11
N TYR B 374 -26.39 8.47 -20.27
CA TYR B 374 -26.91 7.19 -20.75
C TYR B 374 -25.85 6.30 -21.35
N ARG B 375 -24.61 6.80 -21.42
CA ARG B 375 -23.51 6.11 -22.03
C ARG B 375 -23.74 5.85 -23.49
N ASN B 376 -24.48 6.76 -24.18
CA ASN B 376 -24.62 6.70 -25.62
C ASN B 376 -23.46 7.53 -26.21
N LEU B 377 -22.27 6.96 -26.18
CA LEU B 377 -21.04 7.65 -26.55
C LEU B 377 -20.74 7.38 -28.02
N PHE B 378 -20.06 8.32 -28.65
CA PHE B 378 -19.50 8.10 -30.01
C PHE B 378 -18.65 6.83 -29.92
N LYS B 379 -18.66 5.99 -30.95
CA LYS B 379 -18.02 4.70 -30.90
C LYS B 379 -16.60 4.77 -31.46
N TYR B 380 -15.70 4.12 -30.75
CA TYR B 380 -14.31 3.94 -31.17
C TYR B 380 -14.23 3.02 -32.38
N VAL B 381 -13.59 3.47 -33.45
CA VAL B 381 -13.44 2.71 -34.67
C VAL B 381 -12.05 2.01 -34.73
N GLY B 382 -11.02 2.75 -34.34
CA GLY B 382 -9.66 2.25 -34.32
C GLY B 382 -8.59 3.32 -34.12
N GLU B 383 -7.36 2.86 -34.18
CA GLU B 383 -6.17 3.64 -33.88
C GLU B 383 -5.09 3.25 -34.89
N THR B 384 -4.31 4.26 -35.27
CA THR B 384 -3.21 4.08 -36.21
C THR B 384 -2.16 5.14 -35.85
N GLN B 385 -0.98 5.02 -36.44
CA GLN B 385 0.09 5.97 -36.28
C GLN B 385 0.65 6.32 -37.65
N PRO B 386 1.06 7.59 -37.83
CA PRO B 386 1.94 7.81 -38.96
C PRO B 386 3.28 7.04 -38.88
N THR B 387 3.84 6.85 -40.06
CA THR B 387 5.03 6.10 -40.31
C THR B 387 6.16 7.12 -40.61
N GLY B 388 7.17 7.14 -39.78
CA GLY B 388 8.39 7.91 -40.06
C GLY B 388 8.49 9.19 -39.25
N GLN B 389 9.18 10.17 -39.83
CA GLN B 389 9.19 11.52 -39.31
C GLN B 389 7.86 12.23 -39.54
N ILE B 390 6.95 11.67 -40.37
CA ILE B 390 5.61 12.28 -40.67
C ILE B 390 4.95 12.77 -39.35
N LYS B 391 4.59 14.07 -39.30
CA LYS B 391 4.04 14.65 -38.13
C LYS B 391 2.95 15.65 -38.47
N ILE B 392 1.72 15.23 -38.20
CA ILE B 392 0.52 15.96 -38.61
C ILE B 392 0.35 17.18 -37.74
N LYS B 393 0.24 18.36 -38.36
CA LYS B 393 0.11 19.64 -37.62
C LYS B 393 -1.35 19.97 -37.41
N ARG B 394 -1.62 20.80 -36.40
CA ARG B 394 -2.96 21.23 -36.03
C ARG B 394 -3.81 21.75 -37.21
N GLU B 395 -3.20 22.50 -38.09
CA GLU B 395 -3.91 23.10 -39.22
C GLU B 395 -4.45 22.03 -40.19
N ASP B 396 -3.92 20.80 -40.16
CA ASP B 396 -4.46 19.71 -41.03
C ASP B 396 -5.50 18.82 -40.33
N TYR B 397 -5.76 19.05 -39.04
CA TYR B 397 -6.71 18.21 -38.27
C TYR B 397 -8.09 18.17 -38.89
N GLU B 398 -8.58 19.31 -39.35
CA GLU B 398 -9.88 19.48 -40.00
C GLU B 398 -9.99 18.67 -41.28
N SER B 399 -8.92 18.47 -42.06
CA SER B 399 -9.04 17.66 -43.24
C SER B 399 -9.21 16.16 -42.96
N LEU B 400 -8.94 15.69 -41.76
CA LEU B 400 -8.86 14.23 -41.51
C LEU B 400 -10.25 13.54 -41.55
N PRO B 401 -11.27 14.10 -40.89
CA PRO B 401 -12.61 13.42 -41.00
C PRO B 401 -13.09 13.33 -42.44
N LYS B 402 -12.78 14.36 -43.24
CA LYS B 402 -13.11 14.39 -44.66
C LYS B 402 -12.40 13.26 -45.41
N GLU B 403 -11.09 13.09 -45.12
CA GLU B 403 -10.35 12.03 -45.80
C GLU B 403 -10.90 10.66 -45.48
N VAL B 404 -11.23 10.41 -44.22
CA VAL B 404 -11.75 9.10 -43.82
C VAL B 404 -13.05 8.82 -44.58
N ALA B 405 -13.95 9.80 -44.57
CA ALA B 405 -15.24 9.70 -45.27
C ALA B 405 -15.11 9.54 -46.80
N SER B 406 -14.07 10.12 -47.37
CA SER B 406 -13.82 9.96 -48.84
C SER B 406 -13.06 8.71 -49.22
N ALA B 407 -12.53 7.91 -48.28
CA ALA B 407 -11.87 6.66 -48.64
C ALA B 407 -12.84 5.75 -49.38
N LYS B 408 -12.33 5.01 -50.37
CA LYS B 408 -13.19 4.18 -51.23
C LYS B 408 -12.83 2.75 -50.97
N PRO B 409 -13.39 2.17 -49.89
CA PRO B 409 -13.08 0.76 -49.58
C PRO B 409 -13.83 -0.10 -50.66
N LYS B 410 -13.21 -1.14 -51.21
CA LYS B 410 -13.83 -1.78 -52.43
C LYS B 410 -14.71 -2.96 -51.99
N VAL B 411 -15.82 -2.62 -51.36
CA VAL B 411 -16.63 -3.51 -50.53
C VAL B 411 -18.05 -2.99 -50.66
N LEU B 412 -19.02 -3.90 -50.60
CA LEU B 412 -20.44 -3.50 -50.64
C LEU B 412 -20.82 -2.83 -49.31
N LEU B 413 -21.21 -1.56 -49.35
CA LEU B 413 -21.67 -0.85 -48.16
C LEU B 413 -23.14 -0.47 -48.31
N ASP B 414 -23.94 -0.78 -47.28
CA ASP B 414 -25.36 -0.36 -47.17
C ASP B 414 -25.39 1.15 -46.89
N VAL B 415 -24.89 1.51 -45.72
CA VAL B 415 -24.88 2.89 -45.24
C VAL B 415 -23.67 3.64 -45.81
N LYS B 416 -23.87 4.93 -46.03
CA LYS B 416 -22.79 5.85 -46.34
C LYS B 416 -22.68 6.85 -45.23
N LEU B 417 -21.44 7.17 -44.88
CA LEU B 417 -21.16 8.07 -43.78
C LEU B 417 -20.62 9.34 -44.36
N LYS B 418 -20.78 10.42 -43.63
CA LYS B 418 -20.28 11.73 -44.02
C LYS B 418 -19.18 12.18 -43.12
N ALA B 419 -18.47 13.22 -43.56
CA ALA B 419 -17.34 13.79 -42.78
C ALA B 419 -17.72 14.11 -41.34
N GLU B 420 -18.89 14.72 -41.16
CA GLU B 420 -19.40 15.09 -39.84
C GLU B 420 -19.73 13.89 -38.92
N ASP B 421 -19.89 12.68 -39.46
CA ASP B 421 -20.03 11.45 -38.66
C ASP B 421 -18.71 10.91 -38.02
N PHE B 422 -17.55 11.43 -38.41
CA PHE B 422 -16.27 10.95 -37.93
C PHE B 422 -15.67 11.98 -36.99
N ILE B 423 -15.07 11.50 -35.90
CA ILE B 423 -14.13 12.28 -35.13
C ILE B 423 -12.72 11.67 -35.29
N VAL B 424 -11.75 12.53 -35.50
CA VAL B 424 -10.35 12.13 -35.66
C VAL B 424 -9.57 12.88 -34.60
N ASP B 425 -9.06 12.12 -33.61
CA ASP B 425 -8.38 12.70 -32.50
C ASP B 425 -6.87 12.38 -32.67
N VAL B 426 -6.06 13.43 -32.78
CA VAL B 426 -4.64 13.31 -33.01
C VAL B 426 -3.97 13.56 -31.62
N ILE B 427 -3.17 12.60 -31.13
CA ILE B 427 -2.53 12.75 -29.84
C ILE B 427 -1.02 12.71 -29.98
N ASN B 428 -0.35 13.69 -29.39
CA ASN B 428 1.10 13.79 -29.46
C ASN B 428 1.65 13.17 -28.17
N MET B 429 2.46 12.14 -28.29
CA MET B 429 3.01 11.43 -27.15
C MET B 429 4.51 11.70 -27.22
N ASP B 430 5.09 12.31 -26.20
CA ASP B 430 6.54 12.54 -26.20
C ASP B 430 7.13 12.59 -24.76
N TYR B 431 8.45 12.74 -24.65
CA TYR B 431 9.15 12.84 -23.35
C TYR B 431 9.28 14.28 -22.81
N GLY B 432 8.40 15.17 -23.30
CA GLY B 432 8.25 16.51 -22.77
C GLY B 432 9.11 17.53 -23.46
N MET B 433 9.95 17.16 -24.43
CA MET B 433 10.80 18.10 -25.13
C MET B 433 10.75 17.87 -26.63
N GLN B 434 9.50 17.69 -27.10
CA GLN B 434 9.24 17.41 -28.51
C GLN B 434 10.08 16.16 -28.92
N GLU B 435 10.92 16.27 -29.94
N GLU B 435 10.92 16.27 -29.94
CA GLU B 435 11.70 15.18 -30.48
CA GLU B 435 11.70 15.13 -30.45
C GLU B 435 12.97 14.86 -29.65
C GLU B 435 12.97 14.84 -29.64
N LYS B 436 13.28 15.67 -28.62
CA LYS B 436 14.52 15.58 -27.93
C LYS B 436 14.43 14.60 -26.71
N ASN B 437 15.58 14.02 -26.39
CA ASN B 437 15.74 13.12 -25.25
C ASN B 437 16.03 14.07 -24.05
N PRO B 438 15.14 14.14 -23.08
CA PRO B 438 15.37 15.03 -21.95
C PRO B 438 16.57 14.68 -21.11
N ILE B 439 16.95 13.39 -21.11
CA ILE B 439 18.14 12.96 -20.33
C ILE B 439 19.43 13.50 -20.86
N ASP B 440 19.46 13.86 -22.16
CA ASP B 440 20.60 14.63 -22.68
C ASP B 440 20.71 16.03 -22.09
N HIS B 441 19.69 16.53 -21.42
CA HIS B 441 19.69 17.85 -20.79
C HIS B 441 19.73 17.77 -19.26
N VAL B 442 20.20 16.62 -18.72
CA VAL B 442 20.45 16.45 -17.29
C VAL B 442 21.96 16.28 -17.20
N SER B 443 22.50 16.72 -16.11
CA SER B 443 23.86 16.61 -15.78
C SER B 443 24.04 15.72 -14.51
N PHE B 444 25.15 14.96 -14.44
CA PHE B 444 25.35 13.98 -13.43
C PHE B 444 26.68 14.11 -12.76
N TYR B 445 26.83 13.64 -11.53
CA TYR B 445 28.12 13.72 -10.79
C TYR B 445 28.42 12.37 -10.22
N CYS B 446 29.70 12.11 -9.98
N CYS B 446 29.71 12.09 -10.04
CA CYS B 446 30.06 10.85 -9.33
CA CYS B 446 30.09 10.86 -9.36
C CYS B 446 30.55 11.11 -7.91
C CYS B 446 30.54 11.11 -7.92
N LYS B 447 30.41 10.10 -7.08
CA LYS B 447 30.57 10.29 -5.64
C LYS B 447 31.93 10.76 -5.24
N THR B 448 32.97 10.37 -5.93
CA THR B 448 34.28 10.86 -5.54
C THR B 448 34.64 12.27 -6.11
N ALA B 449 33.79 12.92 -6.93
CA ALA B 449 34.03 14.26 -7.43
C ALA B 449 32.67 14.94 -7.61
N PRO B 450 32.01 15.25 -6.46
CA PRO B 450 30.69 15.67 -6.52
C PRO B 450 30.41 17.07 -7.09
N ASN B 451 31.44 17.87 -7.26
CA ASN B 451 31.38 19.18 -7.82
C ASN B 451 31.71 19.18 -9.31
N ARG B 452 31.98 18.02 -9.93
CA ARG B 452 32.12 18.00 -11.34
C ARG B 452 30.91 17.35 -12.08
N ALA B 453 30.15 18.14 -12.78
CA ALA B 453 28.96 17.60 -13.48
C ALA B 453 29.38 17.13 -14.82
N ILE B 454 28.82 16.04 -15.32
CA ILE B 454 29.10 15.54 -16.67
C ILE B 454 27.83 15.08 -17.34
N ARG B 455 27.90 14.77 -18.61
CA ARG B 455 26.80 14.20 -19.35
C ARG B 455 26.99 12.70 -19.46
N ILE B 456 25.87 12.03 -19.56
CA ILE B 456 25.86 10.59 -19.83
C ILE B 456 24.99 10.39 -21.08
N THR B 457 25.52 9.73 -22.09
CA THR B 457 24.76 9.52 -23.30
C THR B 457 23.88 8.29 -23.20
N LYS B 458 22.89 8.22 -24.06
CA LYS B 458 22.01 7.07 -24.14
C LYS B 458 22.68 5.71 -24.30
N ASN B 459 23.63 5.62 -25.22
CA ASN B 459 24.36 4.35 -25.42
C ASN B 459 25.30 3.95 -24.27
N GLN B 460 25.69 4.89 -23.43
CA GLN B 460 26.41 4.56 -22.20
C GLN B 460 25.49 3.91 -21.18
N VAL B 461 24.18 4.04 -21.31
CA VAL B 461 23.28 3.52 -20.30
C VAL B 461 22.76 2.14 -20.69
N SER B 462 22.23 2.00 -21.93
CA SER B 462 21.59 0.75 -22.32
C SER B 462 21.24 0.83 -23.78
N GLN B 463 21.31 -0.32 -24.46
CA GLN B 463 20.87 -0.47 -25.81
C GLN B 463 19.38 -0.70 -25.92
N LEU B 464 18.71 -0.91 -24.79
CA LEU B 464 17.30 -1.23 -24.78
C LEU B 464 16.40 0.00 -24.61
N LEU B 465 16.95 1.21 -24.69
CA LEU B 465 16.20 2.42 -24.44
C LEU B 465 15.48 2.86 -25.75
N PRO B 466 14.56 3.82 -25.68
CA PRO B 466 13.86 4.23 -26.90
C PRO B 466 14.78 4.73 -28.00
N GLU B 467 14.49 4.53 -29.27
CA GLU B 467 15.23 5.25 -30.32
C GLU B 467 14.63 6.57 -30.73
N LYS B 468 13.39 6.82 -30.40
CA LYS B 468 12.71 8.09 -30.67
C LYS B 468 12.04 8.49 -29.39
N PHE B 469 11.79 9.80 -29.27
CA PHE B 469 11.17 10.37 -28.11
C PHE B 469 9.86 11.13 -28.34
N ALA B 470 9.33 11.04 -29.55
CA ALA B 470 8.01 11.65 -29.85
C ALA B 470 7.31 10.84 -30.88
N GLU B 471 6.02 10.72 -30.75
CA GLU B 471 5.21 10.07 -31.82
C GLU B 471 3.79 10.59 -31.74
N GLN B 472 2.97 10.20 -32.69
CA GLN B 472 1.56 10.60 -32.72
C GLN B 472 0.67 9.40 -32.76
N LEU B 473 -0.40 9.40 -31.97
CA LEU B 473 -1.48 8.40 -32.13
C LEU B 473 -2.68 9.09 -32.79
N ILE B 474 -3.35 8.38 -33.67
CA ILE B 474 -4.54 8.92 -34.31
C ILE B 474 -5.69 7.95 -33.99
N ARG B 475 -6.72 8.44 -33.32
CA ARG B 475 -7.90 7.62 -33.02
C ARG B 475 -9.06 8.13 -33.84
N VAL B 476 -9.83 7.21 -34.39
CA VAL B 476 -11.02 7.55 -35.14
C VAL B 476 -12.24 6.98 -34.41
N TYR B 477 -13.31 7.77 -34.40
CA TYR B 477 -14.59 7.44 -33.83
C TYR B 477 -15.74 7.81 -34.78
N CYS B 478 -16.88 7.11 -34.61
CA CYS B 478 -18.06 7.32 -35.42
C CYS B 478 -19.24 7.78 -34.53
N LYS B 479 -19.91 8.84 -34.90
CA LYS B 479 -21.11 9.31 -34.20
C LYS B 479 -22.34 8.47 -34.45
N LYS B 480 -22.33 7.66 -35.51
CA LYS B 480 -23.43 6.79 -35.82
C LYS B 480 -23.08 5.46 -35.18
N VAL B 481 -23.98 4.93 -34.33
CA VAL B 481 -23.62 3.85 -33.41
C VAL B 481 -24.20 2.47 -33.72
N ASP B 482 -25.10 2.37 -34.68
CA ASP B 482 -25.66 1.07 -35.05
C ASP B 482 -24.61 0.15 -35.71
N ARG B 483 -24.85 -1.16 -35.73
CA ARG B 483 -23.93 -2.13 -36.30
C ARG B 483 -23.59 -1.91 -37.80
N LYS B 484 -24.57 -1.56 -38.60
CA LYS B 484 -24.32 -1.23 -40.03
C LYS B 484 -23.29 -0.09 -40.18
N SER B 485 -23.54 1.01 -39.47
CA SER B 485 -22.71 2.21 -39.54
C SER B 485 -21.28 1.93 -39.09
N LEU B 486 -21.17 1.17 -38.03
CA LEU B 486 -19.90 0.87 -37.40
C LEU B 486 -19.08 -0.09 -38.28
N TYR B 487 -19.72 -1.07 -38.88
CA TYR B 487 -19.08 -1.89 -39.89
C TYR B 487 -18.54 -1.00 -41.06
N ALA B 488 -19.37 -0.10 -41.60
CA ALA B 488 -18.93 0.76 -42.68
C ALA B 488 -17.75 1.65 -42.23
N ALA B 489 -17.87 2.24 -41.05
CA ALA B 489 -16.84 3.12 -40.46
C ALA B 489 -15.47 2.45 -40.41
N ARG B 490 -15.46 1.19 -40.06
CA ARG B 490 -14.23 0.39 -39.98
C ARG B 490 -13.61 0.20 -41.35
N GLN B 491 -14.45 0.03 -42.39
CA GLN B 491 -13.91 -0.12 -43.73
C GLN B 491 -13.30 1.18 -44.22
N TYR B 492 -14.00 2.31 -43.98
CA TYR B 492 -13.46 3.60 -44.36
C TYR B 492 -12.11 3.83 -43.63
N PHE B 493 -12.10 3.56 -42.35
CA PHE B 493 -10.94 3.77 -41.51
C PHE B 493 -9.71 3.00 -42.00
N VAL B 494 -9.90 1.70 -42.25
CA VAL B 494 -8.78 0.84 -42.61
C VAL B 494 -8.27 1.19 -44.00
N GLN B 495 -9.19 1.51 -44.90
CA GLN B 495 -8.80 2.00 -46.24
C GLN B 495 -7.99 3.30 -46.12
N TRP B 496 -8.44 4.22 -45.29
CA TRP B 496 -7.76 5.47 -45.11
C TRP B 496 -6.33 5.25 -44.61
N CYS B 497 -6.16 4.39 -43.59
CA CYS B 497 -4.84 4.00 -43.11
C CYS B 497 -3.98 3.46 -44.25
N ALA B 498 -4.53 2.59 -45.09
CA ALA B 498 -3.77 2.05 -46.23
C ALA B 498 -3.40 3.16 -47.21
N ASP B 499 -4.33 4.06 -47.51
CA ASP B 499 -4.10 5.20 -48.43
C ASP B 499 -3.02 6.15 -47.90
N ARG B 500 -3.01 6.38 -46.60
CA ARG B 500 -2.04 7.30 -45.98
C ARG B 500 -0.70 6.62 -45.59
N ASN B 501 -0.57 5.32 -45.85
CA ASN B 501 0.61 4.57 -45.46
C ASN B 501 0.85 4.62 -43.95
N PHE B 502 -0.23 4.69 -43.16
CA PHE B 502 -0.17 4.62 -41.75
C PHE B 502 -0.02 3.18 -41.28
N THR B 503 0.20 3.00 -39.98
CA THR B 503 0.36 1.65 -39.47
C THR B 503 -0.99 0.86 -39.53
N LYS B 504 -0.89 -0.42 -39.80
CA LYS B 504 -1.99 -1.33 -39.80
C LYS B 504 -2.68 -1.34 -38.41
N PRO B 505 -3.98 -1.04 -38.38
CA PRO B 505 -4.69 -1.15 -37.07
C PRO B 505 -4.58 -2.57 -36.44
N GLN B 506 -4.49 -2.63 -35.13
CA GLN B 506 -4.21 -3.91 -34.44
C GLN B 506 -5.22 -4.97 -34.72
N ASP B 507 -6.48 -4.59 -34.86
CA ASP B 507 -7.57 -5.50 -35.19
C ASP B 507 -7.97 -5.49 -36.70
N GLY B 508 -7.10 -4.97 -37.56
CA GLY B 508 -7.40 -4.73 -38.94
C GLY B 508 -7.86 -5.95 -39.76
N ASP B 509 -7.23 -7.09 -39.53
CA ASP B 509 -7.64 -8.32 -40.18
C ASP B 509 -8.99 -8.82 -39.74
N VAL B 510 -9.45 -8.44 -38.54
CA VAL B 510 -10.78 -8.84 -38.09
C VAL B 510 -11.84 -7.84 -38.53
N ILE B 511 -11.61 -6.54 -38.33
CA ILE B 511 -12.62 -5.50 -38.65
C ILE B 511 -12.74 -5.18 -40.15
N ALA B 512 -11.71 -5.49 -40.94
CA ALA B 512 -11.68 -5.24 -42.39
C ALA B 512 -10.88 -6.30 -43.15
N PRO B 513 -11.37 -7.57 -43.12
CA PRO B 513 -10.68 -8.66 -43.78
C PRO B 513 -10.51 -8.48 -45.32
N LEU B 514 -11.39 -7.71 -45.98
CA LEU B 514 -11.25 -7.47 -47.40
C LEU B 514 -10.26 -6.33 -47.79
N ILE B 515 -9.90 -5.48 -46.84
CA ILE B 515 -9.09 -4.30 -47.06
C ILE B 515 -7.59 -4.53 -46.72
N THR B 516 -7.29 -5.20 -45.60
CA THR B 516 -5.88 -5.42 -45.16
C THR B 516 -4.95 -6.21 -46.16
N PRO B 517 -5.49 -7.13 -47.01
CA PRO B 517 -4.60 -7.81 -47.98
C PRO B 517 -4.06 -6.95 -49.12
N GLN B 518 -4.75 -5.86 -49.49
CA GLN B 518 -4.28 -4.94 -50.58
C GLN B 518 -2.88 -4.33 -50.25
N LYS B 519 -2.56 -4.20 -48.95
CA LYS B 519 -1.40 -3.50 -48.51
C LYS B 519 -0.25 -4.47 -48.19
N LYS B 520 0.70 -4.62 -49.12
CA LYS B 520 1.82 -5.52 -48.85
C LYS B 520 2.81 -5.14 -47.74
N GLU B 521 2.94 -3.84 -47.43
CA GLU B 521 3.70 -3.42 -46.25
C GLU B 521 3.13 -4.05 -44.97
N TRP B 522 1.86 -4.45 -44.97
CA TRP B 522 1.15 -5.00 -43.80
C TRP B 522 1.16 -6.51 -43.67
N ASN B 523 1.61 -7.22 -44.72
CA ASN B 523 1.85 -8.69 -44.61
C ASN B 523 2.79 -9.20 -45.71
N ASP C 37 -24.17 -5.84 -25.20
CA ASP C 37 -24.55 -6.18 -23.78
C ASP C 37 -23.79 -7.44 -23.26
N THR C 38 -22.46 -7.37 -23.20
CA THR C 38 -21.69 -8.28 -22.30
C THR C 38 -21.12 -7.48 -21.10
N MET C 39 -20.54 -8.29 -20.22
CA MET C 39 -19.80 -7.90 -19.02
C MET C 39 -18.87 -6.63 -19.23
N LYS C 40 -18.84 -5.69 -18.32
CA LYS C 40 -17.82 -4.68 -18.35
C LYS C 40 -16.85 -4.93 -17.18
N VAL C 41 -15.60 -4.60 -17.41
CA VAL C 41 -14.56 -4.54 -16.40
C VAL C 41 -14.33 -3.10 -16.06
N ILE C 42 -14.33 -2.82 -14.76
CA ILE C 42 -14.06 -1.47 -14.23
C ILE C 42 -12.85 -1.58 -13.29
N ASN C 43 -11.94 -0.62 -13.38
CA ASN C 43 -10.75 -0.62 -12.47
C ASN C 43 -11.08 0.32 -11.33
N ASP C 44 -11.24 -0.25 -10.15
CA ASP C 44 -11.44 0.53 -8.92
C ASP C 44 -10.17 0.49 -8.07
N PRO C 45 -9.73 1.62 -7.50
CA PRO C 45 -8.51 1.54 -6.69
C PRO C 45 -8.58 0.69 -5.45
N ILE C 46 -9.73 0.52 -4.85
CA ILE C 46 -9.88 -0.30 -3.66
C ILE C 46 -9.98 -1.79 -4.03
N HIS C 47 -10.87 -2.15 -4.94
CA HIS C 47 -11.10 -3.56 -5.22
C HIS C 47 -10.39 -4.10 -6.47
N GLY C 48 -9.70 -3.27 -7.22
CA GLY C 48 -9.04 -3.73 -8.46
C GLY C 48 -10.06 -3.82 -9.57
N HIS C 49 -9.83 -4.74 -10.46
CA HIS C 49 -10.67 -4.98 -11.63
C HIS C 49 -11.85 -5.79 -11.23
N ILE C 50 -13.01 -5.22 -11.37
CA ILE C 50 -14.34 -5.71 -10.97
C ILE C 50 -15.14 -6.00 -12.26
N GLU C 51 -15.89 -7.10 -12.29
CA GLU C 51 -16.78 -7.42 -13.43
C GLU C 51 -18.17 -6.95 -13.15
N LEU C 52 -18.79 -6.25 -14.10
CA LEU C 52 -20.20 -5.87 -13.99
C LEU C 52 -21.05 -6.57 -15.02
N HIS C 53 -22.00 -7.36 -14.53
CA HIS C 53 -22.99 -8.01 -15.37
C HIS C 53 -23.74 -6.96 -16.20
N PRO C 54 -24.08 -7.26 -17.45
CA PRO C 54 -24.75 -6.25 -18.27
C PRO C 54 -26.05 -5.65 -17.68
N LEU C 55 -26.80 -6.38 -16.88
CA LEU C 55 -27.99 -5.77 -16.25
C LEU C 55 -27.57 -4.65 -15.29
N LEU C 56 -26.50 -4.89 -14.53
CA LEU C 56 -25.98 -3.85 -13.65
C LEU C 56 -25.49 -2.64 -14.43
N VAL C 57 -24.86 -2.86 -15.57
CA VAL C 57 -24.40 -1.77 -16.42
C VAL C 57 -25.61 -0.90 -16.85
N ARG C 58 -26.71 -1.54 -17.28
CA ARG C 58 -27.93 -0.81 -17.63
C ARG C 58 -28.50 0.07 -16.48
N ILE C 59 -28.39 -0.42 -15.26
CA ILE C 59 -28.83 0.34 -14.08
C ILE C 59 -27.89 1.53 -13.81
N ILE C 60 -26.61 1.28 -13.91
CA ILE C 60 -25.61 2.30 -13.68
C ILE C 60 -25.67 3.43 -14.68
N ASP C 61 -25.94 3.09 -15.93
CA ASP C 61 -25.88 4.09 -16.99
C ASP C 61 -27.26 4.83 -17.19
N THR C 62 -27.72 5.42 -16.08
CA THR C 62 -28.93 6.20 -15.99
C THR C 62 -28.62 7.49 -15.27
N PRO C 63 -29.40 8.55 -15.55
CA PRO C 63 -29.22 9.80 -14.79
C PRO C 63 -29.44 9.61 -13.28
N GLN C 64 -30.29 8.68 -12.87
CA GLN C 64 -30.57 8.44 -11.47
C GLN C 64 -29.39 7.88 -10.73
N PHE C 65 -28.62 7.04 -11.39
CA PHE C 65 -27.42 6.48 -10.78
C PHE C 65 -26.20 7.37 -10.94
N GLN C 66 -26.01 7.92 -12.13
CA GLN C 66 -24.87 8.80 -12.43
C GLN C 66 -24.83 10.07 -11.55
N ARG C 67 -26.00 10.47 -11.08
CA ARG C 67 -26.13 11.53 -10.08
C ARG C 67 -25.17 11.39 -8.89
N LEU C 68 -24.88 10.16 -8.50
CA LEU C 68 -24.06 9.89 -7.35
C LEU C 68 -22.58 10.30 -7.57
N ARG C 69 -22.20 10.58 -8.83
CA ARG C 69 -20.90 11.18 -9.12
C ARG C 69 -20.77 12.60 -8.55
N TYR C 70 -21.86 13.26 -8.17
CA TYR C 70 -21.84 14.69 -7.77
C TYR C 70 -22.26 14.87 -6.31
N ILE C 71 -22.13 13.79 -5.53
CA ILE C 71 -22.37 13.79 -4.10
C ILE C 71 -21.17 13.18 -3.35
N LYS C 72 -20.46 14.04 -2.58
CA LYS C 72 -19.33 13.59 -1.81
C LYS C 72 -19.71 12.65 -0.72
N GLN C 73 -18.97 11.53 -0.62
CA GLN C 73 -19.20 10.56 0.40
C GLN C 73 -19.18 11.20 1.79
N LEU C 74 -18.14 12.00 2.05
CA LEU C 74 -17.93 12.54 3.36
C LEU C 74 -18.33 14.01 3.52
N GLY C 75 -19.10 14.56 2.59
CA GLY C 75 -19.61 15.94 2.75
C GLY C 75 -18.59 16.99 3.06
N GLY C 76 -18.75 17.68 4.18
CA GLY C 76 -17.79 18.74 4.50
C GLY C 76 -16.44 18.20 4.99
N GLY C 77 -16.32 16.88 5.18
CA GLY C 77 -15.07 16.28 5.51
C GLY C 77 -13.96 16.57 4.51
N TYR C 78 -14.32 16.76 3.26
CA TYR C 78 -13.32 17.16 2.27
C TYR C 78 -12.64 18.50 2.58
N TYR C 79 -13.34 19.39 3.29
CA TYR C 79 -12.79 20.66 3.72
C TYR C 79 -11.80 20.57 4.89
N VAL C 80 -11.60 19.37 5.43
CA VAL C 80 -10.60 19.07 6.46
C VAL C 80 -9.57 18.03 6.00
N PHE C 81 -10.04 17.01 5.30
CA PHE C 81 -9.18 15.94 4.76
C PHE C 81 -9.21 16.12 3.22
N PRO C 82 -8.19 16.72 2.66
CA PRO C 82 -8.24 17.07 1.23
C PRO C 82 -8.14 15.89 0.26
N GLY C 83 -7.78 14.72 0.74
CA GLY C 83 -7.93 13.50 -0.01
C GLY C 83 -9.33 13.02 -0.16
N ALA C 84 -10.29 13.50 0.65
CA ALA C 84 -11.66 12.92 0.75
C ALA C 84 -12.60 13.55 -0.28
N SER C 85 -12.17 13.43 -1.53
CA SER C 85 -12.83 13.97 -2.73
C SER C 85 -13.82 12.93 -3.32
N HIS C 86 -13.81 11.70 -2.79
CA HIS C 86 -14.58 10.59 -3.33
C HIS C 86 -16.09 10.76 -3.14
N ASN C 87 -16.81 10.25 -4.12
CA ASN C 87 -18.22 10.40 -4.24
C ASN C 87 -18.97 9.09 -4.01
N ARG C 88 -20.28 9.23 -3.83
CA ARG C 88 -21.14 8.09 -3.60
C ARG C 88 -21.17 7.07 -4.75
N PHE C 89 -20.90 7.53 -5.96
CA PHE C 89 -20.90 6.66 -7.13
C PHE C 89 -19.95 5.45 -6.98
N GLU C 90 -18.68 5.79 -6.75
CA GLU C 90 -17.65 4.75 -6.68
C GLU C 90 -17.86 3.85 -5.46
N HIS C 91 -18.34 4.44 -4.34
CA HIS C 91 -18.71 3.67 -3.19
C HIS C 91 -19.80 2.65 -3.52
N SER C 92 -20.81 3.06 -4.29
CA SER C 92 -21.89 2.21 -4.72
C SER C 92 -21.43 1.06 -5.54
N LEU C 93 -20.53 1.30 -6.48
CA LEU C 93 -19.93 0.20 -7.28
C LEU C 93 -19.25 -0.83 -6.34
N GLY C 94 -18.50 -0.34 -5.38
CA GLY C 94 -17.86 -1.16 -4.40
C GLY C 94 -18.79 -2.01 -3.57
N VAL C 95 -19.89 -1.40 -3.10
CA VAL C 95 -20.90 -2.12 -2.29
C VAL C 95 -21.52 -3.23 -3.13
N GLY C 96 -21.89 -2.92 -4.36
CA GLY C 96 -22.40 -3.93 -5.30
C GLY C 96 -21.43 -5.06 -5.54
N TYR C 97 -20.14 -4.72 -5.73
CA TYR C 97 -19.14 -5.74 -5.91
C TYR C 97 -19.01 -6.69 -4.66
N LEU C 98 -18.90 -6.10 -3.47
CA LEU C 98 -18.76 -6.87 -2.25
C LEU C 98 -19.99 -7.72 -1.93
N ALA C 99 -21.19 -7.17 -2.22
CA ALA C 99 -22.43 -7.95 -2.03
C ALA C 99 -22.35 -9.23 -2.88
N GLY C 100 -21.91 -9.08 -4.13
CA GLY C 100 -21.66 -10.21 -5.02
C GLY C 100 -20.61 -11.18 -4.49
N CYS C 101 -19.51 -10.68 -3.95
CA CYS C 101 -18.47 -11.52 -3.39
C CYS C 101 -19.02 -12.37 -2.24
N LEU C 102 -19.81 -11.78 -1.34
CA LEU C 102 -20.27 -12.53 -0.20
C LEU C 102 -21.28 -13.61 -0.61
N VAL C 103 -22.24 -13.23 -1.42
CA VAL C 103 -23.30 -14.16 -1.79
C VAL C 103 -22.72 -15.32 -2.64
N HIS C 104 -21.80 -15.02 -3.55
CA HIS C 104 -21.10 -16.07 -4.33
C HIS C 104 -20.34 -17.03 -3.45
N ALA C 105 -19.58 -16.49 -2.49
CA ALA C 105 -18.80 -17.34 -1.59
C ALA C 105 -19.68 -18.29 -0.78
N LEU C 106 -20.80 -17.77 -0.27
CA LEU C 106 -21.71 -18.58 0.51
C LEU C 106 -22.24 -19.74 -0.34
N GLY C 107 -22.59 -19.40 -1.58
CA GLY C 107 -23.17 -20.39 -2.51
C GLY C 107 -22.18 -21.45 -2.98
N GLU C 108 -20.92 -21.04 -3.20
CA GLU C 108 -19.87 -22.01 -3.54
C GLU C 108 -19.55 -22.97 -2.37
N LYS C 109 -19.43 -22.48 -1.15
CA LYS C 109 -19.14 -23.35 -0.01
C LYS C 109 -20.36 -24.19 0.42
N GLN C 110 -21.59 -23.72 0.19
CA GLN C 110 -22.78 -24.36 0.67
C GLN C 110 -23.84 -24.47 -0.45
N PRO C 111 -23.65 -25.43 -1.37
CA PRO C 111 -24.64 -25.58 -2.43
C PRO C 111 -26.03 -25.94 -1.91
N GLU C 112 -26.13 -26.53 -0.73
CA GLU C 112 -27.45 -26.81 -0.17
C GLU C 112 -28.32 -25.57 0.13
N LEU C 113 -27.74 -24.37 0.15
CA LEU C 113 -28.54 -23.14 0.31
C LEU C 113 -29.36 -22.82 -0.95
N GLN C 114 -29.02 -23.42 -2.08
CA GLN C 114 -29.69 -23.23 -3.37
C GLN C 114 -29.67 -21.80 -3.80
N ILE C 115 -28.55 -21.10 -3.56
CA ILE C 115 -28.43 -19.74 -4.03
C ILE C 115 -28.39 -19.75 -5.56
N SER C 116 -29.29 -19.02 -6.20
CA SER C 116 -29.37 -19.01 -7.64
C SER C 116 -28.65 -17.80 -8.23
N GLU C 117 -28.42 -17.87 -9.54
CA GLU C 117 -27.81 -16.71 -10.25
C GLU C 117 -28.74 -15.49 -10.13
N ARG C 118 -30.05 -15.76 -10.15
CA ARG C 118 -31.03 -14.74 -9.92
C ARG C 118 -30.88 -14.03 -8.52
N ASP C 119 -30.66 -14.85 -7.49
CA ASP C 119 -30.37 -14.35 -6.13
C ASP C 119 -29.11 -13.50 -6.13
N VAL C 120 -28.07 -13.98 -6.79
CA VAL C 120 -26.83 -13.25 -6.84
C VAL C 120 -27.03 -11.86 -7.46
N LEU C 121 -27.71 -11.83 -8.60
CA LEU C 121 -27.97 -10.56 -9.29
C LEU C 121 -28.81 -9.59 -8.46
N CYS C 122 -29.82 -10.10 -7.80
CA CYS C 122 -30.66 -9.28 -6.95
C CYS C 122 -29.90 -8.71 -5.76
N VAL C 123 -29.03 -9.51 -5.14
CA VAL C 123 -28.19 -9.03 -4.09
C VAL C 123 -27.20 -7.95 -4.62
N GLN C 124 -26.56 -8.21 -5.77
CA GLN C 124 -25.67 -7.19 -6.40
C GLN C 124 -26.41 -5.90 -6.69
N ILE C 125 -27.66 -5.98 -7.19
CA ILE C 125 -28.40 -4.76 -7.50
C ILE C 125 -28.72 -3.98 -6.23
N ALA C 126 -29.15 -4.66 -5.18
CA ALA C 126 -29.43 -3.99 -3.88
C ALA C 126 -28.16 -3.32 -3.35
N GLY C 127 -27.04 -4.02 -3.43
CA GLY C 127 -25.80 -3.43 -2.99
C GLY C 127 -25.45 -2.16 -3.80
N LEU C 128 -25.63 -2.25 -5.13
CA LEU C 128 -25.37 -1.13 -5.97
C LEU C 128 -26.24 0.05 -5.72
N CYS C 129 -27.48 -0.21 -5.33
CA CYS C 129 -28.49 0.85 -5.30
C CYS C 129 -28.82 1.37 -3.94
N ARG C 130 -28.22 0.84 -2.90
CA ARG C 130 -28.59 1.29 -1.58
C ARG C 130 -28.07 2.65 -1.21
N ASN C 131 -27.22 3.27 -2.01
CA ASN C 131 -26.87 4.68 -1.79
C ASN C 131 -27.61 5.67 -2.71
N LEU C 132 -28.63 5.24 -3.44
CA LEU C 132 -29.26 6.14 -4.39
C LEU C 132 -29.97 7.32 -3.76
N GLY C 133 -30.43 7.16 -2.52
CA GLY C 133 -31.22 8.16 -1.82
C GLY C 133 -30.44 9.26 -1.11
N HIS C 134 -29.10 9.21 -1.13
CA HIS C 134 -28.33 10.27 -0.54
C HIS C 134 -28.51 11.59 -1.23
N GLY C 135 -28.47 12.67 -0.45
CA GLY C 135 -28.65 14.02 -0.94
C GLY C 135 -27.35 14.75 -0.88
N PRO C 136 -27.36 16.06 -1.23
CA PRO C 136 -26.17 16.89 -1.21
C PRO C 136 -25.35 16.73 0.10
N PHE C 137 -24.07 16.44 -0.06
CA PHE C 137 -23.13 16.27 1.04
C PHE C 137 -23.45 15.08 1.97
N SER C 138 -24.15 14.08 1.41
CA SER C 138 -24.47 12.84 2.09
C SER C 138 -25.13 13.06 3.45
N HIS C 139 -24.47 12.67 4.55
CA HIS C 139 -25.11 12.80 5.86
C HIS C 139 -25.53 14.17 6.35
N MET C 140 -24.91 15.20 5.85
CA MET C 140 -25.39 16.53 6.09
C MET C 140 -26.88 16.70 5.73
N PHE C 141 -27.27 16.13 4.59
CA PHE C 141 -28.61 16.30 4.08
C PHE C 141 -29.65 15.65 4.96
N ASP C 142 -29.52 14.35 5.22
CA ASP C 142 -30.52 13.67 6.05
C ASP C 142 -30.25 13.79 7.56
N GLY C 143 -29.02 14.03 7.95
CA GLY C 143 -28.64 14.22 9.38
C GLY C 143 -28.87 15.63 9.91
N ARG C 144 -28.66 16.66 9.09
CA ARG C 144 -28.83 18.04 9.59
C ARG C 144 -29.91 18.82 8.85
N PHE C 145 -29.87 18.81 7.51
CA PHE C 145 -30.72 19.73 6.74
C PHE C 145 -32.23 19.40 6.79
N ILE C 146 -32.59 18.20 6.39
CA ILE C 146 -33.99 17.82 6.35
C ILE C 146 -34.64 17.89 7.77
N PRO C 147 -33.97 17.40 8.83
CA PRO C 147 -34.60 17.57 10.16
C PRO C 147 -34.96 18.98 10.49
N LEU C 148 -34.13 19.96 10.08
CA LEU C 148 -34.48 21.34 10.33
C LEU C 148 -35.45 21.95 9.31
N ALA C 149 -35.31 21.63 8.03
CA ALA C 149 -36.16 22.21 7.01
C ALA C 149 -37.55 21.59 7.02
N ARG C 150 -37.68 20.28 7.23
CA ARG C 150 -38.99 19.63 7.21
C ARG C 150 -39.13 18.82 8.52
N PRO C 151 -39.25 19.51 9.67
CA PRO C 151 -39.31 18.78 10.95
C PRO C 151 -40.51 17.79 11.06
N GLU C 152 -41.58 18.01 10.32
CA GLU C 152 -42.73 17.12 10.31
C GLU C 152 -42.51 15.77 9.61
N VAL C 153 -41.49 15.61 8.80
CA VAL C 153 -41.43 14.42 7.95
C VAL C 153 -40.40 13.50 8.59
N LYS C 154 -40.46 12.22 8.30
CA LYS C 154 -39.45 11.27 8.78
C LYS C 154 -38.71 10.74 7.57
N TRP C 155 -37.60 11.36 7.23
CA TRP C 155 -36.91 11.05 5.98
C TRP C 155 -35.58 10.40 6.35
N THR C 156 -35.27 9.33 5.62
CA THR C 156 -34.00 8.64 5.70
C THR C 156 -33.52 8.45 4.26
N HIS C 157 -32.21 8.35 4.14
CA HIS C 157 -31.61 8.08 2.86
C HIS C 157 -32.07 6.72 2.32
N GLU C 158 -32.32 5.75 3.19
CA GLU C 158 -32.83 4.43 2.79
C GLU C 158 -34.20 4.53 2.09
N GLN C 159 -35.12 5.30 2.64
CA GLN C 159 -36.42 5.54 1.96
C GLN C 159 -36.19 6.22 0.63
N GLY C 160 -35.34 7.23 0.62
CA GLY C 160 -34.94 7.85 -0.65
C GLY C 160 -34.38 6.86 -1.66
N SER C 161 -33.58 5.91 -1.19
CA SER C 161 -33.01 4.88 -2.07
C SER C 161 -34.07 4.03 -2.73
N VAL C 162 -35.11 3.68 -1.98
CA VAL C 162 -36.23 2.93 -2.53
C VAL C 162 -37.00 3.73 -3.58
N MET C 163 -37.28 4.98 -3.24
CA MET C 163 -38.05 5.85 -4.14
C MET C 163 -37.24 6.08 -5.41
N MET C 164 -35.94 6.32 -5.25
CA MET C 164 -35.12 6.59 -6.39
C MET C 164 -34.90 5.32 -7.29
N PHE C 165 -34.80 4.16 -6.64
CA PHE C 165 -34.71 2.89 -7.37
C PHE C 165 -35.94 2.68 -8.21
N GLU C 166 -37.11 2.94 -7.64
CA GLU C 166 -38.36 2.84 -8.37
C GLU C 166 -38.38 3.78 -9.55
N HIS C 167 -37.99 5.03 -9.30
CA HIS C 167 -37.96 6.03 -10.40
C HIS C 167 -36.95 5.56 -11.52
N LEU C 168 -35.81 5.07 -11.11
CA LEU C 168 -34.78 4.53 -12.05
C LEU C 168 -35.34 3.39 -12.93
N ILE C 169 -35.92 2.39 -12.30
CA ILE C 169 -36.55 1.25 -12.98
C ILE C 169 -37.61 1.71 -13.99
N ASN C 170 -38.54 2.56 -13.55
CA ASN C 170 -39.68 2.95 -14.40
C ASN C 170 -39.32 3.94 -15.49
N SER C 171 -38.39 4.85 -15.26
CA SER C 171 -38.01 5.82 -16.26
C SER C 171 -37.08 5.25 -17.32
N ASN C 172 -36.44 4.11 -17.07
CA ASN C 172 -35.41 3.60 -18.00
C ASN C 172 -35.76 2.22 -18.61
N GLY C 173 -36.99 1.77 -18.47
CA GLY C 173 -37.47 0.50 -19.02
C GLY C 173 -36.71 -0.70 -18.50
N ILE C 174 -36.35 -0.74 -17.23
CA ILE C 174 -35.49 -1.81 -16.74
C ILE C 174 -36.20 -3.15 -16.57
N LYS C 175 -37.51 -3.14 -16.35
CA LYS C 175 -38.21 -4.41 -16.04
C LYS C 175 -38.08 -5.46 -17.15
N PRO C 176 -38.31 -5.08 -18.43
CA PRO C 176 -38.08 -6.10 -19.48
C PRO C 176 -36.62 -6.57 -19.57
N VAL C 177 -35.64 -5.75 -19.22
CA VAL C 177 -34.23 -6.22 -19.17
C VAL C 177 -33.99 -7.17 -18.00
N MET C 178 -34.58 -6.89 -16.84
CA MET C 178 -34.61 -7.85 -15.76
C MET C 178 -35.16 -9.21 -16.23
N GLU C 179 -36.30 -9.19 -16.92
CA GLU C 179 -36.88 -10.45 -17.45
C GLU C 179 -35.90 -11.18 -18.37
N GLN C 180 -35.28 -10.43 -19.26
CA GLN C 180 -34.33 -10.99 -20.20
C GLN C 180 -33.21 -11.74 -19.49
N TYR C 181 -32.78 -11.27 -18.32
CA TYR C 181 -31.72 -11.97 -17.57
C TYR C 181 -32.20 -12.92 -16.51
N GLY C 182 -33.43 -13.37 -16.59
CA GLY C 182 -33.98 -14.36 -15.69
C GLY C 182 -34.57 -13.87 -14.37
N LEU C 183 -34.65 -12.58 -14.16
CA LEU C 183 -35.32 -12.04 -12.97
C LEU C 183 -36.84 -12.02 -13.18
N ILE C 184 -37.59 -12.05 -12.10
CA ILE C 184 -39.04 -11.92 -12.09
C ILE C 184 -39.36 -10.57 -11.41
N PRO C 185 -39.59 -9.52 -12.21
CA PRO C 185 -39.55 -8.18 -11.62
C PRO C 185 -40.47 -7.93 -10.43
N GLU C 186 -41.65 -8.51 -10.42
CA GLU C 186 -42.66 -8.25 -9.37
C GLU C 186 -42.00 -8.65 -8.03
N GLU C 187 -41.58 -9.93 -7.93
CA GLU C 187 -40.92 -10.45 -6.72
C GLU C 187 -39.54 -9.82 -6.46
N ASP C 188 -38.74 -9.65 -7.51
CA ASP C 188 -37.35 -9.23 -7.35
C ASP C 188 -37.16 -7.77 -7.05
N ILE C 189 -37.99 -6.91 -7.62
CA ILE C 189 -37.98 -5.51 -7.24
C ILE C 189 -38.33 -5.40 -5.75
N CYS C 190 -39.32 -6.15 -5.32
CA CYS C 190 -39.69 -6.19 -3.90
C CYS C 190 -38.49 -6.64 -3.03
N PHE C 191 -37.83 -7.73 -3.40
CA PHE C 191 -36.67 -8.26 -2.68
C PHE C 191 -35.57 -7.22 -2.61
N ILE C 192 -35.29 -6.55 -3.73
CA ILE C 192 -34.26 -5.54 -3.73
C ILE C 192 -34.60 -4.40 -2.78
N LYS C 193 -35.84 -3.90 -2.86
CA LYS C 193 -36.25 -2.82 -1.96
C LYS C 193 -36.20 -3.25 -0.49
N GLU C 194 -36.64 -4.47 -0.22
CA GLU C 194 -36.58 -4.99 1.17
C GLU C 194 -35.14 -5.07 1.66
N GLN C 195 -34.18 -5.41 0.79
CA GLN C 195 -32.79 -5.47 1.24
C GLN C 195 -32.27 -4.10 1.62
N ILE C 196 -32.81 -3.04 1.00
CA ILE C 196 -32.35 -1.70 1.26
C ILE C 196 -32.98 -1.11 2.48
N VAL C 197 -34.31 -1.28 2.61
CA VAL C 197 -35.08 -0.57 3.64
C VAL C 197 -35.66 -1.44 4.75
N GLY C 198 -35.60 -2.76 4.65
CA GLY C 198 -36.31 -3.64 5.58
C GLY C 198 -37.70 -3.95 5.09
N PRO C 199 -38.49 -4.71 5.90
CA PRO C 199 -39.85 -5.15 5.52
C PRO C 199 -40.71 -3.97 5.07
N LEU C 200 -41.35 -4.10 3.89
CA LEU C 200 -42.10 -2.99 3.25
C LEU C 200 -43.46 -2.68 3.91
N GLU C 201 -43.96 -3.58 4.78
CA GLU C 201 -45.08 -3.30 5.69
C GLU C 201 -44.79 -3.90 7.10
N LEU C 208 -43.52 -14.72 12.68
CA LEU C 208 -44.18 -14.39 11.44
C LEU C 208 -43.09 -13.75 10.50
N TRP C 209 -42.64 -14.51 9.48
CA TRP C 209 -41.62 -14.04 8.50
C TRP C 209 -42.16 -12.75 7.81
N PRO C 210 -41.53 -11.60 8.08
CA PRO C 210 -42.12 -10.34 7.56
C PRO C 210 -41.78 -9.94 6.11
N TYR C 211 -40.93 -10.68 5.43
CA TYR C 211 -40.47 -10.27 4.09
C TYR C 211 -41.31 -11.00 3.01
N LYS C 212 -41.50 -10.36 1.86
CA LYS C 212 -42.20 -10.96 0.73
C LYS C 212 -41.35 -11.29 -0.48
N GLY C 213 -40.17 -10.71 -0.56
CA GLY C 213 -39.31 -10.86 -1.74
C GLY C 213 -38.71 -12.24 -1.86
N ARG C 214 -38.40 -12.82 -0.72
CA ARG C 214 -37.86 -14.17 -0.61
C ARG C 214 -38.45 -14.85 0.63
N PRO C 215 -38.59 -16.20 0.54
CA PRO C 215 -39.11 -16.95 1.71
C PRO C 215 -38.03 -17.18 2.76
N GLU C 216 -38.42 -17.73 3.90
CA GLU C 216 -37.54 -17.90 5.08
C GLU C 216 -36.29 -18.68 4.83
N ASN C 217 -36.33 -19.64 3.91
CA ASN C 217 -35.13 -20.44 3.61
C ASN C 217 -34.03 -19.64 2.91
N LYS C 218 -34.30 -18.40 2.53
CA LYS C 218 -33.28 -17.51 1.99
C LYS C 218 -33.08 -16.28 2.93
N SER C 219 -33.44 -16.45 4.20
CA SER C 219 -33.35 -15.38 5.20
C SER C 219 -31.99 -14.71 5.23
N PHE C 220 -30.95 -15.56 5.14
CA PHE C 220 -29.59 -15.09 5.15
C PHE C 220 -29.29 -14.06 4.08
N LEU C 221 -30.01 -14.08 2.95
CA LEU C 221 -29.75 -13.08 1.90
C LEU C 221 -29.99 -11.65 2.35
N TYR C 222 -30.88 -11.47 3.35
CA TYR C 222 -31.15 -10.12 3.89
C TYR C 222 -30.05 -9.59 4.84
N GLU C 223 -29.00 -10.38 5.11
CA GLU C 223 -27.94 -9.95 6.01
C GLU C 223 -26.70 -9.43 5.27
N ILE C 224 -26.75 -9.33 3.93
CA ILE C 224 -25.59 -8.99 3.13
C ILE C 224 -25.44 -7.50 2.92
N VAL C 225 -26.50 -6.86 2.39
CA VAL C 225 -26.42 -5.49 1.93
C VAL C 225 -26.64 -4.47 3.05
N SER C 226 -27.62 -4.71 3.89
CA SER C 226 -27.85 -3.85 5.00
C SER C 226 -28.36 -4.70 6.15
N ASN C 227 -27.50 -5.03 7.08
CA ASN C 227 -27.81 -6.03 8.09
C ASN C 227 -28.44 -5.35 9.30
N LYS C 228 -29.72 -5.50 9.45
CA LYS C 228 -30.44 -4.88 10.54
C LYS C 228 -30.34 -5.68 11.84
N ARG C 229 -29.89 -6.91 11.83
CA ARG C 229 -29.77 -7.71 13.05
C ARG C 229 -28.55 -7.24 13.87
N ASN C 230 -27.43 -7.03 13.22
CA ASN C 230 -26.18 -6.67 13.92
C ASN C 230 -25.27 -5.64 13.26
N GLY C 231 -25.61 -5.18 12.06
CA GLY C 231 -24.83 -4.19 11.35
C GLY C 231 -23.63 -4.71 10.58
N ILE C 232 -23.40 -6.02 10.53
CA ILE C 232 -22.27 -6.52 9.83
C ILE C 232 -22.64 -6.68 8.38
N ASP C 233 -22.26 -5.73 7.53
CA ASP C 233 -22.65 -5.80 6.12
C ASP C 233 -21.60 -5.24 5.23
N VAL C 234 -21.77 -5.52 3.94
CA VAL C 234 -20.79 -5.15 2.96
C VAL C 234 -20.65 -3.66 2.67
N ASP C 235 -21.66 -2.88 3.01
CA ASP C 235 -21.61 -1.41 2.84
C ASP C 235 -20.51 -0.80 3.76
N LYS C 236 -20.45 -1.27 5.01
CA LYS C 236 -19.38 -0.87 5.93
C LYS C 236 -18.01 -1.29 5.37
N TRP C 237 -17.92 -2.49 4.83
CA TRP C 237 -16.66 -2.99 4.43
C TRP C 237 -16.09 -2.13 3.30
N ASP C 238 -16.96 -1.66 2.39
CA ASP C 238 -16.49 -0.78 1.35
C ASP C 238 -16.04 0.55 1.92
N TYR C 239 -16.86 1.20 2.75
CA TYR C 239 -16.49 2.54 3.17
C TYR C 239 -15.26 2.51 4.12
N PHE C 240 -15.08 1.47 4.95
CA PHE C 240 -13.86 1.35 5.71
C PHE C 240 -12.62 1.47 4.75
N ALA C 241 -12.58 0.65 3.71
CA ALA C 241 -11.42 0.62 2.84
C ALA C 241 -11.32 1.90 2.01
N ARG C 242 -12.44 2.37 1.47
CA ARG C 242 -12.40 3.51 0.56
C ARG C 242 -12.17 4.83 1.34
N ASP C 243 -12.86 5.03 2.43
CA ASP C 243 -12.62 6.21 3.24
C ASP C 243 -11.20 6.29 3.72
N CYS C 244 -10.66 5.16 4.16
CA CYS C 244 -9.28 5.13 4.62
C CYS C 244 -8.27 5.52 3.53
N HIS C 245 -8.45 4.93 2.37
CA HIS C 245 -7.61 5.22 1.18
C HIS C 245 -7.58 6.71 0.86
N HIS C 246 -8.73 7.37 0.96
CA HIS C 246 -8.80 8.77 0.67
C HIS C 246 -8.44 9.70 1.81
N LEU C 247 -8.78 9.32 3.04
CA LEU C 247 -8.52 10.17 4.17
C LEU C 247 -7.00 10.27 4.49
N GLY C 248 -6.22 9.22 4.24
CA GLY C 248 -4.88 9.12 4.78
C GLY C 248 -4.82 8.46 6.18
N ILE C 249 -5.79 7.61 6.48
CA ILE C 249 -5.86 6.78 7.71
C ILE C 249 -5.90 5.37 7.25
N GLN C 250 -5.21 4.46 7.88
CA GLN C 250 -5.04 3.13 7.30
C GLN C 250 -6.13 2.16 7.80
N ASN C 251 -6.67 1.32 6.88
CA ASN C 251 -7.74 0.44 7.36
C ASN C 251 -7.20 -0.82 8.17
N ASN C 252 -7.66 -1.17 9.35
CA ASN C 252 -7.25 -2.45 10.00
C ASN C 252 -8.27 -3.67 10.07
N PHE C 253 -9.37 -3.57 9.37
CA PHE C 253 -10.35 -4.67 9.24
C PHE C 253 -10.11 -5.39 7.88
N ASP C 254 -10.15 -6.73 7.91
CA ASP C 254 -9.95 -7.54 6.72
C ASP C 254 -11.28 -8.26 6.35
N TYR C 255 -12.00 -7.66 5.42
CA TYR C 255 -13.30 -8.18 5.00
C TYR C 255 -13.12 -9.48 4.25
N LYS C 256 -12.03 -9.64 3.49
CA LYS C 256 -11.82 -10.89 2.75
C LYS C 256 -11.70 -12.05 3.67
N ARG C 257 -11.01 -11.83 4.80
CA ARG C 257 -10.90 -12.90 5.82
C ARG C 257 -12.30 -13.24 6.33
N PHE C 258 -13.07 -12.20 6.64
CA PHE C 258 -14.43 -12.45 7.17
C PHE C 258 -15.25 -13.35 6.17
N ILE C 259 -15.18 -13.02 4.90
CA ILE C 259 -15.88 -13.81 3.88
C ILE C 259 -15.40 -15.22 3.82
N LYS C 260 -14.08 -15.47 3.93
CA LYS C 260 -13.63 -16.85 3.94
C LYS C 260 -14.17 -17.62 5.10
N PHE C 261 -14.43 -16.98 6.22
CA PHE C 261 -14.88 -17.69 7.38
C PHE C 261 -16.41 -17.71 7.56
N ALA C 262 -17.19 -17.03 6.73
CA ALA C 262 -18.62 -16.93 6.94
C ALA C 262 -19.32 -18.18 6.43
N ARG C 263 -20.30 -18.64 7.20
CA ARG C 263 -21.11 -19.80 6.84
C ARG C 263 -22.55 -19.54 7.25
N VAL C 264 -23.49 -20.22 6.64
CA VAL C 264 -24.88 -20.10 6.99
C VAL C 264 -25.23 -21.24 7.89
N CYS C 265 -25.86 -20.97 9.03
CA CYS C 265 -26.28 -22.01 9.99
C CYS C 265 -27.67 -21.65 10.52
N GLU C 266 -28.36 -22.66 10.97
CA GLU C 266 -29.67 -22.47 11.53
C GLU C 266 -29.59 -21.90 12.95
N VAL C 267 -30.19 -20.74 13.17
CA VAL C 267 -30.27 -20.12 14.50
C VAL C 267 -31.74 -19.80 14.80
N ASP C 268 -32.25 -20.34 15.90
CA ASP C 268 -33.70 -20.22 16.28
C ASP C 268 -34.58 -20.43 15.06
N ASN C 269 -34.42 -21.57 14.38
CA ASN C 269 -35.23 -21.93 13.20
C ASN C 269 -35.16 -21.00 12.00
N GLU C 270 -34.10 -20.21 11.90
CA GLU C 270 -33.90 -19.33 10.79
C GLU C 270 -32.45 -19.47 10.29
N LEU C 271 -32.23 -19.49 8.99
CA LEU C 271 -30.86 -19.55 8.44
C LEU C 271 -30.19 -18.15 8.52
N ARG C 272 -29.04 -18.07 9.17
CA ARG C 272 -28.32 -16.81 9.33
C ARG C 272 -26.85 -16.94 8.96
N ILE C 273 -26.24 -15.80 8.65
CA ILE C 273 -24.80 -15.76 8.39
C ILE C 273 -24.10 -15.80 9.74
N CYS C 274 -23.28 -16.82 9.97
CA CYS C 274 -22.49 -16.96 11.18
C CYS C 274 -21.00 -16.82 10.87
N ALA C 275 -20.24 -16.45 11.88
CA ALA C 275 -18.80 -16.28 11.77
C ALA C 275 -18.12 -17.41 12.56
N ARG C 276 -16.90 -17.73 12.19
CA ARG C 276 -16.16 -18.68 12.97
C ARG C 276 -15.91 -18.14 14.39
N ASP C 277 -16.01 -19.03 15.38
CA ASP C 277 -15.85 -18.68 16.81
C ASP C 277 -14.60 -17.84 17.08
N LYS C 278 -13.46 -18.24 16.52
CA LYS C 278 -12.20 -17.56 16.83
C LYS C 278 -12.02 -16.25 16.14
N GLU C 279 -12.90 -15.89 15.19
CA GLU C 279 -12.93 -14.58 14.65
C GLU C 279 -13.68 -13.50 15.51
N VAL C 280 -14.20 -13.87 16.70
CA VAL C 280 -14.95 -12.94 17.51
C VAL C 280 -14.17 -11.65 17.83
N GLY C 281 -12.91 -11.80 18.19
CA GLY C 281 -12.04 -10.70 18.37
C GLY C 281 -11.91 -9.74 17.19
N ASN C 282 -11.86 -10.26 15.98
CA ASN C 282 -11.85 -9.40 14.79
C ASN C 282 -13.14 -8.61 14.62
N LEU C 283 -14.25 -9.16 15.09
CA LEU C 283 -15.58 -8.47 15.00
C LEU C 283 -15.67 -7.32 16.01
N TYR C 284 -15.21 -7.52 17.23
CA TYR C 284 -15.00 -6.42 18.18
C TYR C 284 -14.11 -5.33 17.56
N ASP C 285 -13.02 -5.75 16.89
CA ASP C 285 -12.11 -4.76 16.25
C ASP C 285 -12.79 -4.05 15.13
N MET C 286 -13.67 -4.69 14.38
CA MET C 286 -14.37 -4.04 13.29
C MET C 286 -15.23 -2.85 13.78
N PHE C 287 -15.99 -3.04 14.86
CA PHE C 287 -16.77 -1.94 15.45
C PHE C 287 -15.89 -0.89 16.10
N HIS C 288 -14.76 -1.32 16.64
CA HIS C 288 -13.74 -0.37 17.13
C HIS C 288 -13.19 0.48 15.99
N THR C 289 -12.96 -0.11 14.83
CA THR C 289 -12.50 0.61 13.67
C THR C 289 -13.58 1.64 13.20
N ARG C 290 -14.83 1.21 13.10
CA ARG C 290 -15.89 2.14 12.81
C ARG C 290 -15.92 3.36 13.77
N ASN C 291 -15.83 3.10 15.08
CA ASN C 291 -15.83 4.12 16.07
C ASN C 291 -14.63 5.08 15.91
N SER C 292 -13.49 4.50 15.63
CA SER C 292 -12.28 5.24 15.39
C SER C 292 -12.38 6.13 14.16
N LEU C 293 -12.99 5.67 13.06
CA LEU C 293 -13.20 6.50 11.93
C LEU C 293 -14.17 7.71 12.21
N HIS C 294 -15.22 7.45 13.02
CA HIS C 294 -16.10 8.49 13.48
C HIS C 294 -15.33 9.53 14.30
N ARG C 295 -14.51 9.06 15.23
CA ARG C 295 -13.76 9.99 16.06
C ARG C 295 -12.73 10.82 15.29
N ARG C 296 -11.99 10.20 14.40
CA ARG C 296 -10.91 10.88 13.72
C ARG C 296 -11.41 11.76 12.60
N ALA C 297 -12.39 11.26 11.88
CA ALA C 297 -12.80 11.86 10.58
C ALA C 297 -14.23 12.32 10.51
N TYR C 298 -15.18 11.41 10.67
CA TYR C 298 -16.56 11.74 10.36
C TYR C 298 -17.14 12.78 11.31
N GLN C 299 -16.69 12.80 12.56
CA GLN C 299 -17.10 13.76 13.56
C GLN C 299 -16.01 14.76 13.94
N HIS C 300 -15.09 14.99 13.01
CA HIS C 300 -14.04 15.98 13.23
C HIS C 300 -14.72 17.29 13.61
N LYS C 301 -14.22 17.98 14.61
CA LYS C 301 -14.91 19.22 15.07
C LYS C 301 -15.02 20.34 14.01
N VAL C 302 -14.07 20.43 13.12
CA VAL C 302 -14.13 21.43 12.09
C VAL C 302 -14.96 20.94 10.94
N GLY C 303 -14.82 19.67 10.59
CA GLY C 303 -15.73 19.11 9.59
C GLY C 303 -17.22 19.29 9.94
N ASN C 304 -17.53 19.09 11.21
CA ASN C 304 -18.89 19.24 11.66
C ASN C 304 -19.38 20.71 11.59
N ILE C 305 -18.51 21.66 11.96
CA ILE C 305 -18.89 23.05 11.90
C ILE C 305 -19.07 23.50 10.45
N ILE C 306 -18.28 22.95 9.52
CA ILE C 306 -18.45 23.26 8.11
C ILE C 306 -19.82 22.71 7.62
N ASP C 307 -20.17 21.50 8.00
CA ASP C 307 -21.46 20.93 7.64
C ASP C 307 -22.61 21.76 8.24
N THR C 308 -22.45 22.28 9.45
CA THR C 308 -23.43 23.13 10.09
C THR C 308 -23.58 24.44 9.28
N MET C 309 -22.46 25.01 8.84
CA MET C 309 -22.49 26.26 8.09
C MET C 309 -23.13 26.06 6.71
N ILE C 310 -22.81 24.98 6.04
CA ILE C 310 -23.41 24.67 4.75
C ILE C 310 -24.92 24.47 4.94
N THR C 311 -25.31 23.72 5.98
CA THR C 311 -26.71 23.50 6.28
C THR C 311 -27.47 24.82 6.47
N ASP C 312 -26.83 25.75 7.21
CA ASP C 312 -27.40 27.06 7.47
C ASP C 312 -27.57 27.85 6.15
N ALA C 313 -26.59 27.80 5.25
CA ALA C 313 -26.68 28.44 3.96
C ALA C 313 -27.84 27.81 3.16
N PHE C 314 -27.95 26.50 3.15
CA PHE C 314 -29.07 25.84 2.45
C PHE C 314 -30.44 26.30 3.00
N LEU C 315 -30.58 26.41 4.31
CA LEU C 315 -31.80 26.89 4.93
C LEU C 315 -32.15 28.33 4.50
N LYS C 316 -31.15 29.17 4.45
CA LYS C 316 -31.32 30.55 3.96
C LYS C 316 -31.57 30.64 2.46
N ALA C 317 -31.14 29.67 1.69
CA ALA C 317 -31.35 29.63 0.24
C ALA C 317 -32.66 28.96 -0.15
N ASP C 318 -33.24 28.19 0.79
CA ASP C 318 -34.27 27.21 0.46
C ASP C 318 -35.51 27.86 -0.16
N ASP C 319 -35.88 29.07 0.28
CA ASP C 319 -37.03 29.74 -0.33
C ASP C 319 -36.81 30.18 -1.77
N TYR C 320 -35.57 30.21 -2.26
CA TYR C 320 -35.25 30.88 -3.54
C TYR C 320 -34.69 29.96 -4.65
N ILE C 321 -34.05 28.87 -4.32
CA ILE C 321 -33.46 28.00 -5.34
C ILE C 321 -34.64 27.15 -5.89
N GLU C 322 -34.64 26.93 -7.20
CA GLU C 322 -35.67 26.18 -7.90
C GLU C 322 -35.05 25.00 -8.57
N ILE C 323 -35.65 23.82 -8.36
CA ILE C 323 -35.26 22.61 -9.03
C ILE C 323 -36.48 22.15 -9.79
N THR C 324 -36.34 22.00 -11.10
CA THR C 324 -37.42 21.55 -11.92
C THR C 324 -37.60 20.04 -11.90
N GLY C 325 -38.81 19.57 -11.69
CA GLY C 325 -39.17 18.17 -11.63
C GLY C 325 -40.20 17.74 -12.61
N ALA C 326 -40.95 16.66 -12.30
CA ALA C 326 -41.89 16.13 -13.28
C ALA C 326 -42.86 17.17 -13.71
N GLY C 327 -43.24 17.16 -15.01
CA GLY C 327 -44.16 18.10 -15.61
C GLY C 327 -43.76 19.57 -15.54
N GLY C 328 -42.49 19.88 -15.43
CA GLY C 328 -42.08 21.28 -15.17
C GLY C 328 -42.49 21.91 -13.81
N LYS C 329 -43.06 21.16 -12.88
CA LYS C 329 -43.23 21.67 -11.50
C LYS C 329 -41.90 22.05 -10.84
N LYS C 330 -41.95 23.10 -10.04
CA LYS C 330 -40.79 23.63 -9.33
C LYS C 330 -40.75 23.11 -7.92
N TYR C 331 -39.56 22.71 -7.48
CA TYR C 331 -39.30 22.25 -6.14
C TYR C 331 -38.24 23.08 -5.49
N ARG C 332 -38.16 22.98 -4.18
CA ARG C 332 -37.07 23.57 -3.43
C ARG C 332 -36.13 22.50 -2.98
N ILE C 333 -35.02 22.92 -2.41
CA ILE C 333 -34.04 22.01 -1.83
C ILE C 333 -34.75 21.06 -0.84
N SER C 334 -35.62 21.63 0.00
CA SER C 334 -36.31 20.86 1.02
C SER C 334 -37.47 19.99 0.45
N THR C 335 -38.04 20.36 -0.69
CA THR C 335 -39.14 19.58 -1.25
C THR C 335 -38.75 18.67 -2.45
N ALA C 336 -37.50 18.73 -2.88
CA ALA C 336 -37.07 17.85 -3.96
C ALA C 336 -37.18 16.40 -3.55
N ILE C 337 -37.13 16.10 -2.21
CA ILE C 337 -37.30 14.72 -1.74
C ILE C 337 -38.68 14.13 -2.06
N ASP C 338 -39.61 14.95 -2.45
CA ASP C 338 -40.97 14.51 -2.81
C ASP C 338 -41.16 14.21 -4.27
N ASP C 339 -40.14 14.34 -5.10
CA ASP C 339 -40.32 14.19 -6.57
C ASP C 339 -38.98 13.75 -7.10
N MET C 340 -38.90 12.48 -7.51
CA MET C 340 -37.65 11.89 -7.86
C MET C 340 -37.02 12.51 -9.11
N GLU C 341 -37.81 13.07 -10.03
CA GLU C 341 -37.23 13.77 -11.16
C GLU C 341 -36.46 15.01 -10.69
N ALA C 342 -37.01 15.77 -9.76
CA ALA C 342 -36.27 16.90 -9.17
C ALA C 342 -35.11 16.41 -8.33
N TYR C 343 -35.31 15.35 -7.51
CA TYR C 343 -34.26 14.87 -6.64
C TYR C 343 -33.05 14.39 -7.42
N THR C 344 -33.29 13.83 -8.61
CA THR C 344 -32.25 13.46 -9.53
C THR C 344 -31.29 14.61 -9.80
N LYS C 345 -31.76 15.85 -9.78
CA LYS C 345 -30.99 17.05 -10.04
C LYS C 345 -30.57 17.82 -8.80
N LEU C 346 -30.62 17.17 -7.63
CA LEU C 346 -30.23 17.74 -6.36
C LEU C 346 -28.96 17.07 -5.85
N THR C 347 -27.84 17.77 -6.05
CA THR C 347 -26.51 17.27 -5.74
C THR C 347 -25.71 18.35 -5.09
N ASP C 348 -24.43 18.06 -4.87
CA ASP C 348 -23.54 19.02 -4.27
C ASP C 348 -23.44 20.32 -5.09
N ASN C 349 -23.83 20.31 -6.37
CA ASN C 349 -23.95 21.49 -7.20
C ASN C 349 -24.71 22.66 -6.54
N ILE C 350 -25.66 22.36 -5.67
CA ILE C 350 -26.37 23.41 -4.94
C ILE C 350 -25.45 24.39 -4.23
N PHE C 351 -24.37 23.88 -3.63
CA PHE C 351 -23.39 24.68 -2.95
C PHE C 351 -22.84 25.74 -3.92
N LEU C 352 -22.42 25.28 -5.10
CA LEU C 352 -21.84 26.20 -6.08
C LEU C 352 -22.90 27.12 -6.74
N GLU C 353 -24.10 26.63 -6.94
CA GLU C 353 -25.19 27.46 -7.44
C GLU C 353 -25.39 28.65 -6.44
N ILE C 354 -25.36 28.39 -5.14
CA ILE C 354 -25.45 29.43 -4.15
C ILE C 354 -24.18 30.32 -4.17
N LEU C 355 -23.00 29.73 -4.14
CA LEU C 355 -21.75 30.50 -4.08
C LEU C 355 -21.57 31.45 -5.28
N TYR C 356 -22.04 31.01 -6.46
CA TYR C 356 -21.88 31.78 -7.69
C TYR C 356 -23.05 32.68 -8.00
N SER C 357 -24.15 32.58 -7.24
CA SER C 357 -25.35 33.35 -7.53
C SER C 357 -25.09 34.88 -7.45
N THR C 358 -25.91 35.63 -8.14
CA THR C 358 -25.94 37.10 -8.03
C THR C 358 -27.29 37.63 -7.50
N ASP C 359 -28.34 36.82 -7.53
CA ASP C 359 -29.61 37.21 -6.95
C ASP C 359 -29.47 37.86 -5.53
N PRO C 360 -29.98 39.10 -5.33
CA PRO C 360 -29.94 39.66 -3.96
C PRO C 360 -30.66 38.81 -2.90
N LYS C 361 -31.68 38.06 -3.30
CA LYS C 361 -32.36 37.19 -2.34
C LYS C 361 -31.46 36.08 -1.77
N LEU C 362 -30.42 35.70 -2.52
CA LEU C 362 -29.46 34.67 -2.09
C LEU C 362 -28.24 35.21 -1.34
N LYS C 363 -28.22 36.51 -1.11
CA LYS C 363 -27.08 37.17 -0.56
C LYS C 363 -26.67 36.60 0.84
N ASP C 364 -27.64 36.34 1.70
CA ASP C 364 -27.35 35.85 3.02
C ASP C 364 -26.76 34.44 2.93
N ALA C 365 -27.37 33.57 2.14
CA ALA C 365 -26.85 32.22 1.92
C ALA C 365 -25.43 32.27 1.32
N ARG C 366 -25.26 33.07 0.28
CA ARG C 366 -23.99 33.26 -0.39
C ARG C 366 -22.90 33.77 0.57
N GLU C 367 -23.25 34.67 1.49
CA GLU C 367 -22.28 35.19 2.43
C GLU C 367 -21.69 34.11 3.37
N ILE C 368 -22.56 33.20 3.82
CA ILE C 368 -22.11 32.09 4.66
C ILE C 368 -21.07 31.22 3.90
N LEU C 369 -21.39 30.83 2.65
CA LEU C 369 -20.47 30.04 1.87
C LEU C 369 -19.17 30.77 1.59
N LYS C 370 -19.24 32.08 1.34
CA LYS C 370 -18.02 32.89 1.19
C LYS C 370 -17.14 32.90 2.45
N GLN C 371 -17.76 32.95 3.62
CA GLN C 371 -16.99 32.84 4.83
C GLN C 371 -16.30 31.51 5.00
N ILE C 372 -16.95 30.43 4.57
CA ILE C 372 -16.27 29.16 4.54
C ILE C 372 -14.98 29.24 3.67
N GLU C 373 -15.07 29.84 2.49
CA GLU C 373 -13.90 29.97 1.61
C GLU C 373 -12.76 30.78 2.21
N TYR C 374 -13.09 31.84 2.94
CA TYR C 374 -12.09 32.60 3.64
C TYR C 374 -11.61 31.94 4.95
N ARG C 375 -12.20 30.81 5.29
CA ARG C 375 -11.95 30.10 6.50
C ARG C 375 -12.32 30.95 7.72
N ASN C 376 -13.33 31.77 7.61
CA ASN C 376 -13.84 32.52 8.75
C ASN C 376 -14.98 31.68 9.36
N LEU C 377 -14.60 30.65 10.08
CA LEU C 377 -15.50 29.62 10.57
C LEU C 377 -15.94 29.99 11.99
N PHE C 378 -17.12 29.55 12.36
CA PHE C 378 -17.54 29.60 13.80
C PHE C 378 -16.44 28.89 14.63
N LYS C 379 -16.13 29.40 15.80
CA LYS C 379 -14.98 28.92 16.58
C LYS C 379 -15.37 27.89 17.59
N TYR C 380 -14.57 26.85 17.65
CA TYR C 380 -14.68 25.78 18.64
C TYR C 380 -14.38 26.29 20.03
N VAL C 381 -15.28 26.07 20.97
CA VAL C 381 -15.14 26.51 22.35
C VAL C 381 -14.67 25.34 23.23
N GLY C 382 -15.26 24.16 23.01
CA GLY C 382 -14.95 22.98 23.78
C GLY C 382 -15.89 21.80 23.58
N GLU C 383 -15.60 20.73 24.31
CA GLU C 383 -16.26 19.45 24.20
C GLU C 383 -16.41 18.88 25.60
N THR C 384 -17.53 18.20 25.80
CA THR C 384 -17.81 17.53 27.06
C THR C 384 -18.70 16.33 26.77
N GLN C 385 -18.88 15.49 27.78
CA GLN C 385 -19.75 14.35 27.70
C GLN C 385 -20.66 14.33 28.91
N PRO C 386 -21.92 13.89 28.72
CA PRO C 386 -22.65 13.49 29.90
C PRO C 386 -22.04 12.27 30.59
N THR C 387 -22.40 12.15 31.86
CA THR C 387 -21.93 11.14 32.78
C THR C 387 -23.01 10.07 32.95
N GLY C 388 -22.70 8.85 32.55
CA GLY C 388 -23.60 7.71 32.66
C GLY C 388 -24.34 7.36 31.38
N GLN C 389 -25.49 6.72 31.56
CA GLN C 389 -26.40 6.47 30.44
C GLN C 389 -27.16 7.73 30.04
N ILE C 390 -27.04 8.80 30.83
CA ILE C 390 -27.62 10.17 30.51
C ILE C 390 -27.51 10.51 29.02
N LYS C 391 -28.63 10.81 28.38
CA LYS C 391 -28.63 11.05 26.91
C LYS C 391 -29.53 12.21 26.46
N ILE C 392 -28.95 13.24 25.85
CA ILE C 392 -29.70 14.34 25.25
C ILE C 392 -30.41 13.88 23.98
N LYS C 393 -31.72 14.05 23.88
CA LYS C 393 -32.49 13.64 22.69
C LYS C 393 -32.64 14.76 21.69
N ARG C 394 -32.92 14.39 20.45
CA ARG C 394 -33.05 15.33 19.32
C ARG C 394 -34.00 16.50 19.59
N GLU C 395 -35.11 16.23 20.27
CA GLU C 395 -36.11 17.24 20.47
C GLU C 395 -35.57 18.36 21.42
N ASP C 396 -34.52 18.10 22.19
CA ASP C 396 -33.93 19.12 23.04
C ASP C 396 -32.78 19.92 22.40
N TYR C 397 -32.35 19.55 21.19
CA TYR C 397 -31.18 20.20 20.54
C TYR C 397 -31.30 21.72 20.45
N GLU C 398 -32.46 22.18 20.01
CA GLU C 398 -32.73 23.62 19.85
C GLU C 398 -32.68 24.41 21.17
N SER C 399 -33.08 23.81 22.26
CA SER C 399 -33.02 24.54 23.55
C SER C 399 -31.56 24.73 24.10
N LEU C 400 -30.57 23.99 23.55
CA LEU C 400 -29.25 23.96 24.19
C LEU C 400 -28.46 25.29 24.16
N PRO C 401 -28.42 26.01 23.02
CA PRO C 401 -27.74 27.31 23.03
C PRO C 401 -28.27 28.24 24.15
N LYS C 402 -29.57 28.19 24.43
CA LYS C 402 -30.15 28.99 25.53
C LYS C 402 -29.57 28.56 26.90
N GLU C 403 -29.44 27.28 27.12
CA GLU C 403 -28.85 26.83 28.42
C GLU C 403 -27.41 27.33 28.59
N VAL C 404 -26.61 27.23 27.52
CA VAL C 404 -25.22 27.65 27.61
C VAL C 404 -25.16 29.15 27.94
N ALA C 405 -25.93 29.92 27.20
CA ALA C 405 -26.00 31.38 27.37
C ALA C 405 -26.54 31.81 28.75
N SER C 406 -27.38 30.98 29.37
CA SER C 406 -27.85 31.25 30.73
C SER C 406 -26.94 30.79 31.84
N ALA C 407 -25.85 30.07 31.59
CA ALA C 407 -24.87 29.83 32.70
C ALA C 407 -24.34 31.18 33.27
N LYS C 408 -24.12 31.23 34.56
CA LYS C 408 -23.61 32.42 35.23
C LYS C 408 -22.21 32.10 35.74
N PRO C 409 -21.20 32.26 34.86
CA PRO C 409 -19.82 32.06 35.32
C PRO C 409 -19.43 33.14 36.32
N LYS C 410 -18.74 32.80 37.41
CA LYS C 410 -18.40 33.82 38.45
C LYS C 410 -17.05 34.46 38.14
N VAL C 411 -17.01 35.22 37.04
CA VAL C 411 -15.81 35.80 36.47
C VAL C 411 -16.23 37.13 35.87
N LEU C 412 -15.33 38.11 35.87
CA LEU C 412 -15.58 39.40 35.22
C LEU C 412 -15.58 39.19 33.69
N LEU C 413 -16.69 39.50 33.06
CA LEU C 413 -16.82 39.41 31.60
C LEU C 413 -17.07 40.78 30.99
N ASP C 414 -16.32 41.11 29.93
CA ASP C 414 -16.52 42.32 29.12
C ASP C 414 -17.80 42.16 28.30
N VAL C 415 -17.76 41.21 27.37
CA VAL C 415 -18.89 40.93 26.48
C VAL C 415 -19.91 40.01 27.15
N LYS C 416 -21.17 40.18 26.78
CA LYS C 416 -22.23 39.24 27.10
C LYS C 416 -22.73 38.62 25.80
N LEU C 417 -22.95 37.32 25.83
CA LEU C 417 -23.31 36.57 24.65
C LEU C 417 -24.74 36.12 24.79
N LYS C 418 -25.41 35.93 23.68
CA LYS C 418 -26.78 35.47 23.64
C LYS C 418 -26.87 34.08 23.06
N ALA C 419 -28.04 33.47 23.20
CA ALA C 419 -28.35 32.14 22.71
C ALA C 419 -27.95 31.93 21.24
N GLU C 420 -28.29 32.88 20.40
CA GLU C 420 -28.01 32.81 18.96
C GLU C 420 -26.50 32.94 18.61
N ASP C 421 -25.65 33.41 19.54
CA ASP C 421 -24.19 33.35 19.40
C ASP C 421 -23.53 31.94 19.58
N PHE C 422 -24.28 30.96 20.09
CA PHE C 422 -23.74 29.63 20.39
C PHE C 422 -24.30 28.62 19.41
N ILE C 423 -23.47 27.65 19.03
CA ILE C 423 -23.91 26.40 18.46
C ILE C 423 -23.56 25.25 19.40
N VAL C 424 -24.51 24.33 19.57
CA VAL C 424 -24.30 23.15 20.40
C VAL C 424 -24.55 21.93 19.53
N ASP C 425 -23.51 21.16 19.26
CA ASP C 425 -23.55 20.01 18.38
C ASP C 425 -23.49 18.74 19.20
N VAL C 426 -24.55 17.92 19.13
CA VAL C 426 -24.68 16.73 19.92
C VAL C 426 -24.34 15.53 19.04
N ILE C 427 -23.36 14.72 19.41
CA ILE C 427 -22.95 13.58 18.62
C ILE C 427 -23.12 12.27 19.34
N ASN C 428 -23.79 11.33 18.71
CA ASN C 428 -23.99 10.01 19.30
C ASN C 428 -22.91 9.08 18.75
N MET C 429 -22.09 8.51 19.62
CA MET C 429 -21.02 7.60 19.20
C MET C 429 -21.45 6.24 19.77
N ASP C 430 -21.67 5.25 18.92
CA ASP C 430 -22.05 3.91 19.42
C ASP C 430 -21.64 2.78 18.45
N TYR C 431 -21.91 1.52 18.82
CA TYR C 431 -21.57 0.37 17.98
C TYR C 431 -22.70 -0.04 17.02
N GLY C 432 -23.58 0.90 16.72
CA GLY C 432 -24.63 0.72 15.71
C GLY C 432 -25.92 0.23 16.26
N MET C 433 -26.02 -0.12 17.57
CA MET C 433 -27.29 -0.66 18.11
C MET C 433 -27.59 0.00 19.43
N GLN C 434 -27.51 1.33 19.40
CA GLN C 434 -27.73 2.15 20.59
C GLN C 434 -26.82 1.63 21.76
N GLU C 435 -27.40 1.27 22.90
N GLU C 435 -27.39 1.28 22.90
CA GLU C 435 -26.69 0.84 24.07
CA GLU C 435 -26.61 0.84 24.06
C GLU C 435 -26.22 -0.64 24.02
C GLU C 435 -26.21 -0.64 24.02
N LYS C 436 -26.65 -1.38 22.99
CA LYS C 436 -26.43 -2.81 22.90
C LYS C 436 -25.07 -3.17 22.24
N ASN C 437 -24.53 -4.30 22.68
CA ASN C 437 -23.29 -4.87 22.13
C ASN C 437 -23.73 -5.67 20.88
N PRO C 438 -23.32 -5.25 19.69
CA PRO C 438 -23.77 -5.96 18.48
C PRO C 438 -23.26 -7.40 18.40
N ILE C 439 -22.16 -7.70 19.07
CA ILE C 439 -21.64 -9.09 19.09
C ILE C 439 -22.54 -10.06 19.81
N ASP C 440 -23.36 -9.56 20.75
CA ASP C 440 -24.44 -10.39 21.29
C ASP C 440 -25.50 -10.79 20.30
N HIS C 441 -25.54 -10.16 19.14
CA HIS C 441 -26.51 -10.49 18.07
C HIS C 441 -25.82 -11.14 16.85
N VAL C 442 -24.64 -11.72 17.06
CA VAL C 442 -23.95 -12.52 16.05
C VAL C 442 -23.96 -13.93 16.56
N SER C 443 -24.03 -14.84 15.62
CA SER C 443 -23.94 -16.24 15.89
C SER C 443 -22.63 -16.81 15.32
N PHE C 444 -22.06 -17.82 16.01
CA PHE C 444 -20.76 -18.36 15.63
C PHE C 444 -20.81 -19.86 15.44
N TYR C 445 -19.87 -20.42 14.66
CA TYR C 445 -19.70 -21.88 14.57
C TYR C 445 -18.29 -22.26 14.91
N CYS C 446 -18.12 -23.48 15.38
N CYS C 446 -18.11 -23.48 15.35
CA CYS C 446 -16.80 -23.96 15.71
CA CYS C 446 -16.81 -23.97 15.71
C CYS C 446 -16.37 -25.02 14.70
C CYS C 446 -16.36 -25.02 14.69
N LYS C 447 -15.05 -25.22 14.68
CA LYS C 447 -14.42 -26.07 13.67
C LYS C 447 -14.87 -27.50 13.77
N THR C 448 -15.16 -27.99 14.95
CA THR C 448 -15.60 -29.37 15.05
C THR C 448 -17.11 -29.58 14.75
N ALA C 449 -17.92 -28.53 14.57
CA ALA C 449 -19.35 -28.69 14.27
C ALA C 449 -19.81 -27.48 13.48
N PRO C 450 -19.44 -27.46 12.20
CA PRO C 450 -19.63 -26.24 11.45
C PRO C 450 -21.07 -25.87 11.09
N ASN C 451 -21.99 -26.77 11.27
CA ASN C 451 -23.43 -26.45 11.14
C ASN C 451 -24.14 -26.09 12.45
N ARG C 452 -23.44 -26.12 13.56
CA ARG C 452 -24.06 -25.77 14.81
C ARG C 452 -23.69 -24.33 15.32
N ALA C 453 -24.68 -23.45 15.34
CA ALA C 453 -24.49 -22.09 15.76
C ALA C 453 -24.44 -21.96 17.27
N ILE C 454 -23.60 -21.08 17.78
CA ILE C 454 -23.52 -20.81 19.21
C ILE C 454 -23.36 -19.32 19.45
N ARG C 455 -23.54 -18.92 20.71
CA ARG C 455 -23.32 -17.57 21.14
C ARG C 455 -22.07 -17.49 21.93
N ILE C 456 -21.47 -16.31 21.91
CA ILE C 456 -20.26 -16.06 22.69
C ILE C 456 -20.49 -14.76 23.46
N THR C 457 -20.36 -14.77 24.77
CA THR C 457 -20.55 -13.54 25.55
C THR C 457 -19.26 -12.72 25.61
N LYS C 458 -19.40 -11.44 25.95
CA LYS C 458 -18.26 -10.57 26.09
C LYS C 458 -17.16 -11.04 27.07
N ASN C 459 -17.55 -11.50 28.23
CA ASN C 459 -16.61 -12.03 29.21
C ASN C 459 -15.87 -13.35 28.81
N GLN C 460 -16.42 -14.08 27.86
CA GLN C 460 -15.72 -15.20 27.25
C GLN C 460 -14.62 -14.72 26.33
N VAL C 461 -14.58 -13.47 25.93
CA VAL C 461 -13.62 -13.03 24.96
C VAL C 461 -12.45 -12.30 25.62
N SER C 462 -12.70 -11.25 26.40
CA SER C 462 -11.60 -10.41 26.92
C SER C 462 -12.10 -9.43 27.93
N GLN C 463 -11.31 -9.16 28.93
CA GLN C 463 -11.61 -8.16 29.94
C GLN C 463 -11.16 -6.78 29.50
N LEU C 464 -10.49 -6.69 28.36
CA LEU C 464 -10.01 -5.42 27.84
C LEU C 464 -10.99 -4.79 26.86
N LEU C 465 -12.21 -5.31 26.72
CA LEU C 465 -13.16 -4.80 25.76
C LEU C 465 -13.92 -3.61 26.36
N PRO C 466 -14.62 -2.82 25.56
CA PRO C 466 -15.45 -1.74 26.11
C PRO C 466 -16.43 -2.22 27.18
N GLU C 467 -16.69 -1.40 28.20
CA GLU C 467 -17.80 -1.77 29.12
C GLU C 467 -19.13 -1.19 28.75
N LYS C 468 -19.12 -0.16 27.90
CA LYS C 468 -20.35 0.44 27.35
C LYS C 468 -20.19 0.49 25.87
N PHE C 469 -21.32 0.56 25.18
CA PHE C 469 -21.34 0.62 23.73
C PHE C 469 -21.94 1.85 23.08
N ALA C 470 -22.25 2.85 23.90
CA ALA C 470 -22.78 4.13 23.38
C ALA C 470 -22.38 5.24 24.25
N GLU C 471 -22.15 6.40 23.65
CA GLU C 471 -21.94 7.61 24.44
C GLU C 471 -22.31 8.80 23.58
N GLN C 472 -22.31 9.98 24.22
CA GLN C 472 -22.56 11.22 23.50
C GLN C 472 -21.46 12.20 23.70
N LEU C 473 -21.08 12.90 22.64
CA LEU C 473 -20.19 14.06 22.73
C LEU C 473 -21.05 15.32 22.52
N ILE C 474 -20.74 16.37 23.25
CA ILE C 474 -21.38 17.66 23.05
C ILE C 474 -20.25 18.64 22.72
N ARG C 475 -20.28 19.25 21.54
CA ARG C 475 -19.33 20.30 21.18
C ARG C 475 -20.04 21.63 21.16
N VAL C 476 -19.39 22.67 21.67
CA VAL C 476 -19.92 24.00 21.66
C VAL C 476 -18.99 24.90 20.82
N TYR C 477 -19.61 25.77 20.05
CA TYR C 477 -18.95 26.74 19.21
C TYR C 477 -19.59 28.14 19.37
N CYS C 478 -18.80 29.18 19.06
CA CYS C 478 -19.23 30.56 19.14
C CYS C 478 -19.17 31.20 17.76
N LYS C 479 -20.25 31.87 17.38
CA LYS C 479 -20.28 32.58 16.09
C LYS C 479 -19.53 33.90 16.12
N LYS C 480 -19.25 34.41 17.30
CA LYS C 480 -18.49 35.65 17.45
C LYS C 480 -17.06 35.22 17.63
N VAL C 481 -16.16 35.75 16.81
CA VAL C 481 -14.81 35.17 16.68
C VAL C 481 -13.68 36.01 17.26
N ASP C 482 -13.96 37.23 17.71
CA ASP C 482 -12.96 38.01 18.39
C ASP C 482 -12.50 37.38 19.74
N ARG C 483 -11.31 37.77 20.22
CA ARG C 483 -10.75 37.22 21.45
C ARG C 483 -11.63 37.43 22.70
N LYS C 484 -12.22 38.60 22.84
CA LYS C 484 -13.14 38.87 23.97
C LYS C 484 -14.31 37.87 24.01
N SER C 485 -14.98 37.72 22.87
CA SER C 485 -16.15 36.85 22.77
C SER C 485 -15.83 35.39 23.07
N LEU C 486 -14.69 34.95 22.56
CA LEU C 486 -14.28 33.59 22.67
C LEU C 486 -13.82 33.27 24.11
N TYR C 487 -13.13 34.19 24.75
CA TYR C 487 -12.85 34.07 26.18
C TYR C 487 -14.16 33.95 26.99
N ALA C 488 -15.14 34.82 26.76
CA ALA C 488 -16.42 34.75 27.45
C ALA C 488 -17.13 33.42 27.19
N ALA C 489 -17.18 33.02 25.92
CA ALA C 489 -17.82 31.77 25.50
C ALA C 489 -17.28 30.55 26.26
N ARG C 490 -15.98 30.52 26.47
CA ARG C 490 -15.34 29.45 27.22
C ARG C 490 -15.76 29.44 28.66
N GLN C 491 -15.95 30.61 29.27
CA GLN C 491 -16.39 30.65 30.67
C GLN C 491 -17.85 30.17 30.76
N TYR C 492 -18.73 30.59 29.85
CA TYR C 492 -20.10 30.09 29.85
C TYR C 492 -20.09 28.54 29.70
N PHE C 493 -19.32 28.08 28.74
CA PHE C 493 -19.26 26.67 28.42
C PHE C 493 -18.79 25.81 29.61
N VAL C 494 -17.68 26.23 30.24
CA VAL C 494 -17.07 25.44 31.29
C VAL C 494 -17.95 25.46 32.52
N GLN C 495 -18.55 26.60 32.80
CA GLN C 495 -19.55 26.70 33.88
C GLN C 495 -20.73 25.78 33.63
N TRP C 496 -21.24 25.77 32.41
CA TRP C 496 -22.37 24.91 32.07
C TRP C 496 -22.03 23.43 32.30
N CYS C 497 -20.87 23.00 31.85
CA CYS C 497 -20.35 21.65 32.12
C CYS C 497 -20.31 21.37 33.63
N ALA C 498 -19.80 22.29 34.43
CA ALA C 498 -19.78 22.11 35.88
C ALA C 498 -21.21 22.00 36.47
N ASP C 499 -22.11 22.87 36.00
CA ASP C 499 -23.51 22.88 36.44
C ASP C 499 -24.24 21.58 36.09
N ARG C 500 -23.96 21.02 34.91
CA ARG C 500 -24.65 19.82 34.46
C ARG C 500 -23.90 18.51 34.89
N ASN C 501 -22.82 18.62 35.64
CA ASN C 501 -22.03 17.44 36.05
C ASN C 501 -21.51 16.65 34.82
N PHE C 502 -21.20 17.39 33.74
CA PHE C 502 -20.60 16.83 32.59
C PHE C 502 -19.08 16.63 32.83
N THR C 503 -18.43 15.90 31.93
CA THR C 503 -17.01 15.67 32.08
C THR C 503 -16.20 17.01 31.89
N LYS C 504 -15.11 17.14 32.64
CA LYS C 504 -14.21 18.25 32.48
C LYS C 504 -13.64 18.35 31.08
N PRO C 505 -13.81 19.50 30.40
CA PRO C 505 -13.10 19.68 29.10
C PRO C 505 -11.59 19.43 29.20
N GLN C 506 -10.99 18.82 28.18
CA GLN C 506 -9.58 18.32 28.30
C GLN C 506 -8.60 19.43 28.56
N ASP C 507 -8.85 20.60 28.00
CA ASP C 507 -8.06 21.81 28.19
C ASP C 507 -8.65 22.79 29.23
N GLY C 508 -9.55 22.28 30.10
CA GLY C 508 -10.32 23.13 30.99
C GLY C 508 -9.51 24.04 31.92
N ASP C 509 -8.44 23.49 32.48
CA ASP C 509 -7.53 24.27 33.31
C ASP C 509 -6.80 25.37 32.57
N VAL C 510 -6.62 25.25 31.26
CA VAL C 510 -5.96 26.29 30.48
C VAL C 510 -6.98 27.32 29.96
N ILE C 511 -8.09 26.87 29.37
CA ILE C 511 -9.09 27.82 28.82
C ILE C 511 -10.00 28.56 29.86
N ALA C 512 -10.10 27.96 31.06
CA ALA C 512 -10.97 28.50 32.16
C ALA C 512 -10.38 28.18 33.53
N PRO C 513 -9.16 28.70 33.82
CA PRO C 513 -8.49 28.42 35.10
C PRO C 513 -9.28 28.86 36.34
N LEU C 514 -10.16 29.86 36.23
CA LEU C 514 -10.96 30.29 37.39
C LEU C 514 -12.26 29.52 37.62
N ILE C 515 -12.68 28.70 36.64
CA ILE C 515 -13.94 27.92 36.71
C ILE C 515 -13.70 26.45 37.19
N THR C 516 -12.64 25.81 36.67
CA THR C 516 -12.36 24.41 36.99
C THR C 516 -12.11 24.06 38.48
N PRO C 517 -11.58 24.98 39.34
CA PRO C 517 -11.40 24.64 40.78
C PRO C 517 -12.68 24.44 41.60
N GLN C 518 -13.82 25.05 41.20
CA GLN C 518 -15.11 24.85 41.89
C GLN C 518 -15.55 23.39 41.96
N LYS C 519 -15.14 22.62 40.97
CA LYS C 519 -15.59 21.24 40.80
C LYS C 519 -14.46 20.28 41.27
N LYS C 520 -14.55 19.76 42.46
CA LYS C 520 -13.50 18.88 42.97
C LYS C 520 -13.21 17.55 42.28
N GLU C 521 -14.18 16.94 41.62
CA GLU C 521 -13.93 15.74 40.80
C GLU C 521 -12.86 16.08 39.70
N TRP C 522 -12.76 17.37 39.32
CA TRP C 522 -11.94 17.81 38.21
C TRP C 522 -10.52 18.29 38.66
N ASN C 523 -10.27 18.45 39.96
CA ASN C 523 -9.39 19.54 40.55
C ASN C 523 -9.60 19.65 42.03
N ASP D 37 -8.41 -33.65 7.18
CA ASP D 37 -8.02 -33.28 5.79
C ASP D 37 -9.16 -32.48 5.06
N THR D 38 -9.47 -31.27 5.56
CA THR D 38 -10.09 -30.22 4.70
C THR D 38 -9.08 -29.08 4.43
N MET D 39 -9.55 -28.21 3.56
CA MET D 39 -8.94 -26.98 3.08
C MET D 39 -8.19 -26.16 4.22
N LYS D 40 -7.01 -25.64 3.99
CA LYS D 40 -6.45 -24.67 4.87
C LYS D 40 -6.47 -23.29 4.22
N VAL D 41 -6.64 -22.26 5.05
CA VAL D 41 -6.53 -20.88 4.65
C VAL D 41 -5.18 -20.37 5.20
N ILE D 42 -4.42 -19.74 4.36
CA ILE D 42 -3.14 -19.14 4.70
C ILE D 42 -3.19 -17.64 4.36
N ASN D 43 -2.63 -16.81 5.24
CA ASN D 43 -2.64 -15.34 4.99
C ASN D 43 -1.27 -15.02 4.44
N ASP D 44 -1.23 -14.60 3.20
CA ASP D 44 -0.01 -14.15 2.55
C ASP D 44 -0.06 -12.61 2.39
N PRO D 45 1.02 -11.87 2.69
CA PRO D 45 0.94 -10.44 2.50
C PRO D 45 0.75 -9.94 1.10
N ILE D 46 1.18 -10.67 0.10
CA ILE D 46 0.93 -10.26 -1.28
C ILE D 46 -0.49 -10.62 -1.74
N HIS D 47 -0.91 -11.86 -1.57
CA HIS D 47 -2.18 -12.31 -2.12
C HIS D 47 -3.38 -12.34 -1.17
N GLY D 48 -3.17 -12.05 0.10
CA GLY D 48 -4.26 -12.09 1.08
C GLY D 48 -4.47 -13.58 1.47
N HIS D 49 -5.72 -13.91 1.77
CA HIS D 49 -6.09 -15.19 2.24
C HIS D 49 -6.28 -16.12 1.06
N ILE D 50 -5.46 -17.15 1.00
CA ILE D 50 -5.34 -18.15 -0.05
C ILE D 50 -5.87 -19.52 0.48
N GLU D 51 -6.65 -20.26 -0.33
CA GLU D 51 -7.13 -21.58 0.09
C GLU D 51 -6.23 -22.65 -0.44
N LEU D 52 -5.85 -23.61 0.40
CA LEU D 52 -5.10 -24.76 -0.07
C LEU D 52 -5.90 -26.05 0.10
N HIS D 53 -6.17 -26.70 -1.01
CA HIS D 53 -6.74 -28.04 -1.04
C HIS D 53 -5.90 -29.01 -0.18
N PRO D 54 -6.54 -29.94 0.53
CA PRO D 54 -5.77 -30.80 1.43
C PRO D 54 -4.64 -31.63 0.74
N LEU D 55 -4.75 -31.97 -0.53
CA LEU D 55 -3.61 -32.63 -1.20
C LEU D 55 -2.39 -31.72 -1.28
N LEU D 56 -2.64 -30.44 -1.57
CA LEU D 56 -1.57 -29.46 -1.62
C LEU D 56 -0.92 -29.30 -0.21
N VAL D 57 -1.73 -29.32 0.83
CA VAL D 57 -1.21 -29.24 2.18
C VAL D 57 -0.27 -30.43 2.48
N ARG D 58 -0.67 -31.64 2.07
CA ARG D 58 0.17 -32.84 2.23
C ARG D 58 1.53 -32.70 1.51
N ILE D 59 1.56 -32.07 0.35
CA ILE D 59 2.79 -31.81 -0.38
C ILE D 59 3.68 -30.80 0.34
N ILE D 60 3.05 -29.74 0.81
CA ILE D 60 3.77 -28.65 1.49
C ILE D 60 4.40 -29.13 2.77
N ASP D 61 3.69 -29.98 3.51
CA ASP D 61 4.13 -30.39 4.83
C ASP D 61 5.10 -31.63 4.78
N THR D 62 6.18 -31.43 4.03
CA THR D 62 7.25 -32.41 3.81
C THR D 62 8.57 -31.68 3.99
N PRO D 63 9.62 -32.42 4.40
CA PRO D 63 10.97 -31.84 4.45
C PRO D 63 11.45 -31.26 3.13
N GLN D 64 11.04 -31.87 2.01
CA GLN D 64 11.46 -31.41 0.68
C GLN D 64 10.89 -30.09 0.31
N PHE D 65 9.68 -29.82 0.74
CA PHE D 65 9.05 -28.52 0.46
C PHE D 65 9.44 -27.46 1.50
N GLN D 66 9.41 -27.84 2.78
CA GLN D 66 9.74 -26.93 3.89
C GLN D 66 11.19 -26.42 3.84
N ARG D 67 12.05 -27.17 3.19
CA ARG D 67 13.41 -26.74 2.85
C ARG D 67 13.49 -25.34 2.26
N LEU D 68 12.52 -25.01 1.46
CA LEU D 68 12.48 -23.72 0.78
C LEU D 68 12.34 -22.52 1.77
N ARG D 69 11.97 -22.78 3.02
CA ARG D 69 12.01 -21.76 4.08
C ARG D 69 13.44 -21.26 4.38
N TYR D 70 14.47 -22.01 3.96
CA TYR D 70 15.86 -21.72 4.37
C TYR D 70 16.74 -21.34 3.17
N ILE D 71 16.07 -20.91 2.08
CA ILE D 71 16.70 -20.44 0.87
C ILE D 71 16.14 -19.06 0.46
N LYS D 72 16.98 -18.02 0.57
CA LYS D 72 16.57 -16.68 0.18
C LYS D 72 16.26 -16.55 -1.28
N GLN D 73 15.15 -15.91 -1.59
CA GLN D 73 14.75 -15.66 -2.97
C GLN D 73 15.83 -14.94 -3.74
N LEU D 74 16.35 -13.89 -3.16
CA LEU D 74 17.28 -13.00 -3.85
C LEU D 74 18.74 -13.17 -3.42
N GLY D 75 19.08 -14.26 -2.72
CA GLY D 75 20.46 -14.53 -2.36
C GLY D 75 21.18 -13.40 -1.63
N GLY D 76 22.28 -12.97 -2.20
CA GLY D 76 23.09 -11.91 -1.62
C GLY D 76 22.43 -10.53 -1.74
N GLY D 77 21.33 -10.41 -2.49
CA GLY D 77 20.59 -9.19 -2.54
C GLY D 77 20.14 -8.66 -1.19
N TYR D 78 19.89 -9.57 -0.27
CA TYR D 78 19.54 -9.16 1.09
C TYR D 78 20.63 -8.32 1.77
N TYR D 79 21.88 -8.50 1.38
CA TYR D 79 23.02 -7.73 1.91
C TYR D 79 23.10 -6.29 1.34
N VAL D 80 22.19 -5.94 0.42
CA VAL D 80 22.06 -4.62 -0.16
C VAL D 80 20.67 -3.99 0.11
N PHE D 81 19.63 -4.83 -0.01
CA PHE D 81 18.28 -4.45 0.22
C PHE D 81 17.81 -5.20 1.51
N PRO D 82 17.80 -4.53 2.64
CA PRO D 82 17.57 -5.24 3.90
C PRO D 82 16.15 -5.73 4.12
N GLY D 83 15.21 -5.29 3.32
CA GLY D 83 13.89 -5.84 3.27
C GLY D 83 13.83 -7.22 2.58
N ALA D 84 14.86 -7.63 1.85
CA ALA D 84 14.78 -8.79 0.94
C ALA D 84 15.22 -10.07 1.66
N SER D 85 14.54 -10.33 2.75
CA SER D 85 14.73 -11.45 3.69
C SER D 85 13.84 -12.66 3.24
N HIS D 86 12.97 -12.47 2.22
CA HIS D 86 11.99 -13.47 1.81
C HIS D 86 12.66 -14.68 1.14
N ASN D 87 12.04 -15.84 1.36
CA ASN D 87 12.51 -17.10 0.96
C ASN D 87 11.67 -17.71 -0.15
N ARG D 88 12.22 -18.76 -0.76
CA ARG D 88 11.57 -19.46 -1.83
C ARG D 88 10.23 -20.11 -1.44
N PHE D 89 10.08 -20.43 -0.18
CA PHE D 89 8.85 -21.06 0.33
C PHE D 89 7.60 -20.25 0.02
N GLU D 90 7.61 -19.01 0.51
CA GLU D 90 6.44 -18.17 0.37
C GLU D 90 6.20 -17.80 -1.09
N HIS D 91 7.26 -17.63 -1.86
CA HIS D 91 7.14 -17.43 -3.27
C HIS D 91 6.43 -18.62 -3.96
N SER D 92 6.78 -19.84 -3.57
CA SER D 92 6.16 -21.06 -4.09
C SER D 92 4.70 -21.12 -3.79
N LEU D 93 4.28 -20.75 -2.57
CA LEU D 93 2.87 -20.69 -2.22
C LEU D 93 2.12 -19.72 -3.17
N GLY D 94 2.71 -18.55 -3.40
CA GLY D 94 2.21 -17.58 -4.29
C GLY D 94 2.04 -18.04 -5.73
N VAL D 95 3.08 -18.75 -6.23
CA VAL D 95 3.01 -19.28 -7.60
C VAL D 95 1.90 -20.31 -7.73
N GLY D 96 1.80 -21.20 -6.78
CA GLY D 96 0.71 -22.18 -6.75
C GLY D 96 -0.66 -21.53 -6.68
N TYR D 97 -0.79 -20.48 -5.88
CA TYR D 97 -2.04 -19.74 -5.80
C TYR D 97 -2.44 -19.09 -7.15
N LEU D 98 -1.50 -18.37 -7.77
CA LEU D 98 -1.74 -17.71 -9.04
C LEU D 98 -2.01 -18.68 -10.17
N ALA D 99 -1.32 -19.81 -10.17
CA ALA D 99 -1.57 -20.86 -11.18
C ALA D 99 -3.06 -21.29 -11.09
N GLY D 100 -3.53 -21.50 -9.86
CA GLY D 100 -4.94 -21.80 -9.59
C GLY D 100 -5.89 -20.69 -10.06
N CYS D 101 -5.54 -19.43 -9.78
CA CYS D 101 -6.35 -18.32 -10.20
C CYS D 101 -6.51 -18.28 -11.73
N LEU D 102 -5.43 -18.49 -12.48
CA LEU D 102 -5.51 -18.36 -13.92
C LEU D 102 -6.31 -19.51 -14.50
N VAL D 103 -6.02 -20.74 -14.07
CA VAL D 103 -6.70 -21.88 -14.67
C VAL D 103 -8.21 -21.86 -14.33
N HIS D 104 -8.56 -21.49 -13.11
CA HIS D 104 -9.98 -21.33 -12.73
C HIS D 104 -10.68 -20.28 -13.55
N ALA D 105 -10.04 -19.11 -13.74
CA ALA D 105 -10.65 -18.03 -14.52
C ALA D 105 -10.92 -18.48 -15.98
N LEU D 106 -9.96 -19.20 -16.57
CA LEU D 106 -10.12 -19.67 -17.94
C LEU D 106 -11.31 -20.62 -18.02
N GLY D 107 -11.39 -21.50 -17.03
CA GLY D 107 -12.48 -22.52 -16.99
C GLY D 107 -13.86 -21.95 -16.71
N GLU D 108 -13.94 -20.90 -15.86
CA GLU D 108 -15.21 -20.22 -15.61
C GLU D 108 -15.68 -19.45 -16.85
N LYS D 109 -14.82 -18.72 -17.55
CA LYS D 109 -15.20 -18.00 -18.77
C LYS D 109 -15.43 -18.91 -19.96
N GLN D 110 -14.75 -20.04 -20.04
CA GLN D 110 -14.82 -20.92 -21.21
C GLN D 110 -15.05 -22.39 -20.81
N PRO D 111 -16.29 -22.73 -20.41
CA PRO D 111 -16.56 -24.11 -20.04
C PRO D 111 -16.30 -25.10 -21.18
N GLU D 112 -16.34 -24.66 -22.42
CA GLU D 112 -16.02 -25.56 -23.53
C GLU D 112 -14.55 -26.09 -23.54
N LEU D 113 -13.65 -25.51 -22.78
CA LEU D 113 -12.29 -26.06 -22.64
C LEU D 113 -12.25 -27.40 -21.85
N GLN D 114 -13.33 -27.69 -21.10
CA GLN D 114 -13.45 -28.88 -20.30
C GLN D 114 -12.33 -29.05 -19.29
N ILE D 115 -11.95 -27.94 -18.68
CA ILE D 115 -10.95 -27.98 -17.62
C ILE D 115 -11.55 -28.72 -16.42
N SER D 116 -10.90 -29.78 -15.95
CA SER D 116 -11.42 -30.56 -14.83
C SER D 116 -10.80 -30.14 -13.50
N GLU D 117 -11.41 -30.60 -12.43
CA GLU D 117 -10.86 -30.35 -11.08
C GLU D 117 -9.48 -31.00 -10.98
N ARG D 118 -9.33 -32.15 -11.59
CA ARG D 118 -8.05 -32.82 -11.68
C ARG D 118 -6.95 -31.93 -12.38
N ASP D 119 -7.33 -31.30 -13.49
CA ASP D 119 -6.47 -30.34 -14.20
C ASP D 119 -6.08 -29.19 -13.30
N VAL D 120 -7.06 -28.64 -12.59
CA VAL D 120 -6.80 -27.49 -11.71
C VAL D 120 -5.77 -27.90 -10.66
N LEU D 121 -5.99 -29.03 -10.02
CA LEU D 121 -5.05 -29.51 -8.97
C LEU D 121 -3.65 -29.74 -9.49
N CYS D 122 -3.54 -30.36 -10.66
CA CYS D 122 -2.23 -30.57 -11.29
C CYS D 122 -1.52 -29.29 -11.62
N VAL D 123 -2.25 -28.30 -12.13
CA VAL D 123 -1.67 -26.99 -12.40
C VAL D 123 -1.20 -26.32 -11.07
N GLN D 124 -2.05 -26.35 -10.03
CA GLN D 124 -1.65 -25.78 -8.73
C GLN D 124 -0.39 -26.49 -8.18
N ILE D 125 -0.31 -27.83 -8.33
CA ILE D 125 0.86 -28.56 -7.79
C ILE D 125 2.13 -28.16 -8.55
N ALA D 126 2.05 -28.08 -9.88
CA ALA D 126 3.21 -27.63 -10.67
C ALA D 126 3.65 -26.22 -10.25
N GLY D 127 2.68 -25.34 -10.08
CA GLY D 127 3.03 -23.96 -9.66
C GLY D 127 3.72 -23.96 -8.26
N LEU D 128 3.18 -24.78 -7.37
CA LEU D 128 3.75 -24.91 -6.04
C LEU D 128 5.11 -25.46 -6.03
N CYS D 129 5.41 -26.35 -6.94
CA CYS D 129 6.64 -27.13 -6.86
C CYS D 129 7.73 -26.74 -7.82
N ARG D 130 7.48 -25.74 -8.65
CA ARG D 130 8.51 -25.39 -9.65
C ARG D 130 9.69 -24.66 -9.07
N ASN D 131 9.69 -24.29 -7.80
CA ASN D 131 10.94 -23.76 -7.17
C ASN D 131 11.68 -24.77 -6.30
N LEU D 132 11.31 -26.05 -6.35
CA LEU D 132 11.90 -27.01 -5.42
C LEU D 132 13.37 -27.26 -5.67
N GLY D 133 13.85 -27.00 -6.88
CA GLY D 133 15.25 -27.26 -7.25
C GLY D 133 16.28 -26.23 -6.94
N HIS D 134 15.84 -25.09 -6.40
CA HIS D 134 16.79 -24.04 -6.04
C HIS D 134 17.69 -24.47 -4.91
N GLY D 135 18.95 -24.01 -5.01
CA GLY D 135 19.98 -24.35 -4.03
C GLY D 135 20.26 -23.13 -3.17
N PRO D 136 21.25 -23.22 -2.26
CA PRO D 136 21.64 -22.13 -1.41
C PRO D 136 21.79 -20.79 -2.17
N PHE D 137 21.11 -19.77 -1.67
CA PHE D 137 21.11 -18.43 -2.24
C PHE D 137 20.55 -18.34 -3.68
N SER D 138 19.65 -19.27 -4.00
CA SER D 138 18.94 -19.30 -5.26
C SER D 138 19.89 -19.25 -6.47
N HIS D 139 19.82 -18.21 -7.26
CA HIS D 139 20.67 -18.12 -8.47
C HIS D 139 22.17 -18.18 -8.33
N MET D 140 22.67 -17.80 -7.18
CA MET D 140 24.06 -18.03 -6.89
C MET D 140 24.48 -19.50 -7.12
N PHE D 141 23.63 -20.44 -6.69
CA PHE D 141 23.99 -21.84 -6.71
C PHE D 141 24.10 -22.37 -8.12
N ASP D 142 23.02 -22.23 -8.91
CA ASP D 142 23.07 -22.74 -10.28
C ASP D 142 23.76 -21.79 -11.29
N GLY D 143 23.76 -20.49 -11.00
CA GLY D 143 24.42 -19.49 -11.86
C GLY D 143 25.90 -19.34 -11.64
N ARG D 144 26.39 -19.47 -10.42
CA ARG D 144 27.81 -19.27 -10.15
C ARG D 144 28.52 -20.48 -9.58
N PHE D 145 27.93 -21.09 -8.52
CA PHE D 145 28.67 -22.12 -7.81
C PHE D 145 28.89 -23.42 -8.58
N ILE D 146 27.79 -24.01 -9.02
CA ILE D 146 27.90 -25.31 -9.71
C ILE D 146 28.76 -25.22 -11.02
N PRO D 147 28.57 -24.17 -11.83
CA PRO D 147 29.44 -24.06 -13.03
C PRO D 147 30.90 -24.06 -12.69
N LEU D 148 31.32 -23.47 -11.57
CA LEU D 148 32.72 -23.50 -11.21
C LEU D 148 33.14 -24.76 -10.47
N ALA D 149 32.30 -25.29 -9.58
CA ALA D 149 32.66 -26.50 -8.83
C ALA D 149 32.59 -27.75 -9.70
N ARG D 150 31.58 -27.88 -10.56
CA ARG D 150 31.42 -29.08 -11.39
C ARG D 150 31.25 -28.62 -12.83
N PRO D 151 32.31 -28.10 -13.46
CA PRO D 151 32.17 -27.60 -14.87
C PRO D 151 31.67 -28.65 -15.87
N GLU D 152 31.91 -29.92 -15.61
CA GLU D 152 31.44 -31.00 -16.48
C GLU D 152 29.93 -31.29 -16.44
N VAL D 153 29.20 -30.81 -15.44
CA VAL D 153 27.83 -31.28 -15.28
C VAL D 153 26.89 -30.24 -15.84
N LYS D 154 25.68 -30.62 -16.19
CA LYS D 154 24.70 -29.69 -16.75
C LYS D 154 23.56 -29.57 -15.77
N TRP D 155 23.63 -28.63 -14.82
CA TRP D 155 22.63 -28.56 -13.77
C TRP D 155 21.82 -27.28 -13.95
N THR D 156 20.51 -27.38 -13.86
CA THR D 156 19.62 -26.24 -13.79
C THR D 156 18.65 -26.45 -12.62
N HIS D 157 18.13 -25.32 -12.12
CA HIS D 157 17.19 -25.39 -11.03
C HIS D 157 15.90 -26.11 -11.51
N GLU D 158 15.51 -25.96 -12.78
CA GLU D 158 14.34 -26.64 -13.30
C GLU D 158 14.50 -28.16 -13.25
N GLN D 159 15.65 -28.67 -13.68
CA GLN D 159 15.91 -30.13 -13.56
C GLN D 159 15.90 -30.53 -12.09
N GLY D 160 16.55 -29.73 -11.25
CA GLY D 160 16.53 -29.94 -9.82
C GLY D 160 15.08 -29.99 -9.28
N SER D 161 14.18 -29.14 -9.79
CA SER D 161 12.80 -29.12 -9.36
C SER D 161 12.08 -30.41 -9.66
N VAL D 162 12.34 -30.99 -10.80
CA VAL D 162 11.76 -32.27 -11.17
C VAL D 162 12.29 -33.39 -10.29
N MET D 163 13.61 -33.40 -10.08
CA MET D 163 14.23 -34.44 -9.26
C MET D 163 13.75 -34.32 -7.83
N MET D 164 13.64 -33.08 -7.34
CA MET D 164 13.20 -32.90 -5.98
C MET D 164 11.66 -33.20 -5.81
N PHE D 165 10.87 -32.89 -6.79
CA PHE D 165 9.45 -33.27 -6.82
C PHE D 165 9.29 -34.74 -6.72
N GLU D 166 10.07 -35.48 -7.52
CA GLU D 166 10.01 -36.92 -7.51
C GLU D 166 10.44 -37.45 -6.17
N HIS D 167 11.52 -36.90 -5.61
CA HIS D 167 11.97 -37.33 -4.27
C HIS D 167 10.86 -37.04 -3.19
N LEU D 168 10.25 -35.88 -3.29
CA LEU D 168 9.11 -35.50 -2.39
C LEU D 168 7.94 -36.51 -2.45
N ILE D 169 7.47 -36.79 -3.66
CA ILE D 169 6.36 -37.71 -3.91
C ILE D 169 6.69 -39.11 -3.33
N ASN D 170 7.87 -39.63 -3.68
CA ASN D 170 8.23 -41.02 -3.31
C ASN D 170 8.59 -41.19 -1.87
N SER D 171 9.21 -40.21 -1.23
CA SER D 171 9.62 -40.32 0.17
C SER D 171 8.45 -40.08 1.11
N ASN D 172 7.33 -39.50 0.67
CA ASN D 172 6.28 -39.10 1.60
C ASN D 172 4.92 -39.77 1.34
N GLY D 173 4.89 -40.81 0.51
CA GLY D 173 3.64 -41.47 0.23
C GLY D 173 2.59 -40.63 -0.42
N ILE D 174 2.95 -39.73 -1.29
CA ILE D 174 1.95 -38.83 -1.90
C ILE D 174 1.10 -39.54 -2.99
N LYS D 175 1.64 -40.55 -3.67
CA LYS D 175 0.87 -41.12 -4.76
C LYS D 175 -0.49 -41.71 -4.36
N PRO D 176 -0.53 -42.51 -3.28
CA PRO D 176 -1.87 -43.00 -2.85
C PRO D 176 -2.81 -41.85 -2.42
N VAL D 177 -2.30 -40.72 -1.91
CA VAL D 177 -3.17 -39.58 -1.60
C VAL D 177 -3.65 -38.87 -2.87
N MET D 178 -2.79 -38.75 -3.89
CA MET D 178 -3.23 -38.31 -5.19
C MET D 178 -4.39 -39.17 -5.70
N GLU D 179 -4.24 -40.49 -5.61
CA GLU D 179 -5.35 -41.41 -6.04
C GLU D 179 -6.63 -41.13 -5.27
N GLN D 180 -6.50 -40.96 -3.98
CA GLN D 180 -7.64 -40.70 -3.11
C GLN D 180 -8.41 -39.44 -3.56
N TYR D 181 -7.72 -38.44 -4.09
CA TYR D 181 -8.42 -37.24 -4.59
C TYR D 181 -8.69 -37.22 -6.06
N GLY D 182 -8.65 -38.36 -6.73
CA GLY D 182 -9.02 -38.46 -8.13
C GLY D 182 -7.95 -38.12 -9.16
N LEU D 183 -6.69 -37.95 -8.73
CA LEU D 183 -5.58 -37.86 -9.66
C LEU D 183 -5.16 -39.25 -10.11
N ILE D 184 -4.56 -39.33 -11.29
CA ILE D 184 -3.98 -40.58 -11.81
C ILE D 184 -2.49 -40.37 -11.87
N PRO D 185 -1.74 -40.83 -10.84
CA PRO D 185 -0.34 -40.46 -10.77
C PRO D 185 0.53 -40.72 -12.00
N GLU D 186 0.27 -41.79 -12.72
CA GLU D 186 1.06 -42.20 -13.92
C GLU D 186 1.05 -40.98 -14.89
N GLU D 187 -0.14 -40.56 -15.32
CA GLU D 187 -0.29 -39.37 -16.21
C GLU D 187 0.04 -38.04 -15.55
N ASP D 188 -0.43 -37.86 -14.31
CA ASP D 188 -0.40 -36.56 -13.64
C ASP D 188 0.96 -36.14 -13.14
N ILE D 189 1.76 -37.08 -12.65
CA ILE D 189 3.13 -36.79 -12.30
C ILE D 189 3.89 -36.34 -13.54
N CYS D 190 3.65 -37.05 -14.65
CA CYS D 190 4.27 -36.67 -15.93
C CYS D 190 3.86 -35.22 -16.33
N PHE D 191 2.57 -34.92 -16.27
CA PHE D 191 2.06 -33.59 -16.59
C PHE D 191 2.69 -32.52 -15.71
N ILE D 192 2.77 -32.79 -14.41
CA ILE D 192 3.34 -31.83 -13.50
C ILE D 192 4.83 -31.58 -13.82
N LYS D 193 5.58 -32.65 -14.06
CA LYS D 193 6.99 -32.47 -14.40
C LYS D 193 7.17 -31.71 -15.73
N GLU D 194 6.32 -32.01 -16.69
CA GLU D 194 6.39 -31.32 -17.97
C GLU D 194 6.08 -29.83 -17.81
N GLN D 195 5.16 -29.46 -16.90
CA GLN D 195 4.87 -28.06 -16.67
C GLN D 195 6.09 -27.35 -16.09
N ILE D 196 6.93 -28.03 -15.36
CA ILE D 196 8.09 -27.43 -14.72
C ILE D 196 9.27 -27.31 -15.65
N VAL D 197 9.55 -28.39 -16.39
CA VAL D 197 10.80 -28.50 -17.14
C VAL D 197 10.63 -28.51 -18.68
N GLY D 198 9.41 -28.58 -19.19
CA GLY D 198 9.18 -28.71 -20.62
C GLY D 198 9.09 -30.19 -21.00
N PRO D 199 8.94 -30.49 -22.31
CA PRO D 199 8.93 -31.87 -22.82
C PRO D 199 10.10 -32.70 -22.31
N LEU D 200 9.83 -33.88 -21.76
CA LEU D 200 10.82 -34.69 -20.99
C LEU D 200 11.86 -35.41 -21.90
N GLU D 201 11.62 -35.51 -23.21
CA GLU D 201 12.70 -35.82 -24.17
C GLU D 201 12.74 -35.00 -25.48
N LEU D 208 4.47 -32.92 -34.35
CA LEU D 208 4.29 -33.73 -33.23
C LEU D 208 4.05 -32.77 -32.02
N TRP D 209 2.84 -32.82 -31.42
CA TRP D 209 2.60 -32.46 -29.99
C TRP D 209 3.62 -33.17 -29.10
N PRO D 210 4.55 -32.44 -28.49
CA PRO D 210 5.66 -33.11 -27.76
C PRO D 210 5.37 -33.53 -26.30
N TYR D 211 4.20 -33.22 -25.77
CA TYR D 211 3.92 -33.50 -24.35
C TYR D 211 3.13 -34.81 -24.23
N LYS D 212 3.32 -35.52 -23.12
CA LYS D 212 2.61 -36.78 -22.83
C LYS D 212 1.62 -36.70 -21.68
N GLY D 213 1.75 -35.69 -20.83
CA GLY D 213 0.92 -35.60 -19.65
C GLY D 213 -0.53 -35.23 -19.94
N ARG D 214 -0.71 -34.42 -20.97
CA ARG D 214 -2.02 -34.00 -21.45
C ARG D 214 -2.04 -33.94 -22.99
N PRO D 215 -3.20 -34.21 -23.59
CA PRO D 215 -3.32 -34.08 -25.05
C PRO D 215 -3.41 -32.63 -25.52
N GLU D 216 -3.36 -32.45 -26.84
CA GLU D 216 -3.30 -31.10 -27.47
C GLU D 216 -4.48 -30.21 -27.14
N ASN D 217 -5.63 -30.76 -26.88
CA ASN D 217 -6.80 -29.94 -26.52
C ASN D 217 -6.68 -29.29 -25.13
N LYS D 218 -5.64 -29.61 -24.37
CA LYS D 218 -5.34 -28.96 -23.11
C LYS D 218 -3.98 -28.23 -23.19
N SER D 219 -3.53 -27.94 -24.41
CA SER D 219 -2.26 -27.28 -24.67
C SER D 219 -2.01 -26.04 -23.82
N PHE D 220 -3.07 -25.23 -23.76
CA PHE D 220 -3.05 -24.01 -22.98
C PHE D 220 -2.67 -24.21 -21.53
N LEU D 221 -2.92 -25.39 -20.95
CA LEU D 221 -2.53 -25.60 -19.54
C LEU D 221 -1.00 -25.51 -19.32
N TYR D 222 -0.21 -25.80 -20.36
CA TYR D 222 1.23 -25.68 -20.28
C TYR D 222 1.77 -24.23 -20.36
N GLU D 223 0.89 -23.25 -20.53
CA GLU D 223 1.33 -21.83 -20.60
C GLU D 223 1.15 -21.09 -19.29
N ILE D 224 0.77 -21.77 -18.22
CA ILE D 224 0.44 -21.12 -16.95
C ILE D 224 1.63 -21.03 -16.04
N VAL D 225 2.27 -22.18 -15.77
CA VAL D 225 3.29 -22.25 -14.73
C VAL D 225 4.68 -21.84 -15.21
N SER D 226 5.05 -22.29 -16.38
CA SER D 226 6.33 -21.89 -16.92
C SER D 226 6.16 -21.85 -18.41
N ASN D 227 6.01 -20.65 -18.95
CA ASN D 227 5.65 -20.51 -20.34
C ASN D 227 6.88 -20.44 -21.20
N LYS D 228 7.15 -21.50 -21.91
CA LYS D 228 8.36 -21.55 -22.75
C LYS D 228 8.15 -20.88 -24.10
N ARG D 229 6.93 -20.59 -24.50
CA ARG D 229 6.67 -19.96 -25.78
C ARG D 229 7.03 -18.46 -25.72
N ASN D 230 6.63 -17.77 -24.65
CA ASN D 230 6.86 -16.34 -24.56
C ASN D 230 7.25 -15.79 -23.16
N GLY D 231 7.28 -16.63 -22.13
CA GLY D 231 7.66 -16.20 -20.82
C GLY D 231 6.57 -15.54 -19.97
N ILE D 232 5.34 -15.47 -20.46
CA ILE D 232 4.30 -14.82 -19.66
C ILE D 232 3.71 -15.90 -18.80
N ASP D 233 4.10 -15.94 -17.54
CA ASP D 233 3.60 -16.95 -16.62
C ASP D 233 3.46 -16.45 -15.24
N VAL D 234 2.79 -17.23 -14.42
CA VAL D 234 2.42 -16.85 -13.11
C VAL D 234 3.57 -16.73 -12.13
N ASP D 235 4.68 -17.40 -12.42
CA ASP D 235 5.88 -17.33 -11.57
C ASP D 235 6.45 -15.89 -11.56
N LYS D 236 6.51 -15.26 -12.72
CA LYS D 236 6.90 -13.84 -12.83
C LYS D 236 5.95 -12.96 -12.02
N TRP D 237 4.66 -13.23 -12.13
CA TRP D 237 3.69 -12.35 -11.52
C TRP D 237 3.84 -12.36 -10.04
N ASP D 238 4.15 -13.52 -9.46
CA ASP D 238 4.36 -13.57 -8.05
C ASP D 238 5.64 -12.82 -7.68
N TYR D 239 6.77 -13.09 -8.35
CA TYR D 239 8.01 -12.48 -7.89
C TYR D 239 8.01 -10.96 -8.13
N PHE D 240 7.37 -10.46 -9.21
CA PHE D 240 7.26 -9.00 -9.35
C PHE D 240 6.62 -8.41 -8.10
N ALA D 241 5.46 -8.94 -7.67
CA ALA D 241 4.76 -8.36 -6.51
C ALA D 241 5.52 -8.59 -5.23
N ARG D 242 6.04 -9.78 -5.03
CA ARG D 242 6.70 -10.15 -3.75
C ARG D 242 8.06 -9.47 -3.61
N ASP D 243 8.86 -9.54 -4.65
CA ASP D 243 10.16 -8.85 -4.60
C ASP D 243 10.00 -7.38 -4.37
N CYS D 244 9.03 -6.73 -5.04
CA CYS D 244 8.83 -5.33 -4.90
C CYS D 244 8.43 -4.93 -3.46
N HIS D 245 7.50 -5.71 -2.91
CA HIS D 245 7.05 -5.53 -1.49
C HIS D 245 8.22 -5.55 -0.52
N HIS D 246 9.16 -6.44 -0.73
CA HIS D 246 10.31 -6.60 0.12
C HIS D 246 11.48 -5.67 -0.19
N LEU D 247 11.71 -5.39 -1.47
CA LEU D 247 12.82 -4.55 -1.85
C LEU D 247 12.61 -3.10 -1.48
N GLY D 248 11.36 -2.61 -1.48
CA GLY D 248 11.11 -1.18 -1.37
C GLY D 248 11.10 -0.47 -2.75
N ILE D 249 10.73 -1.19 -3.79
CA ILE D 249 10.59 -0.67 -5.17
C ILE D 249 9.20 -1.08 -5.56
N GLN D 250 8.49 -0.24 -6.29
CA GLN D 250 7.05 -0.42 -6.38
C GLN D 250 6.68 -1.20 -7.64
N ASN D 251 5.72 -2.15 -7.52
CA ASN D 251 5.43 -2.94 -8.74
C ASN D 251 4.50 -2.12 -9.77
N ASN D 252 4.79 -1.99 -11.05
CA ASN D 252 3.84 -1.39 -12.02
C ASN D 252 3.04 -2.33 -13.04
N PHE D 253 3.16 -3.63 -12.88
CA PHE D 253 2.40 -4.59 -13.70
C PHE D 253 1.17 -5.09 -12.89
N ASP D 254 0.02 -5.22 -13.57
CA ASP D 254 -1.21 -5.67 -12.94
C ASP D 254 -1.63 -7.06 -13.51
N TYR D 255 -1.25 -8.09 -12.77
CA TYR D 255 -1.54 -9.47 -13.18
C TYR D 255 -3.03 -9.73 -13.15
N LYS D 256 -3.76 -9.13 -12.19
CA LYS D 256 -5.19 -9.37 -12.13
C LYS D 256 -5.89 -8.91 -13.38
N ARG D 257 -5.46 -7.76 -13.89
CA ARG D 257 -6.00 -7.26 -15.14
C ARG D 257 -5.72 -8.25 -16.27
N PHE D 258 -4.48 -8.72 -16.33
CA PHE D 258 -4.11 -9.69 -17.38
C PHE D 258 -5.07 -10.94 -17.35
N ILE D 259 -5.31 -11.45 -16.16
CA ILE D 259 -6.21 -12.60 -15.99
C ILE D 259 -7.60 -12.29 -16.45
N LYS D 260 -8.13 -11.12 -16.15
CA LYS D 260 -9.47 -10.80 -16.63
C LYS D 260 -9.54 -10.74 -18.11
N PHE D 261 -8.46 -10.40 -18.79
CA PHE D 261 -8.51 -10.30 -20.23
C PHE D 261 -8.03 -11.56 -20.98
N ALA D 262 -7.57 -12.59 -20.31
CA ALA D 262 -7.02 -13.74 -20.99
C ALA D 262 -8.11 -14.66 -21.45
N ARG D 263 -7.93 -15.23 -22.64
CA ARG D 263 -8.86 -16.21 -23.21
C ARG D 263 -8.08 -17.25 -23.97
N VAL D 264 -8.67 -18.42 -24.19
CA VAL D 264 -8.03 -19.45 -24.98
C VAL D 264 -8.59 -19.38 -26.38
N CYS D 265 -7.72 -19.36 -27.39
CA CYS D 265 -8.13 -19.39 -28.80
C CYS D 265 -7.26 -20.37 -29.57
N GLU D 266 -7.74 -20.82 -30.69
CA GLU D 266 -6.96 -21.63 -31.59
C GLU D 266 -5.92 -20.81 -32.36
N VAL D 267 -4.67 -21.14 -32.24
CA VAL D 267 -3.58 -20.52 -33.01
C VAL D 267 -2.75 -21.64 -33.67
N ASP D 268 -2.62 -21.56 -35.01
CA ASP D 268 -1.99 -22.61 -35.83
C ASP D 268 -2.40 -24.00 -35.33
N ASN D 269 -3.70 -24.26 -35.27
CA ASN D 269 -4.26 -25.55 -34.84
C ASN D 269 -3.90 -26.04 -33.43
N GLU D 270 -3.54 -25.11 -32.54
CA GLU D 270 -3.27 -25.43 -31.18
C GLU D 270 -4.02 -24.42 -30.26
N LEU D 271 -4.58 -24.89 -29.15
CA LEU D 271 -5.25 -23.97 -28.23
C LEU D 271 -4.21 -23.23 -27.35
N ARG D 272 -4.23 -21.92 -27.35
CA ARG D 272 -3.26 -21.09 -26.61
C ARG D 272 -3.95 -20.01 -25.79
N ILE D 273 -3.27 -19.53 -24.76
CA ILE D 273 -3.72 -18.42 -23.98
C ILE D 273 -3.42 -17.16 -24.81
N CYS D 274 -4.46 -16.41 -25.14
CA CYS D 274 -4.36 -15.14 -25.83
C CYS D 274 -4.72 -13.99 -24.93
N ALA D 275 -4.13 -12.84 -25.23
CA ALA D 275 -4.43 -11.61 -24.50
C ALA D 275 -5.30 -10.74 -25.40
N ARG D 276 -6.08 -9.86 -24.81
CA ARG D 276 -6.79 -8.90 -25.57
C ARG D 276 -5.81 -7.96 -26.33
N ASP D 277 -6.14 -7.64 -27.56
CA ASP D 277 -5.31 -6.81 -28.45
C ASP D 277 -4.81 -5.52 -27.78
N LYS D 278 -5.71 -4.82 -27.08
CA LYS D 278 -5.33 -3.52 -26.51
C LYS D 278 -4.51 -3.61 -25.27
N GLU D 279 -4.33 -4.81 -24.70
CA GLU D 279 -3.37 -5.01 -23.67
C GLU D 279 -1.88 -5.17 -24.12
N VAL D 280 -1.60 -5.04 -25.42
CA VAL D 280 -0.24 -5.28 -25.92
C VAL D 280 0.77 -4.32 -25.27
N GLY D 281 0.40 -3.07 -25.13
CA GLY D 281 1.19 -2.12 -24.38
C GLY D 281 1.56 -2.54 -22.96
N ASN D 282 0.61 -3.12 -22.23
CA ASN D 282 0.86 -3.58 -20.90
C ASN D 282 1.86 -4.77 -20.87
N LEU D 283 1.88 -5.55 -21.96
CA LEU D 283 2.80 -6.68 -22.06
C LEU D 283 4.26 -6.22 -22.32
N TYR D 284 4.42 -5.25 -23.21
CA TYR D 284 5.72 -4.55 -23.34
C TYR D 284 6.16 -3.99 -21.98
N ASP D 285 5.24 -3.39 -21.21
CA ASP D 285 5.56 -2.83 -19.89
C ASP D 285 5.96 -3.90 -18.93
N MET D 286 5.35 -5.09 -19.01
CA MET D 286 5.68 -6.18 -18.13
C MET D 286 7.14 -6.60 -18.25
N PHE D 287 7.60 -6.77 -19.50
CA PHE D 287 9.05 -7.09 -19.74
C PHE D 287 9.98 -5.93 -19.38
N HIS D 288 9.50 -4.71 -19.58
CA HIS D 288 10.22 -3.51 -19.10
C HIS D 288 10.37 -3.53 -17.60
N THR D 289 9.32 -3.91 -16.87
CA THR D 289 9.36 -4.00 -15.43
C THR D 289 10.39 -5.09 -15.00
N ARG D 290 10.32 -6.27 -15.61
CA ARG D 290 11.31 -7.28 -15.33
C ARG D 290 12.77 -6.78 -15.52
N ASN D 291 13.01 -6.11 -16.61
CA ASN D 291 14.34 -5.57 -16.93
C ASN D 291 14.77 -4.53 -15.87
N SER D 292 13.82 -3.69 -15.47
CA SER D 292 14.06 -2.70 -14.47
C SER D 292 14.36 -3.33 -13.09
N LEU D 293 13.71 -4.40 -12.71
CA LEU D 293 14.03 -5.09 -11.51
C LEU D 293 15.47 -5.75 -11.54
N HIS D 294 15.84 -6.30 -12.68
CA HIS D 294 17.22 -6.78 -12.90
C HIS D 294 18.22 -5.65 -12.75
N ARG D 295 17.94 -4.51 -13.37
CA ARG D 295 18.85 -3.38 -13.28
C ARG D 295 19.00 -2.83 -11.87
N ARG D 296 17.90 -2.65 -11.17
CA ARG D 296 17.94 -1.99 -9.88
C ARG D 296 18.39 -2.92 -8.80
N ALA D 297 17.94 -4.15 -8.85
CA ALA D 297 18.06 -5.08 -7.74
C ALA D 297 18.83 -6.34 -8.03
N TYR D 298 18.35 -7.17 -8.94
CA TYR D 298 18.88 -8.49 -9.08
C TYR D 298 20.37 -8.48 -9.56
N GLN D 299 20.76 -7.49 -10.36
CA GLN D 299 22.10 -7.32 -10.85
C GLN D 299 22.83 -6.15 -10.23
N HIS D 300 22.39 -5.74 -9.04
CA HIS D 300 23.06 -4.66 -8.32
C HIS D 300 24.54 -5.07 -8.20
N LYS D 301 25.44 -4.15 -8.42
CA LYS D 301 26.88 -4.51 -8.46
C LYS D 301 27.46 -5.01 -7.13
N VAL D 302 26.90 -4.56 -6.00
CA VAL D 302 27.35 -5.04 -4.77
C VAL D 302 26.67 -6.32 -4.41
N GLY D 303 25.39 -6.45 -4.71
CA GLY D 303 24.76 -7.74 -4.54
C GLY D 303 25.47 -8.89 -5.31
N ASN D 304 25.87 -8.59 -6.53
CA ASN D 304 26.56 -9.58 -7.34
C ASN D 304 27.95 -9.96 -6.75
N ILE D 305 28.66 -8.96 -6.24
CA ILE D 305 29.96 -9.23 -5.67
C ILE D 305 29.80 -10.04 -4.35
N ILE D 306 28.76 -9.79 -3.60
CA ILE D 306 28.51 -10.60 -2.40
C ILE D 306 28.21 -12.09 -2.79
N ASP D 307 27.38 -12.29 -3.84
CA ASP D 307 27.15 -13.62 -4.33
C ASP D 307 28.46 -14.34 -4.78
N THR D 308 29.33 -13.57 -5.43
CA THR D 308 30.63 -14.04 -5.87
C THR D 308 31.51 -14.45 -4.67
N MET D 309 31.49 -13.63 -3.61
CA MET D 309 32.28 -13.92 -2.41
C MET D 309 31.74 -15.14 -1.68
N ILE D 310 30.44 -15.27 -1.58
CA ILE D 310 29.83 -16.46 -0.96
C ILE D 310 30.21 -17.72 -1.79
N THR D 311 30.13 -17.61 -3.11
CA THR D 311 30.50 -18.69 -4.00
C THR D 311 31.98 -19.12 -3.77
N ASP D 312 32.84 -18.13 -3.61
CA ASP D 312 34.24 -18.36 -3.34
C ASP D 312 34.48 -19.09 -2.01
N ALA D 313 33.75 -18.67 -0.97
CA ALA D 313 33.82 -19.34 0.33
C ALA D 313 33.32 -20.80 0.20
N PHE D 314 32.23 -21.01 -0.53
CA PHE D 314 31.75 -22.38 -0.76
C PHE D 314 32.78 -23.25 -1.46
N LEU D 315 33.44 -22.71 -2.47
CA LEU D 315 34.49 -23.45 -3.19
C LEU D 315 35.64 -23.82 -2.26
N LYS D 316 36.05 -22.90 -1.40
CA LYS D 316 37.09 -23.19 -0.44
C LYS D 316 36.68 -24.16 0.68
N ALA D 317 35.39 -24.20 0.98
CA ALA D 317 34.84 -25.08 2.03
C ALA D 317 34.45 -26.47 1.48
N ASP D 318 34.38 -26.60 0.16
CA ASP D 318 33.76 -27.75 -0.47
C ASP D 318 34.35 -29.09 -0.07
N ASP D 319 35.67 -29.16 0.12
CA ASP D 319 36.28 -30.44 0.55
C ASP D 319 35.95 -30.82 1.97
N TYR D 320 35.40 -29.93 2.79
CA TYR D 320 35.31 -30.16 4.25
C TYR D 320 33.89 -30.23 4.83
N ILE D 321 32.92 -29.63 4.22
CA ILE D 321 31.55 -29.68 4.69
C ILE D 321 30.97 -31.03 4.26
N GLU D 322 30.25 -31.70 5.14
CA GLU D 322 29.68 -33.06 4.88
C GLU D 322 28.18 -32.98 4.96
N ILE D 323 27.52 -33.48 3.94
CA ILE D 323 26.06 -33.57 3.91
C ILE D 323 25.75 -35.04 3.72
N THR D 324 25.06 -35.63 4.68
CA THR D 324 24.74 -37.05 4.63
C THR D 324 23.52 -37.31 3.74
N GLY D 325 23.63 -38.27 2.86
CA GLY D 325 22.56 -38.66 1.95
C GLY D 325 22.13 -40.13 2.15
N ALA D 326 21.56 -40.71 1.10
CA ALA D 326 20.99 -42.04 1.20
C ALA D 326 22.08 -43.01 1.62
N GLY D 327 21.69 -44.00 2.43
CA GLY D 327 22.59 -45.00 2.95
C GLY D 327 23.75 -44.48 3.82
N GLY D 328 23.62 -43.31 4.41
CA GLY D 328 24.76 -42.68 5.09
C GLY D 328 25.97 -42.27 4.23
N LYS D 329 25.90 -42.35 2.90
CA LYS D 329 26.97 -41.76 2.05
C LYS D 329 27.11 -40.24 2.29
N LYS D 330 28.35 -39.78 2.25
CA LYS D 330 28.67 -38.38 2.49
C LYS D 330 28.83 -37.67 1.18
N TYR D 331 28.28 -36.48 1.11
CA TYR D 331 28.37 -35.63 -0.04
C TYR D 331 28.96 -34.30 0.39
N ARG D 332 29.38 -33.56 -0.61
CA ARG D 332 29.84 -32.21 -0.43
C ARG D 332 28.84 -31.26 -0.98
N ILE D 333 29.08 -29.98 -0.77
CA ILE D 333 28.25 -28.93 -1.33
C ILE D 333 28.08 -29.15 -2.84
N SER D 334 29.19 -29.45 -3.53
CA SER D 334 29.15 -29.61 -4.99
C SER D 334 28.53 -30.94 -5.45
N THR D 335 28.55 -31.97 -4.59
CA THR D 335 27.99 -33.27 -4.99
C THR D 335 26.62 -33.59 -4.38
N ALA D 336 26.08 -32.71 -3.55
CA ALA D 336 24.77 -32.95 -2.98
C ALA D 336 23.68 -33.03 -4.05
N ILE D 337 23.92 -32.40 -5.21
CA ILE D 337 22.98 -32.49 -6.34
C ILE D 337 22.84 -33.90 -6.91
N ASP D 338 23.71 -34.79 -6.54
CA ASP D 338 23.67 -36.17 -6.99
C ASP D 338 22.84 -37.10 -6.11
N ASP D 339 22.30 -36.59 -5.00
CA ASP D 339 21.53 -37.40 -4.11
C ASP D 339 20.48 -36.51 -3.46
N MET D 340 19.21 -36.74 -3.78
CA MET D 340 18.16 -35.82 -3.32
C MET D 340 17.99 -35.79 -1.80
N GLU D 341 18.35 -36.89 -1.11
CA GLU D 341 18.31 -36.90 0.33
C GLU D 341 19.36 -35.92 0.89
N ALA D 342 20.55 -35.90 0.33
CA ALA D 342 21.54 -34.87 0.70
C ALA D 342 21.09 -33.47 0.29
N TYR D 343 20.57 -33.33 -0.93
CA TYR D 343 20.18 -32.04 -1.44
C TYR D 343 19.08 -31.38 -0.61
N THR D 344 18.19 -32.23 -0.08
CA THR D 344 17.17 -31.78 0.87
C THR D 344 17.74 -31.00 2.03
N LYS D 345 18.95 -31.34 2.46
CA LYS D 345 19.62 -30.70 3.59
C LYS D 345 20.65 -29.61 3.20
N LEU D 346 20.60 -29.14 1.95
CA LEU D 346 21.52 -28.14 1.42
C LEU D 346 20.79 -26.85 1.17
N THR D 347 20.99 -25.90 2.09
CA THR D 347 20.26 -24.65 2.16
C THR D 347 21.24 -23.54 2.51
N ASP D 348 20.70 -22.36 2.68
CA ASP D 348 21.53 -21.19 3.09
C ASP D 348 22.27 -21.42 4.39
N ASN D 349 21.86 -22.40 5.21
CA ASN D 349 22.57 -22.82 6.39
C ASN D 349 24.07 -23.07 6.19
N ILE D 350 24.46 -23.51 5.00
CA ILE D 350 25.85 -23.72 4.70
C ILE D 350 26.73 -22.49 4.97
N PHE D 351 26.23 -21.30 4.67
CA PHE D 351 26.91 -20.06 4.94
C PHE D 351 27.24 -19.95 6.42
N LEU D 352 26.25 -20.20 7.27
CA LEU D 352 26.47 -20.08 8.71
C LEU D 352 27.31 -21.23 9.30
N GLU D 353 27.17 -22.44 8.75
CA GLU D 353 28.04 -23.54 9.15
C GLU D 353 29.50 -23.15 8.88
N ILE D 354 29.78 -22.51 7.75
CA ILE D 354 31.11 -22.01 7.46
C ILE D 354 31.48 -20.86 8.40
N LEU D 355 30.63 -19.87 8.55
CA LEU D 355 30.95 -18.65 9.33
C LEU D 355 31.22 -18.99 10.79
N TYR D 356 30.51 -19.99 11.33
CA TYR D 356 30.63 -20.34 12.76
C TYR D 356 31.64 -21.45 13.03
N SER D 357 32.19 -22.05 11.96
CA SER D 357 33.18 -23.15 12.13
C SER D 357 34.43 -22.70 12.93
N THR D 358 35.09 -23.64 13.57
CA THR D 358 36.40 -23.37 14.20
C THR D 358 37.55 -24.21 13.57
N ASP D 359 37.23 -25.28 12.85
CA ASP D 359 38.23 -26.09 12.22
C ASP D 359 39.23 -25.21 11.36
N PRO D 360 40.55 -25.34 11.61
CA PRO D 360 41.52 -24.65 10.70
C PRO D 360 41.39 -25.00 9.23
N LYS D 361 40.89 -26.17 8.88
CA LYS D 361 40.66 -26.51 7.46
C LYS D 361 39.65 -25.52 6.78
N LEU D 362 38.73 -24.97 7.56
CA LEU D 362 37.72 -24.04 7.05
C LEU D 362 38.12 -22.55 7.15
N LYS D 363 39.31 -22.29 7.63
CA LYS D 363 39.74 -20.95 7.97
C LYS D 363 39.66 -19.97 6.77
N ASP D 364 40.13 -20.40 5.62
CA ASP D 364 40.13 -19.53 4.46
C ASP D 364 38.70 -19.25 4.01
N ALA D 365 37.84 -20.28 3.95
CA ALA D 365 36.45 -20.08 3.63
C ALA D 365 35.76 -19.12 4.63
N ARG D 366 35.96 -19.39 5.92
CA ARG D 366 35.42 -18.57 6.98
C ARG D 366 35.91 -17.10 6.89
N GLU D 367 37.16 -16.89 6.53
CA GLU D 367 37.69 -15.53 6.42
C GLU D 367 36.99 -14.70 5.32
N ILE D 368 36.66 -15.32 4.20
CA ILE D 368 35.88 -14.64 3.15
C ILE D 368 34.53 -14.17 3.66
N LEU D 369 33.80 -15.07 4.35
CA LEU D 369 32.51 -14.67 4.94
C LEU D 369 32.66 -13.59 5.99
N LYS D 370 33.70 -13.66 6.78
CA LYS D 370 34.03 -12.56 7.73
C LYS D 370 34.30 -11.22 7.07
N GLN D 371 34.96 -11.24 5.94
CA GLN D 371 35.14 -10.02 5.16
C GLN D 371 33.85 -9.45 4.66
N ILE D 372 32.90 -10.30 4.27
CA ILE D 372 31.59 -9.80 3.92
C ILE D 372 30.97 -9.04 5.14
N GLU D 373 31.08 -9.61 6.33
CA GLU D 373 30.51 -8.97 7.53
C GLU D 373 31.14 -7.62 7.85
N TYR D 374 32.45 -7.52 7.68
CA TYR D 374 33.13 -6.26 7.87
C TYR D 374 32.98 -5.30 6.69
N ARG D 375 32.29 -5.75 5.65
CA ARG D 375 32.12 -4.99 4.43
C ARG D 375 33.43 -4.72 3.72
N ASN D 376 34.39 -5.64 3.84
CA ASN D 376 35.68 -5.52 3.13
C ASN D 376 35.47 -6.37 1.85
N LEU D 377 34.82 -5.75 0.87
CA LEU D 377 34.38 -6.50 -0.31
C LEU D 377 35.42 -6.57 -1.42
N PHE D 378 35.42 -7.60 -2.29
CA PHE D 378 36.20 -7.52 -3.55
C PHE D 378 35.81 -6.20 -4.27
N LYS D 379 36.77 -5.52 -4.88
CA LYS D 379 36.58 -4.15 -5.35
C LYS D 379 36.15 -4.11 -6.79
N TYR D 380 35.18 -3.27 -7.06
CA TYR D 380 34.72 -2.98 -8.41
C TYR D 380 35.79 -2.22 -9.20
N VAL D 381 36.16 -2.72 -10.36
CA VAL D 381 37.20 -2.12 -11.22
C VAL D 381 36.57 -1.32 -12.35
N GLY D 382 35.50 -1.84 -12.92
CA GLY D 382 34.81 -1.20 -14.07
C GLY D 382 33.83 -2.09 -14.79
N GLU D 383 33.22 -1.55 -15.80
CA GLU D 383 32.12 -2.16 -16.58
C GLU D 383 32.30 -1.76 -18.04
N THR D 384 31.89 -2.64 -18.93
CA THR D 384 31.94 -2.39 -20.39
C THR D 384 30.83 -3.22 -21.03
N GLN D 385 30.57 -2.99 -22.30
CA GLN D 385 29.60 -3.76 -23.06
C GLN D 385 30.25 -4.20 -24.39
N PRO D 386 29.89 -5.39 -24.86
CA PRO D 386 30.19 -5.66 -26.28
C PRO D 386 29.30 -4.74 -27.19
N THR D 387 29.75 -4.64 -28.40
CA THR D 387 29.24 -3.77 -29.43
C THR D 387 28.47 -4.62 -30.45
N GLY D 388 27.15 -4.44 -30.53
CA GLY D 388 26.33 -5.15 -31.48
C GLY D 388 25.58 -6.35 -30.94
N GLN D 389 25.32 -7.31 -31.82
CA GLN D 389 24.80 -8.61 -31.44
C GLN D 389 25.86 -9.46 -30.73
N ILE D 390 27.14 -9.04 -30.77
CA ILE D 390 28.29 -9.76 -30.13
C ILE D 390 27.90 -10.21 -28.70
N LYS D 391 28.05 -11.50 -28.41
CA LYS D 391 27.67 -12.04 -27.13
C LYS D 391 28.63 -13.11 -26.61
N ILE D 392 29.24 -12.86 -25.44
CA ILE D 392 30.08 -13.83 -24.76
C ILE D 392 29.22 -14.98 -24.20
N LYS D 393 29.56 -16.24 -24.58
CA LYS D 393 28.79 -17.40 -24.13
C LYS D 393 29.34 -17.95 -22.83
N ARG D 394 28.49 -18.67 -22.11
CA ARG D 394 28.81 -19.29 -20.82
C ARG D 394 30.11 -20.12 -20.84
N GLU D 395 30.34 -20.85 -21.92
CA GLU D 395 31.50 -21.72 -22.01
C GLU D 395 32.82 -20.92 -22.04
N ASP D 396 32.79 -19.63 -22.36
CA ASP D 396 33.99 -18.78 -22.29
C ASP D 396 34.21 -18.06 -20.95
N TYR D 397 33.26 -18.14 -20.03
CA TYR D 397 33.32 -17.38 -18.75
C TYR D 397 34.60 -17.62 -17.98
N GLU D 398 34.98 -18.89 -17.86
CA GLU D 398 36.16 -19.29 -17.08
C GLU D 398 37.46 -18.75 -17.70
N SER D 399 37.56 -18.60 -19.03
CA SER D 399 38.76 -18.05 -19.60
C SER D 399 38.94 -16.55 -19.37
N LEU D 400 37.91 -15.83 -18.94
CA LEU D 400 37.96 -14.35 -18.92
C LEU D 400 38.95 -13.75 -17.92
N PRO D 401 38.98 -14.26 -16.65
CA PRO D 401 39.99 -13.71 -15.74
C PRO D 401 41.43 -13.83 -16.30
N LYS D 402 41.71 -14.92 -17.00
CA LYS D 402 43.02 -15.12 -17.64
C LYS D 402 43.26 -14.08 -18.71
N GLU D 403 42.25 -13.80 -19.53
CA GLU D 403 42.46 -12.78 -20.59
C GLU D 403 42.77 -11.40 -20.00
N VAL D 404 42.04 -11.02 -18.95
CA VAL D 404 42.26 -9.71 -18.35
C VAL D 404 43.68 -9.63 -17.81
N ALA D 405 44.07 -10.66 -17.07
CA ALA D 405 45.41 -10.75 -16.46
C ALA D 405 46.55 -10.80 -17.49
N SER D 406 46.27 -11.35 -18.67
CA SER D 406 47.27 -11.33 -19.78
C SER D 406 47.31 -10.06 -20.61
N ALA D 407 46.36 -9.13 -20.46
CA ALA D 407 46.45 -7.85 -21.17
C ALA D 407 47.75 -7.11 -20.78
N LYS D 408 48.38 -6.45 -21.74
CA LYS D 408 49.68 -5.81 -21.54
C LYS D 408 49.51 -4.33 -21.66
N PRO D 409 49.06 -3.67 -20.58
CA PRO D 409 48.89 -2.21 -20.64
C PRO D 409 50.26 -1.53 -20.76
N LYS D 410 50.41 -0.51 -21.59
CA LYS D 410 51.72 0.19 -21.71
C LYS D 410 51.81 1.32 -20.69
N VAL D 411 51.97 0.93 -19.44
CA VAL D 411 52.03 1.82 -18.27
C VAL D 411 53.00 1.15 -17.31
N LEU D 412 53.72 1.93 -16.51
CA LEU D 412 54.58 1.38 -15.45
C LEU D 412 53.70 0.82 -14.32
N LEU D 413 53.80 -0.48 -14.08
CA LEU D 413 53.05 -1.13 -13.01
C LEU D 413 53.98 -1.66 -11.93
N ASP D 414 53.66 -1.35 -10.68
CA ASP D 414 54.35 -1.86 -9.48
C ASP D 414 53.99 -3.34 -9.33
N VAL D 415 52.72 -3.57 -9.03
CA VAL D 415 52.18 -4.92 -8.81
C VAL D 415 51.83 -5.60 -10.13
N LYS D 416 51.97 -6.92 -10.14
CA LYS D 416 51.46 -7.77 -11.20
C LYS D 416 50.39 -8.66 -10.62
N LEU D 417 49.31 -8.82 -11.37
CA LEU D 417 48.13 -9.53 -10.90
C LEU D 417 48.03 -10.83 -11.65
N LYS D 418 47.38 -11.80 -11.08
CA LYS D 418 47.18 -13.09 -11.68
C LYS D 418 45.71 -13.31 -12.00
N ALA D 419 45.44 -14.32 -12.83
CA ALA D 419 44.10 -14.68 -13.24
C ALA D 419 43.11 -14.80 -12.08
N GLU D 420 43.55 -15.51 -11.03
CA GLU D 420 42.69 -15.75 -9.86
C GLU D 420 42.42 -14.48 -9.01
N ASP D 421 43.17 -13.38 -9.20
CA ASP D 421 42.86 -12.10 -8.59
C ASP D 421 41.64 -11.30 -9.23
N PHE D 422 41.16 -11.75 -10.41
CA PHE D 422 40.10 -11.04 -11.10
C PHE D 422 38.83 -11.87 -11.05
N ILE D 423 37.70 -11.19 -10.90
CA ILE D 423 36.43 -11.76 -11.22
C ILE D 423 35.83 -10.97 -12.42
N VAL D 424 35.24 -11.69 -13.34
CA VAL D 424 34.65 -11.11 -14.57
C VAL D 424 33.24 -11.62 -14.60
N ASP D 425 32.29 -10.70 -14.41
CA ASP D 425 30.88 -11.07 -14.26
C ASP D 425 30.17 -10.60 -15.53
N VAL D 426 29.59 -11.55 -16.23
CA VAL D 426 28.95 -11.32 -17.51
C VAL D 426 27.45 -11.31 -17.25
N ILE D 427 26.75 -10.23 -17.56
CA ILE D 427 25.35 -10.10 -17.21
C ILE D 427 24.54 -9.90 -18.49
N ASN D 428 23.57 -10.76 -18.69
CA ASN D 428 22.72 -10.71 -19.86
C ASN D 428 21.46 -10.00 -19.43
N MET D 429 21.12 -8.91 -20.08
CA MET D 429 19.88 -8.16 -19.79
C MET D 429 19.04 -8.34 -21.06
N ASP D 430 17.92 -9.05 -20.97
CA ASP D 430 17.09 -9.32 -22.12
C ASP D 430 15.62 -9.51 -21.71
N TYR D 431 14.74 -9.66 -22.70
CA TYR D 431 13.30 -9.85 -22.47
C TYR D 431 12.92 -11.34 -22.38
N GLY D 432 13.87 -12.20 -22.02
CA GLY D 432 13.59 -13.59 -21.69
C GLY D 432 13.72 -14.54 -22.83
N MET D 433 13.96 -14.05 -24.06
CA MET D 433 14.02 -14.88 -25.23
C MET D 433 15.23 -14.55 -26.08
N GLN D 434 16.36 -14.40 -25.38
CA GLN D 434 17.64 -14.02 -25.96
C GLN D 434 17.42 -12.73 -26.80
N GLU D 435 17.74 -12.75 -28.10
N GLU D 435 17.76 -12.75 -28.11
CA GLU D 435 17.66 -11.59 -28.95
CA GLU D 435 17.67 -11.60 -29.04
C GLU D 435 16.23 -11.28 -29.47
C GLU D 435 16.22 -11.30 -29.50
N LYS D 436 15.27 -12.18 -29.17
CA LYS D 436 13.95 -12.11 -29.75
C LYS D 436 12.98 -11.23 -28.91
N ASN D 437 12.01 -10.64 -29.62
CA ASN D 437 10.95 -9.84 -28.99
C ASN D 437 9.86 -10.89 -28.53
N PRO D 438 9.65 -11.06 -27.26
CA PRO D 438 8.66 -12.05 -26.80
C PRO D 438 7.23 -11.75 -27.23
N ILE D 439 6.93 -10.48 -27.47
CA ILE D 439 5.57 -10.09 -27.93
C ILE D 439 5.27 -10.58 -29.33
N ASP D 440 6.31 -10.82 -30.16
CA ASP D 440 6.09 -11.53 -31.40
C ASP D 440 5.61 -12.99 -31.22
N HIS D 441 5.73 -13.55 -30.04
CA HIS D 441 5.31 -14.91 -29.73
C HIS D 441 4.07 -14.95 -28.81
N VAL D 442 3.30 -13.85 -28.78
CA VAL D 442 2.03 -13.77 -28.09
C VAL D 442 0.97 -13.66 -29.15
N SER D 443 -0.16 -14.25 -28.83
CA SER D 443 -1.32 -14.18 -29.69
C SER D 443 -2.43 -13.35 -29.01
N PHE D 444 -3.19 -12.60 -29.81
CA PHE D 444 -4.17 -11.65 -29.27
C PHE D 444 -5.55 -11.91 -29.85
N TYR D 445 -6.60 -11.43 -29.18
CA TYR D 445 -7.94 -11.41 -29.77
C TYR D 445 -8.55 -10.06 -29.66
N CYS D 446 -9.47 -9.77 -30.57
N CYS D 446 -9.54 -9.81 -30.48
CA CYS D 446 -10.12 -8.46 -30.52
CA CYS D 446 -10.18 -8.52 -30.59
C CYS D 446 -11.58 -8.65 -30.10
C CYS D 446 -11.58 -8.68 -30.10
N LYS D 447 -12.12 -7.57 -29.59
CA LYS D 447 -13.45 -7.57 -28.98
C LYS D 447 -14.53 -7.96 -29.98
N THR D 448 -14.40 -7.62 -31.24
CA THR D 448 -15.40 -8.04 -32.19
C THR D 448 -15.32 -9.52 -32.65
N ALA D 449 -14.29 -10.28 -32.30
CA ALA D 449 -14.16 -11.69 -32.70
C ALA D 449 -13.31 -12.40 -31.69
N PRO D 450 -13.86 -12.66 -30.50
CA PRO D 450 -13.05 -13.12 -29.43
C PRO D 450 -12.47 -14.52 -29.54
N ASN D 451 -12.95 -15.31 -30.46
CA ASN D 451 -12.35 -16.62 -30.77
C ASN D 451 -11.33 -16.61 -31.90
N ARG D 452 -11.09 -15.48 -32.53
CA ARG D 452 -10.10 -15.41 -33.57
C ARG D 452 -8.73 -14.76 -33.11
N ALA D 453 -7.68 -15.58 -33.09
CA ALA D 453 -6.38 -15.14 -32.67
C ALA D 453 -5.67 -14.35 -33.75
N ILE D 454 -4.94 -13.31 -33.39
CA ILE D 454 -4.17 -12.50 -34.34
C ILE D 454 -2.79 -12.18 -33.74
N ARG D 455 -1.90 -11.68 -34.57
CA ARG D 455 -0.61 -11.21 -34.13
C ARG D 455 -0.56 -9.71 -34.22
N ILE D 456 0.31 -9.13 -33.43
CA ILE D 456 0.54 -7.69 -33.46
C ILE D 456 2.05 -7.46 -33.56
N THR D 457 2.53 -6.73 -34.53
CA THR D 457 3.95 -6.42 -34.63
C THR D 457 4.33 -5.20 -33.82
N LYS D 458 5.62 -5.05 -33.59
CA LYS D 458 6.11 -3.89 -32.83
C LYS D 458 5.76 -2.51 -33.39
N ASN D 459 5.90 -2.34 -34.67
CA ASN D 459 5.50 -1.06 -35.33
C ASN D 459 3.98 -0.72 -35.30
N GLN D 460 3.14 -1.74 -35.11
CA GLN D 460 1.72 -1.51 -34.85
C GLN D 460 1.49 -0.95 -33.43
N VAL D 461 2.46 -1.01 -32.53
CA VAL D 461 2.25 -0.60 -31.18
C VAL D 461 2.78 0.79 -30.90
N SER D 462 4.07 1.05 -31.15
CA SER D 462 4.67 2.34 -30.62
C SER D 462 6.06 2.43 -31.10
N GLN D 463 6.42 3.65 -31.52
CA GLN D 463 7.77 3.93 -31.99
C GLN D 463 8.68 4.28 -30.83
N LEU D 464 8.17 4.32 -29.61
CA LEU D 464 8.96 4.58 -28.43
C LEU D 464 9.51 3.31 -27.76
N LEU D 465 9.29 2.14 -28.33
CA LEU D 465 9.66 0.88 -27.68
C LEU D 465 11.15 0.58 -28.02
N PRO D 466 11.79 -0.34 -27.32
CA PRO D 466 13.19 -0.65 -27.64
C PRO D 466 13.37 -1.12 -29.09
N GLU D 467 14.51 -0.83 -29.70
CA GLU D 467 14.81 -1.49 -30.99
C GLU D 467 15.51 -2.84 -30.85
N LYS D 468 16.10 -3.13 -29.71
CA LYS D 468 16.75 -4.42 -29.44
C LYS D 468 16.19 -4.96 -28.17
N PHE D 469 16.30 -6.25 -27.97
CA PHE D 469 15.77 -6.95 -26.82
C PHE D 469 16.75 -7.74 -25.98
N ALA D 470 18.03 -7.54 -26.21
CA ALA D 470 19.09 -8.17 -25.38
C ALA D 470 20.30 -7.26 -25.43
N GLU D 471 21.00 -7.23 -24.32
CA GLU D 471 22.34 -6.70 -24.27
C GLU D 471 23.10 -7.39 -23.15
N GLN D 472 24.41 -7.18 -23.19
CA GLN D 472 25.31 -7.85 -22.17
C GLN D 472 26.15 -6.79 -21.50
N LEU D 473 26.27 -6.85 -20.21
CA LEU D 473 27.17 -6.00 -19.43
C LEU D 473 28.30 -6.91 -18.90
N ILE D 474 29.50 -6.41 -18.85
CA ILE D 474 30.62 -7.12 -18.31
C ILE D 474 31.24 -6.30 -17.21
N ARG D 475 31.23 -6.78 -15.97
CA ARG D 475 31.80 -6.05 -14.83
C ARG D 475 33.04 -6.80 -14.37
N VAL D 476 34.07 -6.09 -14.01
CA VAL D 476 35.28 -6.68 -13.51
C VAL D 476 35.51 -6.18 -12.06
N TYR D 477 35.94 -7.11 -11.24
CA TYR D 477 36.32 -6.83 -9.87
C TYR D 477 37.69 -7.49 -9.52
N CYS D 478 38.36 -6.91 -8.51
CA CYS D 478 39.67 -7.37 -8.08
C CYS D 478 39.60 -7.84 -6.62
N LYS D 479 40.11 -9.04 -6.35
CA LYS D 479 40.17 -9.54 -4.98
C LYS D 479 41.29 -8.90 -4.16
N LYS D 480 42.25 -8.26 -4.79
CA LYS D 480 43.30 -7.54 -4.10
C LYS D 480 42.82 -6.12 -3.96
N VAL D 481 42.80 -5.61 -2.74
CA VAL D 481 42.05 -4.38 -2.42
C VAL D 481 42.90 -3.18 -2.07
N ASP D 482 44.21 -3.33 -1.95
CA ASP D 482 45.09 -2.18 -1.74
C ASP D 482 45.09 -1.22 -2.96
N ARG D 483 45.49 0.04 -2.76
CA ARG D 483 45.46 1.03 -3.85
C ARG D 483 46.37 0.69 -5.04
N LYS D 484 47.55 0.16 -4.78
CA LYS D 484 48.45 -0.31 -5.85
C LYS D 484 47.77 -1.33 -6.77
N SER D 485 47.20 -2.37 -6.16
CA SER D 485 46.57 -3.46 -6.89
C SER D 485 45.39 -2.98 -7.74
N LEU D 486 44.60 -2.11 -7.15
CA LEU D 486 43.39 -1.63 -7.75
C LEU D 486 43.71 -0.68 -8.92
N TYR D 487 44.72 0.17 -8.78
CA TYR D 487 45.21 0.95 -9.90
C TYR D 487 45.67 0.04 -11.06
N ALA D 488 46.49 -0.96 -10.76
CA ALA D 488 46.96 -1.91 -11.78
C ALA D 488 45.77 -2.65 -12.45
N ALA D 489 44.83 -3.12 -11.63
CA ALA D 489 43.65 -3.86 -12.12
C ALA D 489 42.86 -3.04 -13.16
N ARG D 490 42.74 -1.75 -12.94
CA ARG D 490 42.06 -0.87 -13.84
C ARG D 490 42.81 -0.74 -15.18
N GLN D 491 44.12 -0.74 -15.14
CA GLN D 491 44.92 -0.67 -16.39
C GLN D 491 44.79 -1.97 -17.18
N TYR D 492 44.82 -3.13 -16.51
CA TYR D 492 44.60 -4.40 -17.18
C TYR D 492 43.20 -4.40 -17.84
N PHE D 493 42.21 -3.99 -17.05
CA PHE D 493 40.85 -3.97 -17.51
C PHE D 493 40.64 -3.10 -18.76
N VAL D 494 41.17 -1.87 -18.74
CA VAL D 494 40.95 -0.93 -19.80
C VAL D 494 41.67 -1.40 -21.09
N GLN D 495 42.87 -1.94 -20.92
CA GLN D 495 43.59 -2.54 -22.04
C GLN D 495 42.79 -3.74 -22.65
N TRP D 496 42.24 -4.59 -21.77
CA TRP D 496 41.49 -5.71 -22.23
C TRP D 496 40.27 -5.26 -23.07
N CYS D 497 39.54 -4.25 -22.56
CA CYS D 497 38.43 -3.64 -23.29
C CYS D 497 38.88 -3.16 -24.66
N ALA D 498 40.04 -2.50 -24.74
CA ALA D 498 40.56 -2.06 -26.02
C ALA D 498 40.87 -3.22 -26.95
N ASP D 499 41.50 -4.26 -26.41
CA ASP D 499 41.89 -5.47 -27.16
C ASP D 499 40.63 -6.21 -27.69
N ARG D 500 39.56 -6.25 -26.90
CA ARG D 500 38.33 -6.94 -27.31
C ARG D 500 37.35 -6.05 -28.13
N ASN D 501 37.72 -4.81 -28.40
CA ASN D 501 36.83 -3.86 -29.06
C ASN D 501 35.52 -3.63 -28.34
N PHE D 502 35.56 -3.71 -27.00
CA PHE D 502 34.38 -3.40 -26.19
C PHE D 502 34.23 -1.92 -26.02
N THR D 503 33.13 -1.49 -25.45
CA THR D 503 32.94 -0.04 -25.25
C THR D 503 33.92 0.50 -24.18
N LYS D 504 34.34 1.72 -24.38
CA LYS D 504 35.15 2.44 -23.42
C LYS D 504 34.45 2.55 -22.05
N PRO D 505 35.11 2.07 -20.99
CA PRO D 505 34.56 2.27 -19.63
C PRO D 505 34.27 3.77 -19.30
N GLN D 506 33.18 4.03 -18.58
CA GLN D 506 32.63 5.38 -18.47
C GLN D 506 33.59 6.43 -17.99
N ASP D 507 34.41 6.11 -16.99
CA ASP D 507 35.45 7.13 -16.58
C ASP D 507 36.86 6.66 -16.93
N GLY D 508 36.93 6.04 -18.12
CA GLY D 508 38.21 5.54 -18.68
C GLY D 508 39.30 6.57 -18.84
N ASP D 509 38.96 7.78 -19.25
CA ASP D 509 39.95 8.86 -19.33
C ASP D 509 40.51 9.30 -18.00
N VAL D 510 39.75 9.08 -16.91
CA VAL D 510 40.24 9.47 -15.59
C VAL D 510 41.03 8.31 -14.94
N ILE D 511 40.51 7.09 -14.98
CA ILE D 511 41.18 6.01 -14.26
C ILE D 511 42.20 5.23 -15.11
N ALA D 512 42.33 5.55 -16.40
CA ALA D 512 43.39 4.99 -17.28
C ALA D 512 43.78 5.97 -18.41
N PRO D 513 44.27 7.17 -18.03
CA PRO D 513 44.58 8.22 -19.01
C PRO D 513 45.61 7.82 -20.08
N LEU D 514 46.53 6.90 -19.78
CA LEU D 514 47.52 6.50 -20.80
C LEU D 514 47.08 5.36 -21.72
N ILE D 515 45.96 4.70 -21.41
CA ILE D 515 45.44 3.58 -22.21
C ILE D 515 44.35 4.02 -23.23
N THR D 516 43.43 4.90 -22.80
CA THR D 516 42.32 5.33 -23.66
C THR D 516 42.68 6.03 -24.99
N PRO D 517 43.85 6.76 -25.11
CA PRO D 517 44.19 7.39 -26.40
C PRO D 517 44.57 6.45 -27.54
N GLN D 518 45.05 5.24 -27.24
CA GLN D 518 45.38 4.22 -28.29
C GLN D 518 44.17 3.88 -29.20
N LYS D 519 42.98 3.97 -28.62
CA LYS D 519 41.77 3.47 -29.24
C LYS D 519 40.91 4.62 -29.79
N LYS D 520 41.01 4.89 -31.09
CA LYS D 520 40.45 6.19 -31.55
C LYS D 520 38.94 6.36 -31.59
N GLU D 521 38.13 5.30 -31.62
CA GLU D 521 36.66 5.55 -31.46
C GLU D 521 36.37 6.11 -30.05
N TRP D 522 37.29 5.96 -29.12
CA TRP D 522 37.10 6.40 -27.71
C TRP D 522 37.64 7.83 -27.43
N ASN D 523 38.41 8.40 -28.35
CA ASN D 523 39.41 9.49 -28.06
C ASN D 523 40.14 9.86 -29.32
C2 HF7 E . 6.18 -13.63 19.19
O2A HF7 E . 11.13 -6.27 20.23
PA HF7 E . 10.68 -6.64 21.62
O1A HF7 E . 11.89 -7.29 22.10
O3A HF7 E . 10.57 -5.20 22.38
PB HF7 E . 9.67 -5.00 23.74
O1B HF7 E . 10.17 -3.67 24.25
O2B HF7 E . 9.90 -6.07 24.67
O3B HF7 E . 8.10 -4.84 23.09
PG HF7 E . 6.97 -4.00 23.88
O3G HF7 E . 6.59 -4.52 25.21
O2G HF7 E . 7.50 -2.71 24.32
O1G HF7 E . 5.90 -3.75 22.92
O5' HF7 E . 9.17 -7.29 21.40
C5' HF7 E . 8.32 -6.72 20.38
C4' HF7 E . 8.56 -7.44 19.02
C3' HF7 E . 7.38 -7.34 18.11
O3' HF7 E . 7.87 -7.47 16.81
C2' HF7 E . 6.54 -8.49 18.46
C1' HF7 E . 7.48 -9.58 18.94
O4' HF7 E . 8.74 -8.85 19.20
N9 HF7 E . 7.09 -10.25 20.22
C4 HF7 E . 6.68 -11.52 20.13
C5 HF7 E . 6.32 -11.89 21.47
N7 HF7 E . 6.57 -10.75 22.33
C8 HF7 E . 6.98 -9.76 21.49
N3 HF7 E . 6.64 -12.36 19.07
CL2 HF7 E . 6.04 -14.54 17.84
N1 HF7 E . 5.89 -14.01 20.48
C6 HF7 E . 5.95 -13.21 21.61
N6 HF7 E . 5.61 -13.68 22.96
C2 HF7 F . -5.36 11.19 11.34
O2A HF7 F . -7.59 17.77 13.80
PA HF7 F . -6.36 18.37 13.18
O1A HF7 F . -5.11 18.21 13.92
O3A HF7 F . -6.34 19.95 13.00
PB HF7 F . -7.35 21.09 13.64
O1B HF7 F . -8.73 20.69 13.56
O2B HF7 F . -7.09 22.32 12.82
O3B HF7 F . -6.94 21.25 15.20
PG HF7 F . -6.29 22.45 15.99
O3G HF7 F . -6.93 22.23 17.25
O2G HF7 F . -4.84 22.29 16.17
O1G HF7 F . -6.51 23.74 15.32
O5' HF7 F . -6.35 17.87 11.68
C5' HF7 F . -5.25 18.25 10.86
C4' HF7 F . -5.24 17.26 9.69
C3' HF7 F . -6.44 17.35 8.89
O3' HF7 F . -6.13 17.13 7.52
C2' HF7 F . -7.28 16.23 9.34
C1' HF7 F . -6.38 15.20 9.87
O4' HF7 F . -5.11 15.89 10.14
N9 HF7 F . -6.75 14.50 11.09
C4 HF7 F . -6.28 13.22 11.31
C5 HF7 F . -6.73 12.87 12.63
N7 HF7 F . -7.45 14.05 13.05
C8 HF7 F . -7.45 15.00 12.12
N3 HF7 F . -5.57 12.32 10.65
CL2 HF7 F . -4.48 10.19 10.69
N1 HF7 F . -5.67 10.81 12.55
C6 HF7 F . -6.39 11.65 13.21
N6 HF7 F . -6.85 11.25 14.55
PG GTP G . 31.30 2.21 -0.71
O1G GTP G . 29.93 2.95 -0.78
O2G GTP G . 32.35 2.86 -1.63
O3G GTP G . 31.61 1.95 0.74
O3B GTP G . 31.05 0.70 -1.20
PB GTP G . 29.94 -0.05 -2.04
O1B GTP G . 28.96 1.00 -2.67
O2B GTP G . 30.66 -0.94 -3.05
O3A GTP G . 29.11 -1.01 -1.02
PA GTP G . 28.19 -0.43 0.22
O1A GTP G . 27.95 1.06 -0.03
O2A GTP G . 28.84 -0.87 1.50
O5' GTP G . 27.05 -1.43 -0.05
C5' GTP G . 25.96 -1.06 -0.94
C4' GTP G . 24.62 -0.66 -0.28
O4' GTP G . 24.19 -1.79 0.44
C3' GTP G . 24.70 0.47 0.75
O3' GTP G . 24.64 1.72 0.09
C2' GTP G . 23.52 0.12 1.65
O2' GTP G . 22.35 0.83 1.27
C1' GTP G . 23.23 -1.34 1.44
N9 GTP G . 23.39 -2.13 2.65
C8 GTP G . 22.50 -3.04 3.08
N7 GTP G . 22.92 -3.73 4.23
C5 GTP G . 24.13 -3.17 4.51
C6 GTP G . 25.05 -3.48 5.56
O6 GTP G . 24.80 -4.33 6.44
N1 GTP G . 26.16 -2.73 5.51
C2 GTP G . 26.42 -1.79 4.57
N2 GTP G . 27.60 -1.13 4.69
N3 GTP G . 25.62 -1.51 3.50
C4 GTP G . 24.46 -2.18 3.47
MG MG H . 9.34 -1.98 24.79
C2 HF7 I . -6.09 14.11 -19.21
O2A HF7 I . -1.01 20.65 -16.52
PA HF7 I . -0.30 19.55 -15.83
O1A HF7 I . -0.79 19.43 -14.41
O3A HF7 I . 1.33 19.81 -15.80
PB HF7 I . 2.26 19.91 -17.11
O1B HF7 I . 1.65 20.51 -18.35
O2B HF7 I . 3.51 20.63 -16.74
O3B HF7 I . 2.57 18.29 -17.16
PG HF7 I . 3.98 17.64 -17.77
O3G HF7 I . 5.20 18.35 -17.28
O2G HF7 I . 4.14 16.23 -17.48
O1G HF7 I . 4.00 17.96 -19.19
O5' HF7 I . -0.44 18.07 -16.62
C5' HF7 I . -0.22 16.91 -15.83
C4' HF7 I . -1.48 16.52 -15.07
C3' HF7 I . -1.44 15.06 -14.77
O3' HF7 I . -2.29 14.71 -13.60
C2' HF7 I . -1.99 14.44 -16.01
C1' HF7 I . -3.01 15.39 -16.51
O4' HF7 I . -2.70 16.66 -15.80
N9 HF7 I . -3.02 15.50 -17.98
C4 HF7 I . -4.11 15.06 -18.67
C5 HF7 I . -3.80 15.34 -20.00
N7 HF7 I . -2.50 16.02 -20.11
C8 HF7 I . -2.09 16.10 -18.81
N3 HF7 I . -5.23 14.51 -18.31
CL2 HF7 I . -7.34 13.29 -18.68
N1 HF7 I . -5.87 14.39 -20.52
C6 HF7 I . -4.73 14.97 -20.92
N6 HF7 I . -4.40 15.32 -22.28
MG MG J . -6.86 24.37 13.40
PG GTP K . -7.46 27.46 13.57
O1G GTP K . -6.91 28.34 12.53
O2G GTP K . -7.73 28.06 14.88
O3G GTP K . -6.52 26.23 13.77
O3B GTP K . -8.91 27.06 12.93
PB GTP K . -9.71 25.76 13.09
O1B GTP K . -11.09 25.88 13.59
O2B GTP K . -9.03 24.61 13.70
O3A GTP K . -9.89 25.32 11.57
PA GTP K . -8.61 25.05 10.56
O1A GTP K . -8.61 26.09 9.57
O2A GTP K . -7.36 24.76 11.43
O5' GTP K . -9.21 23.81 9.82
C5' GTP K . -9.11 22.46 10.35
C4' GTP K . -8.05 21.66 9.48
O4' GTP K . -8.49 21.39 8.12
C3' GTP K . -6.65 22.25 9.23
O3' GTP K . -5.83 22.06 10.38
C2' GTP K . -6.13 21.57 7.94
O2' GTP K . -5.49 20.27 8.20
C1' GTP K . -7.39 21.14 7.22
N9 GTP K . -7.70 21.77 5.95
C8 GTP K . -8.13 21.06 4.90
N7 GTP K . -8.29 21.85 3.89
C5 GTP K . -8.10 23.13 4.27
C6 GTP K . -8.18 24.48 3.73
O6 GTP K . -8.49 24.79 2.55
N1 GTP K . -7.83 25.48 4.58
C2 GTP K . -7.49 25.32 5.85
N2 GTP K . -7.19 26.39 6.60
N3 GTP K . -7.40 24.13 6.41
C4 GTP K . -7.69 23.05 5.68
C2 HF7 L . 15.49 1.84 -5.56
O2A HF7 L . 22.17 3.57 -4.33
PA HF7 L . 22.81 2.30 -4.09
O1A HF7 L . 22.93 1.37 -5.23
O3A HF7 L . 24.16 2.66 -3.40
PB HF7 L . 25.65 1.95 -3.45
O1B HF7 L . 25.55 0.63 -3.93
O2B HF7 L . 26.18 2.07 -2.09
O3B HF7 L . 26.46 2.88 -4.44
PG HF7 L . 27.36 4.20 -4.13
O3G HF7 L . 28.35 3.96 -3.04
O2G HF7 L . 28.03 4.40 -5.47
O1G HF7 L . 26.60 5.46 -3.96
O5' HF7 L . 22.04 1.42 -2.98
C5' HF7 L . 21.54 2.06 -1.76
C4' HF7 L . 20.18 1.47 -1.41
C3' HF7 L . 20.27 0.06 -1.27
O3' HF7 L . 19.45 -0.41 -0.15
C2' HF7 L . 19.81 -0.59 -2.50
C1' HF7 L . 18.72 0.37 -3.02
O4' HF7 L . 19.11 1.72 -2.45
N9 HF7 L . 18.64 0.62 -4.45
C4 HF7 L . 17.54 1.09 -5.08
C5 HF7 L . 17.98 1.29 -6.39
N7 HF7 L . 19.37 0.99 -6.49
C8 HF7 L . 19.70 0.52 -5.30
N3 HF7 L . 16.32 1.38 -4.71
CL2 HF7 L . 14.06 2.33 -5.21
N1 HF7 L . 15.83 2.11 -6.74
C6 HF7 L . 17.05 1.85 -7.26
N6 HF7 L . 17.37 2.13 -8.60
MG MG M . 28.13 2.59 -1.46
MG MG N . 5.43 20.37 -16.56
NA NA O . -7.53 9.93 -17.26
C2 HF7 P . -5.35 -11.86 9.90
O2A HF7 P . -7.24 -18.93 10.90
PA HF7 P . -5.91 -19.26 11.44
O1A HF7 P . -5.75 -18.79 12.81
O3A HF7 P . -5.87 -20.87 11.21
PB HF7 P . -5.57 -21.99 12.31
O1B HF7 P . -5.08 -23.13 11.55
O2B HF7 P . -4.64 -21.63 13.33
O3B HF7 P . -7.05 -22.20 12.90
PG HF7 P . -8.09 -23.47 12.76
O3G HF7 P . -7.42 -24.72 12.41
O2G HF7 P . -8.71 -23.49 14.09
O1G HF7 P . -9.11 -23.10 11.78
O5' HF7 P . -4.71 -18.77 10.46
C5' HF7 P . -4.77 -18.91 9.01
C4' HF7 P . -3.87 -17.81 8.42
C3' HF7 P . -2.44 -17.87 8.86
O3' HF7 P . -1.55 -17.41 7.81
C2' HF7 P . -2.43 -16.91 10.03
C1' HF7 P . -3.41 -15.84 9.64
O4' HF7 P . -4.38 -16.54 8.84
N9 HF7 P . -4.23 -15.21 10.70
C4 HF7 P . -4.71 -13.96 10.60
C5 HF7 P . -5.51 -13.77 11.77
N7 HF7 P . -5.40 -14.97 12.53
C8 HF7 P . -4.60 -15.78 11.85
N3 HF7 P . -4.68 -13.02 9.70
CL2 HF7 P . -5.32 -10.79 8.82
N1 HF7 P . -6.06 -11.62 10.96
C6 HF7 P . -6.18 -12.53 11.91
N6 HF7 P . -6.97 -12.29 13.04
PG GTP Q . -18.61 -0.49 -25.16
O1G GTP Q . -19.96 -0.52 -24.59
O2G GTP Q . -18.63 -0.84 -26.53
O3G GTP Q . -17.57 -1.22 -24.33
O3B GTP Q . -18.31 1.07 -25.18
PB GTP Q . -17.00 1.81 -24.79
O1B GTP Q . -16.83 2.84 -25.79
O2B GTP Q . -15.79 0.93 -24.58
O3A GTP Q . -17.33 2.67 -23.41
PA GTP Q . -17.51 1.95 -22.00
O1A GTP Q . -18.86 2.28 -21.53
O2A GTP Q . -17.07 0.54 -22.12
O5' GTP Q . -16.50 2.87 -21.06
C5' GTP Q . -15.14 2.63 -20.94
C4' GTP Q . -14.89 1.99 -19.56
O4' GTP Q . -15.30 3.00 -18.62
C3' GTP Q . -15.68 0.71 -19.16
O3' GTP Q . -15.03 -0.49 -19.62
C2' GTP Q . -15.70 0.87 -17.65
O2' GTP Q . -14.59 0.25 -17.07
C1' GTP Q . -15.47 2.37 -17.34
N9 GTP Q . -16.55 3.07 -16.61
C8 GTP Q . -16.30 3.94 -15.60
N7 GTP Q . -17.42 4.47 -15.16
C5 GTP Q . -18.40 3.98 -16.00
C6 GTP Q . -19.81 4.15 -16.09
O6 GTP Q . -20.42 4.91 -15.28
N1 GTP Q . -20.51 3.46 -16.99
C2 GTP Q . -19.87 2.62 -17.88
N2 GTP Q . -20.61 1.96 -18.77
N3 GTP Q . -18.54 2.41 -17.87
C4 GTP Q . -17.81 3.09 -16.95
C2 HF7 R . -19.50 12.53 7.82
O2A HF7 R . -25.22 6.33 5.14
PA HF7 R . -24.04 5.44 5.20
O1A HF7 R . -23.56 5.48 3.78
O3A HF7 R . -24.35 3.89 5.70
PB HF7 R . -24.96 3.63 7.15
O1B HF7 R . -25.91 4.76 7.48
O2B HF7 R . -25.67 2.30 7.00
O3B HF7 R . -23.57 3.61 8.09
PG HF7 R . -23.34 2.56 9.36
O3G HF7 R . -23.94 1.23 9.06
O2G HF7 R . -21.88 2.41 9.51
O1G HF7 R . -24.11 3.12 10.47
O5' HF7 R . -22.88 6.05 6.32
C5' HF7 R . -21.57 5.52 6.28
C4' HF7 R . -20.77 6.48 5.35
C3' HF7 R . -19.32 6.44 5.68
O3' HF7 R . -18.56 6.73 4.50
C2' HF7 R . -19.14 7.52 6.74
C1' HF7 R . -20.24 8.49 6.39
O4' HF7 R . -21.24 7.83 5.57
N9 HF7 R . -20.88 9.12 7.53
C4 HF7 R . -20.52 10.39 7.79
C5 HF7 R . -21.30 10.71 8.94
N7 HF7 R . -22.14 9.57 9.32
C8 HF7 R . -21.82 8.62 8.36
N3 HF7 R . -19.68 11.26 7.27
CL2 HF7 R . -18.43 13.58 7.27
N1 HF7 R . -20.25 12.88 8.87
C6 HF7 R . -21.14 11.97 9.44
N6 HF7 R . -21.99 12.22 10.62
MG MG S . -25.55 0.44 7.96
MG MG T . -5.57 -25.21 11.50
PG GTP U . -5.27 -28.33 11.86
O1G GTP U . -5.88 -27.09 11.32
O2G GTP U . -4.67 -29.15 10.81
O3G GTP U . -6.04 -28.98 12.92
O3B GTP U . -3.98 -27.95 12.72
PB GTP U . -3.54 -26.63 13.46
O1B GTP U . -4.56 -25.58 13.40
O2B GTP U . -3.04 -26.94 14.78
O3A GTP U . -2.25 -26.16 12.67
PA GTP U . -2.29 -25.79 11.10
O1A GTP U . -3.69 -25.51 10.54
O2A GTP U . -1.40 -26.66 10.37
O5' GTP U . -1.44 -24.44 11.09
C5' GTP U . -1.90 -23.12 11.46
C4' GTP U . -1.93 -22.25 10.21
O4' GTP U . -0.56 -22.04 9.75
C3' GTP U . -2.59 -22.84 8.98
O3' GTP U . -3.93 -22.58 8.99
C2' GTP U . -1.87 -22.04 7.83
O2' GTP U . -2.49 -20.85 7.43
C1' GTP U . -0.56 -21.58 8.41
N9 GTP U . 0.59 -22.13 7.77
C8 GTP U . 1.67 -21.35 7.47
N7 GTP U . 2.62 -22.11 6.93
C5 GTP U . 2.22 -23.37 6.94
C6 GTP U . 2.81 -24.62 6.48
O6 GTP U . 4.03 -24.72 6.04
N1 GTP U . 2.00 -25.69 6.67
C2 GTP U . 0.77 -25.66 7.19
N2 GTP U . 0.09 -26.81 7.33
N3 GTP U . 0.21 -24.54 7.66
C4 GTP U . 0.86 -23.40 7.51
C2 HF7 V . -4.99 -0.38 -15.75
O2A HF7 V . -9.77 0.19 -21.38
PA HF7 V . -10.66 -0.72 -20.69
O1A HF7 V . -10.24 -2.14 -20.57
O3A HF7 V . -12.12 -0.89 -21.26
PB HF7 V . -12.84 -0.19 -22.54
O1B HF7 V . -14.23 -0.16 -22.22
O2B HF7 V . -12.32 1.08 -22.86
O3B HF7 V . -12.40 -1.15 -23.75
PG HF7 V . -13.31 -2.24 -24.53
O3G HF7 V . -12.69 -2.23 -25.83
O2G HF7 V . -13.03 -3.59 -23.94
O1G HF7 V . -14.73 -1.89 -24.75
O5' HF7 V . -10.94 -0.05 -19.22
C5' HF7 V . -11.63 -0.80 -18.21
C4' HF7 V . -11.15 -0.29 -16.86
C3' HF7 V . -11.43 1.19 -16.68
O3' HF7 V . -11.80 1.42 -15.28
C2' HF7 V . -10.16 1.90 -17.05
C1' HF7 V . -9.05 0.93 -16.60
O4' HF7 V . -9.70 -0.43 -16.76
N9 HF7 V . -7.89 0.73 -17.43
C4 HF7 V . -6.71 0.30 -16.93
C5 HF7 V . -5.82 0.22 -18.06
N7 HF7 V . -6.55 0.62 -19.19
C8 HF7 V . -7.79 0.90 -18.77
N3 HF7 V . -6.25 0.04 -15.74
CL2 HF7 V . -4.38 -0.81 -14.47
N1 HF7 V . -4.15 -0.50 -16.74
C6 HF7 V . -4.55 -0.27 -17.91
N6 HF7 V . -3.61 -0.39 -18.95
MG MG W . -15.92 -0.78 -23.35
C2 HF7 X . 19.55 -12.30 -7.99
O2A HF7 X . 12.55 -17.95 -9.92
PA HF7 X . 13.45 -17.92 -11.09
O1A HF7 X . 14.13 -19.16 -10.77
O3A HF7 X . 12.38 -18.01 -12.37
PB HF7 X . 12.95 -17.89 -13.89
O1B HF7 X . 11.92 -18.64 -14.68
O2B HF7 X . 14.34 -18.41 -14.21
O3B HF7 X . 12.87 -16.21 -13.98
PG HF7 X . 12.33 -15.56 -15.37
O3G HF7 X . 13.48 -15.68 -16.32
O2G HF7 X . 11.27 -16.32 -16.09
O1G HF7 X . 11.97 -14.16 -15.09
O5' HF7 X . 14.27 -16.45 -11.14
C5' HF7 X . 13.48 -15.26 -10.97
C4' HF7 X . 13.56 -14.93 -9.46
C3' HF7 X . 13.22 -13.51 -9.16
O3' HF7 X . 12.71 -13.42 -7.80
C2' HF7 X . 14.49 -12.76 -9.31
C1' HF7 X . 15.55 -13.75 -8.89
O4' HF7 X . 14.93 -15.08 -9.01
N9 HF7 X . 16.72 -13.72 -9.74
C4 HF7 X . 17.85 -13.29 -9.26
C5 HF7 X . 18.73 -13.42 -10.35
N7 HF7 X . 18.00 -14.01 -11.47
C8 HF7 X . 16.77 -14.15 -11.03
N3 HF7 X . 18.24 -12.74 -8.13
CL2 HF7 X . 19.86 -11.59 -6.64
N1 HF7 X . 20.44 -12.44 -8.97
C6 HF7 X . 20.04 -13.02 -10.15
N6 HF7 X . 20.91 -13.22 -11.35
MG MG Y . 10.64 -18.27 -16.18
#